data_5NOL
#
_entry.id   5NOL
#
_cell.length_a   1
_cell.length_b   1
_cell.length_c   1
_cell.angle_alpha   90
_cell.angle_beta   90
_cell.angle_gamma   90
#
_symmetry.space_group_name_H-M   'P 1'
#
loop_
_entity.id
_entity.type
_entity.pdbx_description
1 polymer 'Cardiac muscle alpha actin 1'
2 polymer 'cardiac alpha tropomyosin'
3 non-polymer "ADENOSINE-5'-DIPHOSPHATE"
4 non-polymer 'MAGNESIUM ION'
#
loop_
_entity_poly.entity_id
_entity_poly.type
_entity_poly.pdbx_seq_one_letter_code
_entity_poly.pdbx_strand_id
1 'polypeptide(L)'
;TTALVCDNGSGLVKAGFAGDDAPRAVFPSIVGRPRHQGVMVGMGQKDSYVGDEAQSKRGILTLKYPIEHGIITNWDDMEK
IWHHTFYNELRVAPEEHPTLLTEAPLNPKANREKMTQIMFETFNVPAMYVAIQAVLSLYASGRTTGIVLDSGDGVTHNVP
IYEGYALPHAIMRLDLAGRDLTDYLMKILTERGYSFVTTAEREIVRDIKEKLCYVALDFENEMATAASSSSLEKSYELPD
GQVITIGNERFRCPETLFQPSFIGMESAGIHETTYNSIMKCDIDIRKDLYANNVLSGGTTMYPGIADRMQKEITALAPST
MKIKIIAPPERKYSVWIGGSILASLSTFQQMWISKQEYDEAGPSIVH
;
A,B,C,D,E
2 'polypeptide(L)'
;(UNK)(UNK)(UNK)(UNK)(UNK)(UNK)(UNK)(UNK)(UNK)(UNK)(UNK)(UNK)(UNK)(UNK)(UNK)(UNK)
(UNK)(UNK)(UNK)(UNK)(UNK)(UNK)(UNK)(UNK)(UNK)(UNK)(UNK)(UNK)(UNK)(UNK)(UNK)(UNK)
(UNK)(UNK)(UNK)(UNK)(UNK)(UNK)(UNK)(UNK)(UNK)(UNK)(UNK)(UNK)(UNK)(UNK)(UNK)(UNK)
(UNK)(UNK)(UNK)(UNK)(UNK)(UNK)(UNK)(UNK)(UNK)(UNK)(UNK)(UNK)(UNK)(UNK)(UNK)(UNK)
(UNK)(UNK)(UNK)(UNK)(UNK)(UNK)(UNK)(UNK)(UNK)(UNK)(UNK)(UNK)(UNK)(UNK)(UNK)(UNK)
(UNK)(UNK)(UNK)(UNK)(UNK)(UNK)(UNK)(UNK)(UNK)(UNK)(UNK)(UNK)(UNK)(UNK)(UNK)(UNK)
(UNK)(UNK)(UNK)(UNK)(UNK)(UNK)(UNK)(UNK)(UNK)(UNK)(UNK)(UNK)(UNK)(UNK)(UNK)(UNK)
(UNK)(UNK)(UNK)(UNK)(UNK)(UNK)(UNK)(UNK)(UNK)(UNK)(UNK)(UNK)(UNK)(UNK)(UNK)(UNK)
(UNK)(UNK)(UNK)(UNK)(UNK)(UNK)(UNK)
;
F,G
#
loop_
_chem_comp.id
_chem_comp.type
_chem_comp.name
_chem_comp.formula
ADP non-polymer ADENOSINE-5'-DIPHOSPHATE 'C10 H15 N5 O10 P2'
MG non-polymer 'MAGNESIUM ION' 'Mg 2'
#
# COMPACT_ATOMS: atom_id res chain seq x y z
N THR A 1 37.29 -9.65 50.59
CA THR A 1 37.22 -10.83 49.72
C THR A 1 37.90 -10.77 48.37
N THR A 2 37.79 -9.64 47.67
CA THR A 2 38.31 -9.39 46.34
C THR A 2 38.05 -10.44 45.27
N ALA A 3 39.00 -10.64 44.33
CA ALA A 3 38.88 -11.75 43.39
C ALA A 3 40.20 -12.03 42.71
N LEU A 4 40.35 -13.27 42.21
CA LEU A 4 41.55 -13.68 41.45
C LEU A 4 41.17 -13.67 39.97
N VAL A 5 42.03 -13.10 39.15
CA VAL A 5 41.80 -13.15 37.70
C VAL A 5 42.95 -14.00 37.16
N CYS A 6 42.65 -15.09 36.50
CA CYS A 6 43.63 -16.02 35.94
C CYS A 6 43.41 -16.12 34.41
N ASP A 7 44.36 -15.57 33.65
CA ASP A 7 44.40 -15.66 32.20
C ASP A 7 45.28 -16.81 31.77
N ASN A 8 44.62 -17.95 31.45
CA ASN A 8 45.26 -19.18 31.05
C ASN A 8 45.28 -19.26 29.50
N GLY A 9 46.31 -18.74 28.87
CA GLY A 9 46.44 -18.94 27.40
C GLY A 9 47.61 -19.89 27.25
N SER A 10 47.77 -20.48 26.09
CA SER A 10 48.94 -21.31 25.83
C SER A 10 50.12 -20.34 25.88
N GLY A 11 51.26 -20.79 26.36
CA GLY A 11 52.51 -20.00 26.42
C GLY A 11 52.75 -19.11 27.63
N LEU A 12 51.78 -18.43 28.20
CA LEU A 12 51.88 -17.59 29.35
C LEU A 12 50.64 -17.63 30.24
N VAL A 13 50.87 -17.78 31.58
CA VAL A 13 49.75 -17.65 32.53
C VAL A 13 49.88 -16.24 33.10
N LYS A 14 48.87 -15.39 33.04
CA LYS A 14 48.87 -14.09 33.66
C LYS A 14 47.90 -14.16 34.81
N ALA A 15 48.34 -14.03 36.07
CA ALA A 15 47.39 -14.13 37.17
C ALA A 15 47.65 -13.05 38.22
N GLY A 16 46.62 -12.74 38.97
CA GLY A 16 46.71 -11.72 39.97
C GLY A 16 45.36 -11.35 40.52
N PHE A 17 45.40 -10.46 41.51
CA PHE A 17 44.22 -9.97 42.15
C PHE A 17 43.45 -9.00 41.28
N ALA A 18 42.16 -9.07 41.38
CA ALA A 18 41.27 -8.11 40.69
C ALA A 18 41.36 -6.71 41.24
N GLY A 19 40.97 -5.74 40.43
CA GLY A 19 41.05 -4.32 40.83
C GLY A 19 42.47 -3.73 40.71
N ASP A 20 43.45 -4.41 40.15
CA ASP A 20 44.81 -4.01 40.01
C ASP A 20 45.17 -3.74 38.53
N ASP A 21 46.23 -2.99 38.29
CA ASP A 21 46.56 -2.51 36.94
C ASP A 21 47.28 -3.53 36.05
N ALA A 22 48.01 -4.47 36.63
CA ALA A 22 48.71 -5.52 35.89
C ALA A 22 48.66 -6.81 36.71
N PRO A 23 48.93 -7.91 36.04
CA PRO A 23 49.05 -9.22 36.73
C PRO A 23 50.41 -9.21 37.46
N ARG A 24 50.42 -9.74 38.67
CA ARG A 24 51.68 -9.99 39.40
C ARG A 24 52.48 -11.19 38.90
N ALA A 25 51.89 -12.34 38.85
CA ALA A 25 52.61 -13.53 38.37
C ALA A 25 52.42 -13.72 36.89
N VAL A 26 53.49 -13.65 36.08
CA VAL A 26 53.43 -13.84 34.64
C VAL A 26 54.51 -14.85 34.33
N PHE A 27 54.15 -16.08 34.06
CA PHE A 27 55.21 -17.04 33.72
C PHE A 27 54.72 -17.99 32.68
N PRO A 28 55.65 -18.76 32.03
CA PRO A 28 55.26 -19.63 30.95
C PRO A 28 54.46 -20.84 31.40
N SER A 29 53.48 -21.35 30.67
CA SER A 29 52.75 -22.58 30.98
C SER A 29 53.55 -23.76 30.46
N ILE A 30 54.58 -24.13 31.20
CA ILE A 30 55.39 -25.27 30.82
C ILE A 30 55.57 -26.16 32.06
N VAL A 31 55.63 -27.43 31.76
CA VAL A 31 55.85 -28.49 32.76
C VAL A 31 57.11 -29.23 32.29
N GLY A 32 58.25 -28.84 32.81
CA GLY A 32 59.53 -29.47 32.52
C GLY A 32 59.71 -30.81 33.19
N ARG A 33 60.19 -31.82 32.46
CA ARG A 33 60.50 -33.15 33.07
C ARG A 33 61.92 -33.50 32.62
N PRO A 34 62.75 -34.05 33.51
CA PRO A 34 64.14 -34.28 33.13
C PRO A 34 64.25 -35.28 31.98
N ARG A 35 65.15 -34.99 31.02
CA ARG A 35 65.21 -35.82 29.79
C ARG A 35 66.14 -36.96 30.16
N HIS A 36 67.31 -36.54 30.69
CA HIS A 36 68.27 -37.58 31.12
C HIS A 36 68.13 -37.93 32.61
N GLN A 37 68.09 -39.26 32.87
CA GLN A 37 67.95 -39.71 34.26
C GLN A 37 69.30 -39.37 34.96
N GLY A 38 69.22 -38.59 36.04
CA GLY A 38 70.36 -38.00 36.70
C GLY A 38 70.89 -38.77 37.92
N VAL A 39 72.16 -39.11 37.89
CA VAL A 39 72.81 -39.84 39.00
C VAL A 39 73.58 -38.84 39.85
N MET A 40 72.90 -38.35 40.89
CA MET A 40 73.50 -37.67 42.06
C MET A 40 72.72 -38.11 43.30
N VAL A 41 73.12 -37.68 44.49
CA VAL A 41 72.32 -37.85 45.71
C VAL A 41 72.22 -36.49 46.36
N GLY A 42 71.02 -36.00 46.71
CA GLY A 42 70.86 -34.58 47.01
C GLY A 42 70.22 -33.70 45.98
N MET A 43 70.72 -33.78 44.73
CA MET A 43 70.10 -33.06 43.64
C MET A 43 68.58 -33.03 43.77
N GLY A 44 67.88 -32.04 43.27
CA GLY A 44 66.40 -32.08 43.14
C GLY A 44 65.69 -32.87 44.22
N GLN A 45 65.13 -34.06 44.00
CA GLN A 45 65.13 -34.92 42.80
C GLN A 45 64.17 -34.38 41.69
N LYS A 46 63.16 -33.65 42.11
CA LYS A 46 62.31 -32.78 41.35
C LYS A 46 61.71 -33.32 40.05
N ASP A 47 60.88 -34.35 40.27
CA ASP A 47 60.40 -35.16 39.11
C ASP A 47 59.71 -34.26 38.11
N SER A 48 59.11 -33.16 38.59
CA SER A 48 58.43 -32.22 37.73
C SER A 48 58.90 -30.80 38.06
N TYR A 49 59.13 -30.02 37.01
CA TYR A 49 59.46 -28.63 37.09
C TYR A 49 58.33 -27.87 36.42
N VAL A 50 58.04 -26.68 36.88
CA VAL A 50 56.92 -25.87 36.35
C VAL A 50 57.19 -24.38 36.22
N GLY A 51 56.73 -23.80 35.08
CA GLY A 51 56.84 -22.34 34.89
C GLY A 51 58.22 -21.79 34.68
N ASP A 52 58.50 -20.64 35.25
CA ASP A 52 59.79 -19.96 35.10
C ASP A 52 60.98 -20.83 35.55
N GLU A 53 60.78 -21.61 36.59
CA GLU A 53 61.71 -22.63 37.08
C GLU A 53 62.09 -23.59 35.97
N ALA A 54 61.19 -24.12 35.17
CA ALA A 54 61.48 -24.95 34.03
C ALA A 54 62.30 -24.20 32.97
N GLN A 55 62.07 -22.91 32.85
CA GLN A 55 62.83 -22.04 32.00
C GLN A 55 64.31 -21.87 32.44
N SER A 56 64.53 -21.89 33.75
CA SER A 56 65.87 -21.85 34.30
C SER A 56 66.71 -23.08 33.86
N LYS A 57 66.10 -24.22 33.77
CA LYS A 57 66.76 -25.47 33.41
C LYS A 57 66.15 -26.15 32.14
N ARG A 58 66.27 -25.53 31.01
CA ARG A 58 65.80 -26.05 29.75
C ARG A 58 66.71 -27.18 29.22
N GLY A 59 68.01 -27.12 29.38
CA GLY A 59 68.90 -28.05 28.74
C GLY A 59 68.83 -29.47 29.39
N ILE A 60 68.32 -29.56 30.58
CA ILE A 60 68.04 -30.85 31.20
C ILE A 60 66.65 -31.27 30.79
N LEU A 61 65.66 -30.35 30.78
CA LEU A 61 64.27 -30.68 30.76
C LEU A 61 63.69 -30.74 29.36
N THR A 62 62.68 -31.59 29.22
CA THR A 62 61.80 -31.69 28.06
C THR A 62 60.62 -30.77 28.38
N LEU A 63 60.46 -29.68 27.66
CA LEU A 63 59.37 -28.78 27.97
C LEU A 63 58.10 -29.24 27.30
N LYS A 64 56.98 -29.05 28.00
CA LYS A 64 55.73 -29.58 27.49
C LYS A 64 54.65 -28.58 27.78
N TYR A 65 54.20 -27.83 26.77
CA TYR A 65 52.99 -27.02 26.90
C TYR A 65 51.74 -27.89 27.20
N PRO A 66 51.08 -27.70 28.36
CA PRO A 66 49.89 -28.48 28.65
C PRO A 66 48.71 -28.05 27.86
N ILE A 67 48.77 -26.89 27.15
CA ILE A 67 47.57 -26.35 26.49
C ILE A 67 47.94 -26.00 25.04
N GLU A 68 47.23 -26.56 24.08
CA GLU A 68 47.48 -26.46 22.66
C GLU A 68 46.35 -25.97 21.79
N HIS A 69 46.49 -24.78 21.21
CA HIS A 69 45.45 -24.13 20.47
C HIS A 69 44.23 -23.91 21.36
N GLY A 70 44.41 -23.47 22.58
CA GLY A 70 43.31 -23.16 23.49
C GLY A 70 42.71 -24.38 24.19
N ILE A 71 42.79 -25.57 23.62
CA ILE A 71 42.27 -26.83 24.10
C ILE A 71 43.27 -27.36 25.15
N ILE A 72 42.78 -27.92 26.25
CA ILE A 72 43.67 -28.49 27.29
C ILE A 72 44.01 -29.92 26.88
N THR A 73 45.30 -30.22 26.68
CA THR A 73 45.73 -31.48 26.10
C THR A 73 46.00 -32.49 27.25
N ASN A 74 46.62 -32.03 28.34
CA ASN A 74 47.06 -32.86 29.44
C ASN A 74 46.64 -32.13 30.75
N TRP A 75 45.76 -32.75 31.49
CA TRP A 75 44.98 -32.17 32.54
C TRP A 75 45.78 -32.05 33.83
N ASP A 76 46.46 -33.12 34.23
CA ASP A 76 47.28 -33.08 35.39
C ASP A 76 48.45 -32.15 35.30
N ASP A 77 48.96 -31.79 34.12
CA ASP A 77 49.95 -30.78 33.92
C ASP A 77 49.40 -29.36 34.17
N MET A 78 48.32 -28.96 33.48
CA MET A 78 47.50 -27.89 33.85
C MET A 78 47.32 -27.71 35.34
N GLU A 79 46.82 -28.72 36.00
CA GLU A 79 46.59 -28.72 37.46
C GLU A 79 47.85 -28.34 38.19
N LYS A 80 49.03 -28.86 37.82
CA LYS A 80 50.29 -28.49 38.36
C LYS A 80 50.62 -26.99 38.24
N ILE A 81 50.48 -26.46 37.04
CA ILE A 81 50.63 -25.03 36.83
C ILE A 81 49.67 -24.21 37.67
N TRP A 82 48.41 -24.62 37.82
CA TRP A 82 47.51 -23.84 38.66
C TRP A 82 47.97 -23.89 40.12
N HIS A 83 48.25 -25.10 40.61
CA HIS A 83 48.68 -25.29 41.99
C HIS A 83 49.96 -24.50 42.27
N HIS A 84 50.87 -24.48 41.33
CA HIS A 84 52.08 -23.66 41.49
C HIS A 84 51.73 -22.18 41.43
N THR A 85 50.81 -21.79 40.61
CA THR A 85 50.40 -20.41 40.44
C THR A 85 49.79 -19.83 41.73
N PHE A 86 48.96 -20.56 42.39
CA PHE A 86 48.28 -20.20 43.59
C PHE A 86 49.16 -20.13 44.83
N TYR A 87 49.88 -21.20 45.14
CA TYR A 87 50.62 -21.29 46.38
C TYR A 87 52.06 -20.73 46.34
N ASN A 88 52.75 -20.80 45.21
CA ASN A 88 54.07 -20.36 45.02
C ASN A 88 54.28 -18.98 44.41
N GLU A 89 53.23 -18.28 43.93
CA GLU A 89 53.34 -16.96 43.37
C GLU A 89 52.36 -15.92 43.97
N LEU A 90 51.09 -16.31 44.00
CA LEU A 90 50.06 -15.45 44.55
C LEU A 90 49.85 -15.64 46.07
N ARG A 91 50.28 -16.76 46.58
CA ARG A 91 50.38 -17.08 47.98
C ARG A 91 49.06 -17.16 48.72
N VAL A 92 48.12 -17.84 48.10
CA VAL A 92 46.71 -17.65 48.45
C VAL A 92 45.91 -18.95 48.45
N ALA A 93 45.06 -19.13 49.47
CA ALA A 93 44.14 -20.24 49.51
C ALA A 93 42.98 -19.83 48.63
N PRO A 94 42.66 -20.60 47.60
CA PRO A 94 41.54 -20.33 46.72
C PRO A 94 40.16 -20.31 47.33
N GLU A 95 39.99 -20.83 48.50
CA GLU A 95 38.79 -20.83 49.30
C GLU A 95 38.42 -19.48 49.92
N GLU A 96 39.32 -18.49 49.83
CA GLU A 96 39.12 -17.14 50.24
C GLU A 96 38.67 -16.20 49.13
N HIS A 97 38.64 -16.64 47.89
CA HIS A 97 38.44 -15.73 46.74
C HIS A 97 37.64 -16.36 45.57
N PRO A 98 36.64 -15.67 45.04
CA PRO A 98 36.07 -16.08 43.76
C PRO A 98 37.15 -15.91 42.69
N THR A 99 37.09 -16.72 41.65
CA THR A 99 38.17 -16.76 40.66
C THR A 99 37.56 -16.71 39.27
N LEU A 100 37.97 -15.73 38.48
CA LEU A 100 37.55 -15.51 37.11
C LEU A 100 38.61 -16.12 36.18
N LEU A 101 38.21 -17.11 35.35
CA LEU A 101 39.07 -17.75 34.42
C LEU A 101 38.70 -17.38 33.01
N THR A 102 39.64 -17.66 32.12
CA THR A 102 39.55 -17.18 30.71
C THR A 102 39.58 -18.39 29.76
N GLU A 103 39.11 -18.17 28.55
CA GLU A 103 39.17 -19.22 27.50
C GLU A 103 38.86 -18.61 26.19
N ALA A 104 39.36 -19.25 25.14
CA ALA A 104 39.07 -18.81 23.76
C ALA A 104 37.65 -19.08 23.35
N PRO A 105 37.04 -18.26 22.44
CA PRO A 105 35.73 -18.61 21.93
C PRO A 105 35.70 -19.86 21.04
N LEU A 106 34.54 -20.45 20.82
CA LEU A 106 34.36 -21.57 19.87
C LEU A 106 35.12 -22.85 20.24
N ASN A 107 35.32 -23.07 21.54
CA ASN A 107 36.35 -23.97 22.12
C ASN A 107 35.55 -25.13 22.66
N PRO A 108 36.05 -26.41 22.53
CA PRO A 108 35.29 -27.56 22.95
C PRO A 108 34.75 -27.55 24.38
N LYS A 109 33.57 -28.12 24.61
CA LYS A 109 32.79 -27.98 25.85
C LYS A 109 33.62 -28.64 26.97
N ALA A 110 34.41 -29.64 26.63
CA ALA A 110 35.28 -30.25 27.62
C ALA A 110 36.15 -29.31 28.41
N ASN A 111 36.57 -28.16 27.89
CA ASN A 111 37.45 -27.27 28.56
C ASN A 111 36.71 -26.50 29.68
N ARG A 112 35.50 -26.03 29.42
CA ARG A 112 34.72 -25.34 30.45
C ARG A 112 34.38 -26.32 31.60
N GLU A 113 33.86 -27.48 31.24
CA GLU A 113 33.24 -28.40 32.17
C GLU A 113 34.29 -29.08 33.06
N LYS A 114 35.42 -29.44 32.50
CA LYS A 114 36.55 -30.02 33.27
C LYS A 114 37.25 -28.96 34.08
N MET A 115 37.47 -27.77 33.50
CA MET A 115 38.08 -26.66 34.18
C MET A 115 37.35 -26.34 35.52
N THR A 116 36.02 -26.14 35.36
CA THR A 116 35.14 -25.81 36.46
C THR A 116 35.14 -26.90 37.53
N GLN A 117 35.25 -28.14 37.09
CA GLN A 117 35.28 -29.31 37.96
C GLN A 117 36.56 -29.38 38.80
N ILE A 118 37.66 -29.04 38.18
CA ILE A 118 38.93 -28.87 38.82
C ILE A 118 38.96 -27.75 39.86
N MET A 119 38.42 -26.58 39.53
CA MET A 119 38.42 -25.49 40.40
C MET A 119 37.54 -25.66 41.63
N PHE A 120 36.39 -26.30 41.49
CA PHE A 120 35.53 -26.55 42.62
C PHE A 120 36.02 -27.75 43.49
N GLU A 121 36.29 -28.89 42.85
CA GLU A 121 36.66 -30.10 43.54
C GLU A 121 38.11 -30.12 44.07
N THR A 122 39.07 -29.74 43.28
CA THR A 122 40.49 -29.98 43.60
C THR A 122 41.08 -28.78 44.44
N PHE A 123 40.97 -27.60 43.91
CA PHE A 123 41.12 -26.36 44.69
C PHE A 123 39.65 -26.30 45.12
N ASN A 124 39.34 -25.58 46.19
CA ASN A 124 37.93 -25.33 46.55
C ASN A 124 37.71 -23.83 46.42
N VAL A 125 36.70 -23.45 45.62
CA VAL A 125 36.55 -22.01 45.24
C VAL A 125 35.11 -21.63 45.60
N PRO A 126 34.86 -20.46 46.24
CA PRO A 126 33.53 -20.15 46.68
C PRO A 126 32.65 -19.86 45.47
N ALA A 127 33.24 -19.33 44.44
CA ALA A 127 32.54 -19.12 43.17
C ALA A 127 33.56 -18.79 42.07
N MET A 128 33.16 -19.04 40.82
CA MET A 128 34.03 -18.74 39.69
C MET A 128 33.21 -18.45 38.45
N TYR A 129 33.91 -18.05 37.37
CA TYR A 129 33.31 -17.65 36.12
C TYR A 129 34.33 -17.91 35.01
N VAL A 130 33.90 -18.32 33.79
CA VAL A 130 34.80 -18.47 32.69
C VAL A 130 34.28 -17.59 31.55
N ALA A 131 35.17 -16.72 31.05
CA ALA A 131 34.70 -15.62 30.16
C ALA A 131 35.38 -15.82 28.80
N ILE A 132 34.82 -15.25 27.77
CA ILE A 132 35.41 -15.15 26.43
C ILE A 132 36.49 -14.06 26.38
N GLN A 133 37.70 -14.38 25.90
CA GLN A 133 38.81 -13.49 25.90
C GLN A 133 38.57 -12.11 25.28
N ALA A 134 37.93 -12.07 24.12
CA ALA A 134 37.84 -10.85 23.33
C ALA A 134 36.99 -9.79 24.04
N VAL A 135 35.96 -10.19 24.71
CA VAL A 135 35.10 -9.32 25.53
C VAL A 135 35.90 -8.67 26.67
N LEU A 136 36.80 -9.41 27.31
CA LEU A 136 37.69 -8.91 28.31
C LEU A 136 38.65 -7.84 27.73
N SER A 137 39.27 -8.10 26.62
CA SER A 137 40.04 -7.14 25.88
C SER A 137 39.27 -5.88 25.53
N LEU A 138 38.05 -6.01 25.08
CA LEU A 138 37.17 -4.90 24.81
C LEU A 138 36.82 -4.05 26.02
N TYR A 139 36.63 -4.60 27.22
CA TYR A 139 36.54 -3.84 28.44
C TYR A 139 37.81 -3.07 28.82
N ALA A 140 38.95 -3.71 28.62
CA ALA A 140 40.25 -3.11 28.79
C ALA A 140 40.43 -1.87 27.87
N SER A 141 39.84 -1.87 26.73
CA SER A 141 39.99 -0.72 25.79
C SER A 141 39.25 0.51 26.31
N GLY A 142 38.20 0.21 27.12
CA GLY A 142 37.30 1.24 27.64
C GLY A 142 36.13 1.56 26.71
N ARG A 143 35.69 0.58 25.96
CA ARG A 143 34.79 0.76 24.82
C ARG A 143 33.76 -0.38 24.76
N THR A 144 32.62 -0.09 24.14
CA THR A 144 31.51 -1.01 24.09
C THR A 144 31.29 -1.64 22.73
N THR A 145 31.88 -1.10 21.69
CA THR A 145 31.67 -1.44 20.31
C THR A 145 33.03 -1.62 19.61
N GLY A 146 33.14 -2.72 18.84
CA GLY A 146 34.38 -2.94 18.13
C GLY A 146 34.58 -4.38 17.70
N ILE A 147 35.50 -4.64 16.83
CA ILE A 147 35.74 -6.03 16.41
C ILE A 147 37.13 -6.34 16.93
N VAL A 148 37.20 -7.32 17.81
CA VAL A 148 38.49 -7.66 18.45
C VAL A 148 39.27 -8.68 17.72
N LEU A 149 40.56 -8.46 17.38
CA LEU A 149 41.43 -9.50 16.90
C LEU A 149 42.36 -9.86 18.04
N ASP A 150 42.19 -11.08 18.62
CA ASP A 150 43.07 -11.51 19.73
C ASP A 150 43.95 -12.62 19.28
N SER A 151 45.22 -12.37 19.09
CA SER A 151 46.22 -13.38 18.68
C SER A 151 47.20 -13.69 19.84
N GLY A 152 47.11 -14.87 20.40
CA GLY A 152 47.90 -15.35 21.48
C GLY A 152 48.85 -16.38 20.93
N ASP A 153 49.25 -17.34 21.73
CA ASP A 153 50.22 -18.31 21.24
C ASP A 153 49.45 -19.43 20.59
N GLY A 154 48.32 -19.81 21.17
CA GLY A 154 47.60 -20.96 20.57
C GLY A 154 46.72 -20.58 19.37
N VAL A 155 46.08 -19.42 19.43
CA VAL A 155 44.90 -19.21 18.59
C VAL A 155 44.70 -17.72 18.36
N THR A 156 44.04 -17.37 17.26
CA THR A 156 43.72 -16.04 16.84
C THR A 156 42.18 -15.99 16.67
N HIS A 157 41.55 -14.94 17.21
CA HIS A 157 40.11 -14.75 17.07
C HIS A 157 39.74 -13.44 16.42
N ASN A 158 38.59 -13.45 15.83
CA ASN A 158 37.91 -12.23 15.56
C ASN A 158 36.61 -12.37 16.26
N VAL A 159 36.24 -11.42 17.15
CA VAL A 159 34.91 -11.32 17.74
C VAL A 159 34.32 -9.90 17.56
N PRO A 160 33.38 -9.75 16.62
CA PRO A 160 32.65 -8.48 16.50
C PRO A 160 31.66 -8.28 17.60
N ILE A 161 31.58 -7.09 18.15
CA ILE A 161 30.73 -6.77 19.29
C ILE A 161 30.05 -5.41 18.99
N TYR A 162 28.71 -5.32 19.06
CA TYR A 162 28.04 -4.09 18.75
C TYR A 162 27.26 -3.57 19.92
N GLU A 163 27.61 -2.40 20.48
CA GLU A 163 26.86 -1.72 21.55
C GLU A 163 26.60 -2.73 22.69
N GLY A 164 27.66 -3.30 23.28
CA GLY A 164 27.49 -4.49 24.13
C GLY A 164 27.21 -5.64 23.18
N TYR A 165 26.16 -6.41 23.55
CA TYR A 165 25.78 -7.55 22.69
C TYR A 165 26.98 -8.28 22.10
N ALA A 166 26.70 -9.08 21.08
CA ALA A 166 27.72 -9.86 20.42
C ALA A 166 27.13 -10.40 19.11
N LEU A 167 27.94 -11.03 18.23
CA LEU A 167 27.37 -11.67 17.04
C LEU A 167 28.05 -13.02 16.94
N PRO A 168 27.50 -14.06 17.55
CA PRO A 168 28.12 -15.37 17.49
C PRO A 168 28.31 -15.97 16.14
N HIS A 169 27.42 -15.72 15.17
CA HIS A 169 27.58 -16.24 13.83
C HIS A 169 28.68 -15.59 12.98
N ALA A 170 29.33 -14.53 13.40
CA ALA A 170 30.45 -13.86 12.80
C ALA A 170 31.81 -14.07 13.55
N ILE A 171 31.76 -14.80 14.64
CA ILE A 171 32.96 -15.11 15.40
C ILE A 171 33.81 -16.13 14.58
N MET A 172 35.12 -15.86 14.48
CA MET A 172 35.92 -16.66 13.57
C MET A 172 37.21 -16.89 14.30
N ARG A 173 37.55 -18.16 14.46
CA ARG A 173 38.78 -18.55 15.08
C ARG A 173 39.64 -19.13 14.01
N LEU A 174 40.93 -19.09 14.28
CA LEU A 174 41.93 -19.43 13.29
C LEU A 174 43.13 -19.98 14.09
N ASP A 175 43.67 -21.15 13.88
CA ASP A 175 44.94 -21.61 14.53
C ASP A 175 46.17 -21.11 13.77
N LEU A 176 46.48 -19.84 13.99
CA LEU A 176 47.78 -19.27 13.71
C LEU A 176 48.19 -18.35 14.81
N ALA A 177 49.39 -18.43 15.33
CA ALA A 177 49.75 -17.86 16.58
C ALA A 177 51.22 -18.10 16.83
N GLY A 178 51.69 -17.48 17.91
CA GLY A 178 53.12 -17.53 18.32
C GLY A 178 53.77 -18.90 18.23
N ARG A 179 53.01 -19.95 18.51
CA ARG A 179 53.53 -21.30 18.43
C ARG A 179 53.74 -21.75 17.00
N ASP A 180 52.80 -21.45 16.11
CA ASP A 180 52.97 -21.78 14.67
C ASP A 180 54.05 -20.95 14.05
N LEU A 181 54.15 -19.68 14.42
CA LEU A 181 55.14 -18.77 13.88
C LEU A 181 56.53 -19.10 14.38
N THR A 182 56.69 -19.61 15.56
CA THR A 182 57.94 -20.06 16.07
C THR A 182 58.44 -21.27 15.33
N ASP A 183 57.60 -22.27 15.07
CA ASP A 183 57.95 -23.43 14.29
C ASP A 183 58.24 -23.04 12.84
N TYR A 184 57.44 -22.21 12.24
CA TYR A 184 57.78 -21.68 10.93
C TYR A 184 59.09 -20.93 10.88
N LEU A 185 59.44 -20.20 11.91
CA LEU A 185 60.75 -19.53 12.01
C LEU A 185 61.86 -20.57 12.26
N MET A 186 61.61 -21.67 12.94
CA MET A 186 62.51 -22.80 12.94
C MET A 186 62.97 -23.28 11.55
N LYS A 187 62.05 -23.79 10.75
CA LYS A 187 62.35 -24.34 9.47
C LYS A 187 62.85 -23.31 8.47
N ILE A 188 62.39 -22.07 8.52
CA ILE A 188 63.01 -21.02 7.69
C ILE A 188 64.42 -20.64 8.15
N LEU A 189 64.62 -20.57 9.42
CA LEU A 189 65.92 -20.43 10.06
C LEU A 189 66.97 -21.46 9.70
N THR A 190 66.58 -22.69 9.52
CA THR A 190 67.47 -23.77 9.19
C THR A 190 68.10 -23.60 7.82
N GLU A 191 67.55 -22.76 6.89
CA GLU A 191 68.16 -22.48 5.62
C GLU A 191 69.43 -21.68 5.72
N ARG A 192 69.72 -20.97 6.82
CA ARG A 192 71.07 -20.37 7.03
C ARG A 192 72.06 -21.35 7.60
N GLY A 193 71.60 -22.48 8.13
CA GLY A 193 72.47 -23.52 8.66
C GLY A 193 72.31 -23.73 10.17
N TYR A 194 71.45 -22.97 10.78
CA TYR A 194 71.25 -22.89 12.20
C TYR A 194 70.20 -23.96 12.49
N SER A 195 70.56 -25.02 13.20
CA SER A 195 69.67 -26.16 13.40
C SER A 195 69.16 -26.21 14.84
N PHE A 196 67.86 -25.87 15.02
CA PHE A 196 67.21 -25.91 16.32
C PHE A 196 66.15 -26.98 16.29
N VAL A 197 66.47 -28.15 16.87
CA VAL A 197 65.65 -29.35 16.77
C VAL A 197 64.72 -29.51 18.02
N THR A 198 65.19 -29.03 19.20
CA THR A 198 64.67 -29.48 20.53
C THR A 198 63.65 -28.44 21.11
N THR A 199 62.86 -28.87 22.07
CA THR A 199 61.89 -28.07 22.72
C THR A 199 62.53 -26.84 23.37
N ALA A 200 63.62 -27.04 24.09
CA ALA A 200 64.40 -26.00 24.68
C ALA A 200 64.88 -24.90 23.73
N GLU A 201 65.44 -25.29 22.59
CA GLU A 201 65.78 -24.42 21.50
C GLU A 201 64.58 -23.70 20.91
N ARG A 202 63.40 -24.31 20.87
CA ARG A 202 62.19 -23.65 20.42
C ARG A 202 61.95 -22.34 21.20
N GLU A 203 62.13 -22.42 22.50
CA GLU A 203 62.04 -21.24 23.37
C GLU A 203 63.11 -20.19 23.10
N ILE A 204 64.31 -20.58 22.66
CA ILE A 204 65.30 -19.67 22.15
C ILE A 204 64.75 -18.97 20.87
N VAL A 205 64.21 -19.72 19.94
CA VAL A 205 63.74 -19.07 18.73
C VAL A 205 62.48 -18.25 18.95
N ARG A 206 61.70 -18.58 19.93
CA ARG A 206 60.63 -17.70 20.45
C ARG A 206 61.27 -16.39 20.90
N ASP A 207 62.38 -16.44 21.65
CA ASP A 207 63.03 -15.21 22.02
C ASP A 207 63.50 -14.42 20.81
N ILE A 208 63.99 -15.06 19.79
CA ILE A 208 64.49 -14.33 18.60
C ILE A 208 63.33 -13.60 17.95
N LYS A 209 62.24 -14.31 17.77
CA LYS A 209 60.99 -13.81 17.23
C LYS A 209 60.51 -12.54 17.97
N GLU A 210 60.50 -12.63 19.29
CA GLU A 210 59.98 -11.58 20.15
C GLU A 210 60.82 -10.30 20.01
N LYS A 211 62.15 -10.41 20.00
CA LYS A 211 62.97 -9.23 19.82
C LYS A 211 63.03 -8.71 18.37
N LEU A 212 63.55 -9.56 17.48
CA LEU A 212 63.96 -9.12 16.14
C LEU A 212 62.87 -9.00 15.07
N CYS A 213 61.91 -9.90 15.02
CA CYS A 213 60.98 -9.99 13.86
C CYS A 213 60.03 -8.82 13.80
N TYR A 214 59.76 -8.28 12.65
CA TYR A 214 58.82 -7.18 12.45
C TYR A 214 57.96 -7.54 11.23
N VAL A 215 56.81 -6.85 11.11
CA VAL A 215 55.89 -7.02 10.00
C VAL A 215 56.11 -5.87 9.00
N ALA A 216 56.47 -6.33 7.81
CA ALA A 216 56.74 -5.43 6.69
C ALA A 216 55.47 -4.75 6.22
N LEU A 217 55.56 -3.52 5.73
CA LEU A 217 54.40 -2.81 5.25
C LEU A 217 54.01 -3.50 3.92
N ASP A 218 54.98 -3.51 3.02
CA ASP A 218 54.88 -4.25 1.80
C ASP A 218 55.94 -5.38 1.82
N PHE A 219 55.55 -6.61 1.53
CA PHE A 219 56.50 -7.73 1.52
C PHE A 219 57.64 -7.52 0.51
N GLU A 220 57.33 -6.94 -0.63
CA GLU A 220 58.30 -6.76 -1.72
C GLU A 220 59.50 -5.91 -1.31
N ASN A 221 59.26 -4.88 -0.50
CA ASN A 221 60.34 -4.06 0.04
C ASN A 221 61.28 -4.90 0.91
N GLU A 222 60.68 -5.80 1.70
CA GLU A 222 61.46 -6.71 2.53
C GLU A 222 62.30 -7.61 1.65
N MET A 223 61.73 -8.06 0.53
CA MET A 223 62.46 -8.87 -0.43
C MET A 223 63.66 -8.11 -1.00
N ALA A 224 63.45 -6.82 -1.29
CA ALA A 224 64.53 -5.95 -1.78
C ALA A 224 65.64 -5.80 -0.74
N THR A 225 65.26 -5.68 0.52
CA THR A 225 66.23 -5.61 1.60
C THR A 225 67.03 -6.91 1.67
N ALA A 226 66.34 -8.03 1.48
CA ALA A 226 67.00 -9.33 1.49
C ALA A 226 68.02 -9.36 0.36
N ALA A 227 67.63 -8.80 -0.77
CA ALA A 227 68.51 -8.70 -1.93
C ALA A 227 69.79 -7.87 -1.69
N SER A 228 69.68 -6.72 -1.03
CA SER A 228 70.89 -5.95 -0.70
C SER A 228 71.02 -5.81 0.80
N SER A 229 72.11 -6.29 1.41
CA SER A 229 71.97 -6.58 2.85
C SER A 229 72.57 -5.47 3.71
N SER A 230 71.70 -4.68 4.35
CA SER A 230 72.06 -3.45 4.97
C SER A 230 71.48 -3.39 6.35
N SER A 231 70.29 -2.78 6.57
CA SER A 231 69.73 -2.84 7.94
C SER A 231 68.97 -4.12 8.25
N LEU A 232 68.58 -4.92 7.27
CA LEU A 232 67.70 -6.04 7.48
C LEU A 232 68.39 -7.15 8.23
N GLU A 233 69.62 -7.49 7.95
CA GLU A 233 70.37 -8.45 8.78
C GLU A 233 70.79 -7.94 10.12
N LYS A 234 70.36 -8.60 11.21
CA LYS A 234 70.70 -8.10 12.55
C LYS A 234 71.41 -9.23 13.25
N SER A 235 72.32 -8.84 14.16
CA SER A 235 73.00 -9.91 14.95
C SER A 235 72.21 -10.26 16.21
N TYR A 236 71.99 -11.56 16.48
CA TYR A 236 71.44 -11.92 17.77
C TYR A 236 72.36 -12.90 18.42
N GLU A 237 72.49 -12.81 19.76
CA GLU A 237 73.35 -13.67 20.51
C GLU A 237 72.62 -14.80 21.20
N LEU A 238 72.96 -16.06 21.00
CA LEU A 238 72.43 -17.16 21.79
C LEU A 238 72.94 -17.17 23.21
N PRO A 239 72.29 -17.89 24.15
CA PRO A 239 72.83 -18.13 25.47
C PRO A 239 74.20 -18.79 25.52
N ASP A 240 74.51 -19.65 24.53
CA ASP A 240 75.81 -20.30 24.36
C ASP A 240 76.96 -19.26 24.19
N GLY A 241 76.74 -18.24 23.41
CA GLY A 241 77.78 -17.33 22.94
C GLY A 241 77.91 -17.26 21.42
N GLN A 242 77.20 -18.07 20.65
CA GLN A 242 77.26 -18.02 19.22
C GLN A 242 76.44 -16.83 18.73
N VAL A 243 76.76 -16.38 17.51
CA VAL A 243 76.15 -15.24 16.85
C VAL A 243 75.34 -15.74 15.64
N ILE A 244 74.05 -15.38 15.62
CA ILE A 244 73.15 -15.75 14.53
C ILE A 244 72.98 -14.45 13.78
N THR A 245 73.00 -14.42 12.47
CA THR A 245 72.65 -13.27 11.66
C THR A 245 71.44 -13.66 10.79
N ILE A 246 70.36 -12.91 10.89
CA ILE A 246 69.09 -13.17 10.24
C ILE A 246 68.59 -11.99 9.45
N GLY A 247 68.38 -12.20 8.13
CA GLY A 247 68.02 -11.08 7.25
C GLY A 247 66.56 -10.93 6.87
N ASN A 248 66.13 -11.58 5.81
CA ASN A 248 64.75 -11.71 5.43
C ASN A 248 63.90 -12.59 6.38
N GLU A 249 64.52 -13.54 7.05
CA GLU A 249 63.83 -14.37 8.02
C GLU A 249 63.21 -13.56 9.17
N ARG A 250 63.78 -12.40 9.44
CA ARG A 250 63.25 -11.45 10.42
C ARG A 250 61.79 -11.07 10.11
N PHE A 251 61.52 -10.73 8.85
CA PHE A 251 60.16 -10.26 8.48
C PHE A 251 59.25 -11.28 7.78
N ARG A 252 59.81 -12.28 7.10
CA ARG A 252 59.01 -13.36 6.55
C ARG A 252 58.54 -14.35 7.58
N CYS A 253 59.04 -14.39 8.81
CA CYS A 253 58.34 -15.13 9.89
C CYS A 253 56.90 -14.61 10.14
N PRO A 254 56.64 -13.37 10.57
CA PRO A 254 55.31 -12.89 10.82
C PRO A 254 54.44 -12.63 9.59
N GLU A 255 55.06 -12.59 8.40
CA GLU A 255 54.27 -12.52 7.15
C GLU A 255 53.28 -13.68 7.07
N THR A 256 53.53 -14.81 7.73
CA THR A 256 52.63 -15.95 7.83
C THR A 256 51.23 -15.59 8.29
N LEU A 257 51.03 -14.61 9.18
CA LEU A 257 49.72 -14.14 9.60
C LEU A 257 48.90 -13.62 8.45
N PHE A 258 49.56 -12.96 7.49
CA PHE A 258 48.85 -12.42 6.30
C PHE A 258 48.82 -13.46 5.22
N GLN A 259 49.81 -14.37 5.14
CA GLN A 259 49.86 -15.39 4.10
C GLN A 259 50.01 -16.75 4.80
N PRO A 260 48.93 -17.37 5.29
CA PRO A 260 49.04 -18.69 5.89
C PRO A 260 49.42 -19.82 4.92
N SER A 261 49.47 -19.59 3.63
CA SER A 261 50.02 -20.45 2.61
C SER A 261 51.51 -20.77 2.84
N PHE A 262 52.25 -20.04 3.65
CA PHE A 262 53.58 -20.37 4.06
C PHE A 262 53.69 -21.62 4.95
N ILE A 263 52.72 -21.86 5.79
CA ILE A 263 52.52 -23.09 6.61
C ILE A 263 51.75 -24.16 5.88
N GLY A 264 51.29 -23.93 4.67
CA GLY A 264 50.40 -24.84 3.98
C GLY A 264 48.98 -24.88 4.46
N MET A 265 48.46 -23.77 4.99
CA MET A 265 47.04 -23.67 5.32
C MET A 265 46.27 -22.89 4.30
N GLU A 266 45.00 -23.32 4.04
CA GLU A 266 44.22 -22.59 3.05
C GLU A 266 43.49 -21.34 3.68
N SER A 267 43.41 -21.36 4.99
CA SER A 267 42.81 -20.24 5.70
C SER A 267 43.35 -18.88 5.25
N ALA A 268 42.45 -17.98 4.96
CA ALA A 268 42.84 -16.64 4.55
C ALA A 268 43.54 -15.88 5.70
N GLY A 269 44.44 -14.97 5.31
CA GLY A 269 45.25 -14.22 6.31
C GLY A 269 44.36 -13.50 7.30
N ILE A 270 44.90 -12.96 8.37
CA ILE A 270 44.20 -12.26 9.42
C ILE A 270 43.43 -11.01 9.00
N HIS A 271 43.80 -10.40 7.90
CA HIS A 271 43.15 -9.30 7.29
C HIS A 271 41.86 -9.67 6.53
N GLU A 272 41.89 -10.78 5.83
CA GLU A 272 40.69 -11.34 5.23
C GLU A 272 39.77 -12.02 6.17
N THR A 273 40.22 -12.50 7.31
CA THR A 273 39.34 -12.98 8.37
C THR A 273 38.66 -11.84 9.09
N THR A 274 39.34 -10.78 9.48
CA THR A 274 38.73 -9.60 10.03
C THR A 274 37.73 -8.96 9.08
N TYR A 275 38.07 -8.81 7.81
CA TYR A 275 37.17 -8.28 6.78
C TYR A 275 35.97 -9.24 6.58
N ASN A 276 36.25 -10.53 6.52
CA ASN A 276 35.20 -11.52 6.39
C ASN A 276 34.24 -11.51 7.55
N SER A 277 34.75 -11.31 8.77
CA SER A 277 33.98 -11.17 9.97
C SER A 277 33.06 -9.95 9.90
N ILE A 278 33.56 -8.82 9.48
CA ILE A 278 32.80 -7.64 9.15
C ILE A 278 31.73 -7.90 8.12
N MET A 279 31.98 -8.69 7.09
CA MET A 279 30.96 -9.04 6.12
C MET A 279 29.79 -9.80 6.64
N LYS A 280 30.07 -10.78 7.51
CA LYS A 280 28.94 -11.56 8.02
C LYS A 280 28.06 -10.71 8.94
N CYS A 281 28.41 -9.55 9.38
CA CYS A 281 27.60 -8.73 10.27
C CYS A 281 26.60 -7.88 9.45
N ASP A 282 25.47 -7.55 10.07
CA ASP A 282 24.43 -6.76 9.52
C ASP A 282 24.95 -5.45 8.90
N ILE A 283 24.38 -5.09 7.77
CA ILE A 283 24.84 -3.95 7.01
C ILE A 283 24.93 -2.69 7.83
N ASP A 284 24.02 -2.46 8.76
CA ASP A 284 24.02 -1.26 9.64
C ASP A 284 25.33 -1.01 10.42
N ILE A 285 25.96 -2.03 11.00
CA ILE A 285 26.93 -1.84 12.02
C ILE A 285 28.37 -1.86 11.50
N ARG A 286 28.57 -2.21 10.21
CA ARG A 286 29.90 -2.44 9.70
C ARG A 286 30.85 -1.24 9.80
N LYS A 287 30.27 -0.07 9.61
CA LYS A 287 31.03 1.16 9.68
C LYS A 287 31.71 1.33 11.07
N ASP A 288 30.89 0.96 12.12
CA ASP A 288 31.47 1.13 13.44
C ASP A 288 32.63 0.13 13.62
N LEU A 289 32.41 -1.14 13.14
CA LEU A 289 33.37 -2.18 13.35
C LEU A 289 34.68 -1.84 12.66
N TYR A 290 34.53 -1.32 11.46
CA TYR A 290 35.71 -0.84 10.66
C TYR A 290 36.39 0.28 11.41
N ALA A 291 35.70 1.19 12.05
CA ALA A 291 36.35 2.28 12.73
C ALA A 291 37.07 1.84 13.99
N ASN A 292 36.45 0.86 14.63
CA ASN A 292 36.79 0.49 15.97
C ASN A 292 37.51 -0.84 16.20
N ASN A 293 38.26 -1.37 15.24
CA ASN A 293 38.91 -2.69 15.33
C ASN A 293 40.10 -2.81 16.31
N VAL A 294 40.06 -3.64 17.31
CA VAL A 294 40.89 -3.59 18.50
C VAL A 294 41.88 -4.76 18.37
N LEU A 295 43.06 -4.64 18.90
CA LEU A 295 44.07 -5.67 18.92
C LEU A 295 44.46 -6.09 20.32
N SER A 296 44.69 -7.41 20.48
CA SER A 296 45.10 -7.90 21.82
C SER A 296 46.03 -9.10 21.66
N GLY A 297 46.90 -9.31 22.65
CA GLY A 297 47.63 -10.54 22.73
C GLY A 297 49.08 -10.41 22.37
N GLY A 298 49.84 -11.40 22.68
CA GLY A 298 51.31 -11.41 22.39
C GLY A 298 51.67 -11.40 20.92
N THR A 299 50.92 -12.05 20.06
CA THR A 299 51.19 -12.15 18.62
C THR A 299 50.64 -10.94 17.88
N THR A 300 50.12 -9.91 18.57
CA THR A 300 49.92 -8.58 18.00
C THR A 300 51.10 -7.61 18.27
N MET A 301 52.10 -8.04 19.03
CA MET A 301 53.20 -7.22 19.43
C MET A 301 54.23 -6.90 18.38
N TYR A 302 54.17 -7.56 17.20
CA TYR A 302 55.26 -7.33 16.22
C TYR A 302 55.24 -5.90 15.66
N PRO A 303 56.35 -5.17 15.78
CA PRO A 303 56.32 -3.79 15.25
C PRO A 303 55.87 -3.89 13.81
N GLY A 304 55.01 -2.99 13.40
CA GLY A 304 54.58 -2.95 12.01
C GLY A 304 53.30 -3.72 11.71
N ILE A 305 52.64 -4.29 12.74
CA ILE A 305 51.39 -4.99 12.50
C ILE A 305 50.22 -4.07 12.15
N ALA A 306 49.99 -3.05 12.98
CA ALA A 306 48.91 -2.15 12.83
C ALA A 306 48.90 -1.42 11.46
N ASP A 307 50.06 -1.06 10.95
CA ASP A 307 50.17 -0.34 9.72
C ASP A 307 49.85 -1.24 8.52
N ARG A 308 50.37 -2.45 8.58
CA ARG A 308 50.00 -3.38 7.52
C ARG A 308 48.50 -3.72 7.52
N MET A 309 47.94 -3.86 8.69
CA MET A 309 46.50 -4.00 8.85
C MET A 309 45.71 -2.82 8.15
N GLN A 310 46.17 -1.63 8.34
CA GLN A 310 45.52 -0.43 7.92
C GLN A 310 45.86 -0.11 6.44
N LYS A 311 46.82 -0.78 5.85
CA LYS A 311 46.92 -1.01 4.48
C LYS A 311 45.92 -2.05 3.97
N GLU A 312 45.93 -3.28 4.47
CA GLU A 312 45.30 -4.39 3.85
C GLU A 312 43.77 -4.38 3.95
N ILE A 313 43.27 -4.02 5.12
CA ILE A 313 41.85 -3.83 5.31
C ILE A 313 41.32 -2.63 4.50
N THR A 314 42.13 -1.60 4.36
CA THR A 314 41.77 -0.49 3.51
C THR A 314 41.76 -0.86 2.02
N ALA A 315 42.49 -1.88 1.60
CA ALA A 315 42.40 -2.35 0.25
C ALA A 315 41.24 -3.30 0.02
N LEU A 316 40.86 -4.16 0.95
CA LEU A 316 39.62 -4.87 0.89
C LEU A 316 38.34 -4.08 0.96
N ALA A 317 38.13 -3.28 1.96
CA ALA A 317 36.93 -2.47 2.16
C ALA A 317 36.70 -1.32 1.23
N PRO A 318 35.46 -0.81 1.15
CA PRO A 318 35.17 0.32 0.26
C PRO A 318 35.91 1.54 0.73
N SER A 319 36.61 2.25 -0.18
CA SER A 319 37.47 3.33 0.21
C SER A 319 36.79 4.50 0.96
N THR A 320 35.52 4.70 0.78
CA THR A 320 34.78 5.86 1.23
C THR A 320 34.75 6.02 2.75
N MET A 321 35.19 5.01 3.49
CA MET A 321 34.98 4.99 4.94
C MET A 321 36.25 4.70 5.82
N LYS A 322 36.27 5.35 6.99
CA LYS A 322 37.50 5.48 7.78
C LYS A 322 37.68 4.13 8.50
N ILE A 323 38.84 3.50 8.28
CA ILE A 323 39.26 2.32 9.09
C ILE A 323 40.36 2.70 10.11
N LYS A 324 39.98 3.15 11.29
CA LYS A 324 40.95 3.35 12.39
C LYS A 324 41.19 2.01 13.06
N ILE A 325 42.41 1.66 13.28
CA ILE A 325 42.77 0.45 14.05
C ILE A 325 43.29 0.97 15.38
N ILE A 326 42.76 0.44 16.46
CA ILE A 326 43.21 0.79 17.83
C ILE A 326 44.06 -0.38 18.40
N ALA A 327 45.38 -0.17 18.44
CA ALA A 327 46.26 -1.14 19.13
C ALA A 327 47.02 -0.37 20.21
N PRO A 328 46.50 -0.35 21.44
CA PRO A 328 47.10 0.31 22.56
C PRO A 328 48.36 -0.41 23.03
N PRO A 329 49.42 0.32 23.44
CA PRO A 329 50.51 -0.36 24.19
C PRO A 329 50.06 -1.02 25.47
N GLU A 330 50.78 -2.04 25.95
CA GLU A 330 50.23 -2.87 27.06
C GLU A 330 49.01 -3.67 26.57
N ARG A 331 48.99 -4.00 25.29
CA ARG A 331 47.91 -4.85 24.74
C ARG A 331 48.07 -6.38 25.03
N LYS A 332 49.32 -6.82 25.30
CA LYS A 332 49.53 -8.20 25.69
C LYS A 332 48.75 -8.54 26.97
N TYR A 333 48.54 -7.59 27.85
CA TYR A 333 47.84 -7.80 29.11
C TYR A 333 46.41 -7.26 29.06
N SER A 334 45.87 -6.97 27.87
CA SER A 334 44.51 -6.52 27.66
C SER A 334 43.45 -7.48 28.23
N VAL A 335 43.69 -8.78 28.05
CA VAL A 335 42.68 -9.75 28.50
C VAL A 335 42.67 -9.76 30.05
N TRP A 336 43.83 -9.63 30.65
CA TRP A 336 43.92 -9.72 32.09
C TRP A 336 43.38 -8.44 32.79
N ILE A 337 43.67 -7.27 32.22
CA ILE A 337 43.11 -6.01 32.60
C ILE A 337 41.57 -5.99 32.55
N GLY A 338 41.06 -6.61 31.52
CA GLY A 338 39.61 -6.72 31.29
C GLY A 338 38.98 -7.66 32.28
N GLY A 339 39.72 -8.71 32.67
CA GLY A 339 39.26 -9.63 33.71
C GLY A 339 39.28 -8.85 35.05
N SER A 340 40.27 -8.06 35.30
CA SER A 340 40.33 -7.26 36.50
C SER A 340 39.12 -6.28 36.62
N ILE A 341 39.04 -5.38 35.67
CA ILE A 341 37.95 -4.44 35.58
C ILE A 341 36.59 -5.10 35.66
N LEU A 342 36.36 -6.26 35.04
CA LEU A 342 35.11 -6.96 35.15
C LEU A 342 34.85 -7.48 36.54
N ALA A 343 35.88 -8.01 37.23
CA ALA A 343 35.72 -8.43 38.59
C ALA A 343 35.46 -7.34 39.58
N SER A 344 35.81 -6.07 39.27
CA SER A 344 35.61 -4.95 40.13
C SER A 344 34.18 -4.32 39.97
N LEU A 345 33.52 -4.58 38.81
CA LEU A 345 32.13 -4.19 38.58
C LEU A 345 31.17 -5.01 39.49
N SER A 346 30.34 -4.22 40.17
CA SER A 346 29.34 -4.71 41.07
C SER A 346 28.14 -5.38 40.37
N THR A 347 27.98 -5.04 39.07
CA THR A 347 26.77 -5.53 38.40
C THR A 347 27.01 -6.97 37.88
N PHE A 348 28.28 -7.33 37.79
CA PHE A 348 28.79 -8.64 37.53
C PHE A 348 28.76 -9.60 38.70
N GLN A 349 28.74 -9.15 39.94
CA GLN A 349 28.81 -10.05 41.08
C GLN A 349 27.64 -11.08 41.13
N GLN A 350 26.43 -10.71 40.73
CA GLN A 350 25.35 -11.69 40.56
C GLN A 350 25.77 -12.86 39.61
N MET A 351 26.67 -12.69 38.61
CA MET A 351 26.94 -13.68 37.59
C MET A 351 27.98 -14.72 38.00
N TRP A 352 28.56 -14.65 39.19
CA TRP A 352 29.53 -15.68 39.60
C TRP A 352 28.76 -16.99 39.75
N ILE A 353 29.33 -18.15 39.38
CA ILE A 353 28.65 -19.45 39.53
C ILE A 353 29.10 -19.93 40.96
N SER A 354 28.17 -20.14 41.86
CA SER A 354 28.50 -20.46 43.27
C SER A 354 28.79 -21.93 43.45
N LYS A 355 29.63 -22.24 44.41
CA LYS A 355 30.13 -23.61 44.67
C LYS A 355 28.84 -24.52 44.89
N GLN A 356 27.98 -23.98 45.70
CA GLN A 356 26.67 -24.48 45.93
C GLN A 356 25.83 -24.62 44.69
N GLU A 357 25.70 -23.64 43.83
CA GLU A 357 24.86 -23.71 42.65
C GLU A 357 25.40 -24.70 41.60
N TYR A 358 26.68 -24.90 41.64
CA TYR A 358 27.35 -25.94 40.92
C TYR A 358 27.04 -27.33 41.42
N ASP A 359 27.21 -27.62 42.73
CA ASP A 359 26.93 -28.94 43.17
C ASP A 359 25.50 -29.37 42.92
N GLU A 360 24.50 -28.53 43.13
CA GLU A 360 23.12 -28.82 42.89
C GLU A 360 22.68 -28.82 41.42
N ALA A 361 23.15 -27.87 40.60
CA ALA A 361 22.68 -27.71 39.25
C ALA A 361 23.50 -28.48 38.16
N GLY A 362 24.76 -28.78 38.39
CA GLY A 362 25.46 -29.73 37.58
C GLY A 362 26.70 -29.14 36.97
N PRO A 363 27.27 -29.89 35.99
CA PRO A 363 28.24 -29.25 35.08
C PRO A 363 27.63 -28.50 33.93
N SER A 364 26.37 -28.76 33.57
CA SER A 364 25.69 -28.15 32.47
C SER A 364 25.38 -26.66 32.63
N ILE A 365 25.52 -26.09 33.85
CA ILE A 365 25.23 -24.71 34.10
C ILE A 365 26.38 -23.69 33.98
N VAL A 366 27.53 -24.07 33.46
CA VAL A 366 28.60 -23.17 33.12
C VAL A 366 28.29 -22.28 31.88
N HIS A 367 27.48 -22.83 30.99
CA HIS A 367 27.09 -22.22 29.73
C HIS A 367 25.80 -21.34 29.85
N THR B 1 16.89 -35.39 -33.20
CA THR B 1 17.40 -34.19 -32.54
C THR B 1 17.37 -34.14 -31.03
N THR B 2 16.32 -34.65 -30.39
CA THR B 2 16.08 -34.66 -28.96
C THR B 2 16.31 -33.36 -28.20
N ALA B 3 16.78 -33.44 -26.94
CA ALA B 3 17.18 -32.24 -26.22
C ALA B 3 18.03 -32.57 -25.02
N LEU B 4 18.83 -31.59 -24.58
CA LEU B 4 19.68 -31.73 -23.36
C LEU B 4 18.97 -30.97 -22.25
N VAL B 5 18.89 -31.60 -21.08
CA VAL B 5 18.32 -30.91 -19.91
C VAL B 5 19.50 -30.78 -18.95
N CYS B 6 19.85 -29.58 -18.56
CA CYS B 6 20.97 -29.29 -17.67
C CYS B 6 20.43 -28.54 -16.43
N ASP B 7 20.44 -29.23 -15.28
CA ASP B 7 20.09 -28.66 -14.00
C ASP B 7 21.32 -28.19 -13.26
N ASN B 8 21.58 -26.86 -13.34
CA ASN B 8 22.73 -26.22 -12.76
C ASN B 8 22.33 -25.61 -11.39
N GLY B 9 22.44 -26.38 -10.33
CA GLY B 9 22.23 -25.78 -8.98
C GLY B 9 23.60 -25.73 -8.35
N SER B 10 23.76 -24.99 -7.28
CA SER B 10 25.03 -25.00 -6.55
C SER B 10 25.14 -26.41 -5.99
N GLY B 11 26.35 -26.93 -5.90
CA GLY B 11 26.63 -28.26 -5.33
C GLY B 11 26.54 -29.47 -6.24
N LEU B 12 25.62 -29.59 -7.15
CA LEU B 12 25.45 -30.68 -8.08
C LEU B 12 24.94 -30.24 -9.45
N VAL B 13 25.60 -30.74 -10.52
CA VAL B 13 25.07 -30.51 -11.88
C VAL B 13 24.35 -31.82 -12.24
N LYS B 14 23.08 -31.80 -12.62
CA LYS B 14 22.38 -32.96 -13.09
C LYS B 14 22.13 -32.75 -14.56
N ALA B 15 22.72 -33.56 -15.45
CA ALA B 15 22.51 -33.32 -16.89
C ALA B 15 22.24 -34.64 -17.63
N GLY B 16 21.59 -34.51 -18.75
CA GLY B 16 21.24 -35.67 -19.54
C GLY B 16 20.27 -35.33 -20.63
N PHE B 17 19.98 -36.35 -21.44
CA PHE B 17 19.07 -36.24 -22.53
C PHE B 17 17.63 -36.17 -22.07
N ALA B 18 16.86 -35.38 -22.77
CA ALA B 18 15.41 -35.30 -22.53
C ALA B 18 14.67 -36.55 -22.90
N GLY B 19 13.49 -36.74 -22.30
CA GLY B 19 12.69 -37.95 -22.55
C GLY B 19 13.17 -39.17 -21.74
N ASP B 20 14.11 -39.06 -20.83
CA ASP B 20 14.68 -40.11 -20.05
C ASP B 20 14.28 -39.98 -18.56
N ASP B 21 14.39 -41.06 -17.80
CA ASP B 21 13.85 -41.12 -16.43
C ASP B 21 14.76 -40.49 -15.37
N ALA B 22 16.06 -40.46 -15.59
CA ALA B 22 17.02 -39.85 -14.67
C ALA B 22 18.13 -39.19 -15.48
N PRO B 23 18.86 -38.31 -14.82
CA PRO B 23 20.06 -37.69 -15.44
C PRO B 23 21.17 -38.76 -15.46
N ARG B 24 21.91 -38.82 -16.54
CA ARG B 24 23.13 -39.64 -16.60
C ARG B 24 24.33 -39.08 -15.86
N ALA B 25 24.72 -37.88 -16.17
CA ALA B 25 25.87 -37.28 -15.47
C ALA B 25 25.43 -36.51 -14.26
N VAL B 26 25.83 -36.89 -13.04
CA VAL B 26 25.49 -36.20 -11.81
C VAL B 26 26.79 -36.01 -11.08
N PHE B 27 27.33 -34.81 -11.08
CA PHE B 27 28.58 -34.62 -10.33
C PHE B 27 28.60 -33.27 -9.69
N PRO B 28 29.55 -33.03 -8.74
CA PRO B 28 29.56 -31.79 -8.01
C PRO B 28 30.01 -30.61 -8.85
N SER B 29 29.50 -29.40 -8.70
CA SER B 29 29.97 -28.19 -9.38
C SER B 29 31.14 -27.62 -8.61
N ILE B 30 32.30 -28.24 -8.80
CA ILE B 30 33.50 -27.76 -8.16
C ILE B 30 34.60 -27.66 -9.21
N VAL B 31 35.45 -26.68 -8.98
CA VAL B 31 36.62 -26.41 -9.81
C VAL B 31 37.82 -26.44 -8.86
N GLY B 32 38.45 -27.60 -8.75
CA GLY B 32 39.64 -27.79 -7.93
C GLY B 32 40.89 -27.17 -8.52
N ARG B 33 41.67 -26.47 -7.70
CA ARG B 33 42.98 -25.92 -8.16
C ARG B 33 44.02 -26.35 -7.13
N PRO B 34 45.22 -26.76 -7.54
CA PRO B 34 46.17 -27.28 -6.57
C PRO B 34 46.60 -26.21 -5.56
N ARG B 35 46.68 -26.60 -4.27
CA ARG B 35 46.91 -25.61 -3.20
C ARG B 35 48.43 -25.47 -3.17
N HIS B 36 49.06 -26.66 -3.06
CA HIS B 36 50.55 -26.63 -3.05
C HIS B 36 51.15 -26.83 -4.44
N GLN B 37 52.12 -25.94 -4.77
CA GLN B 37 52.77 -26.03 -6.08
C GLN B 37 53.63 -27.33 -6.05
N GLY B 38 53.36 -28.24 -6.99
CA GLY B 38 53.91 -29.57 -7.01
C GLY B 38 55.15 -29.78 -7.88
N VAL B 39 56.21 -30.27 -7.27
CA VAL B 39 57.48 -30.54 -7.99
C VAL B 39 57.56 -32.01 -8.32
N MET B 40 57.09 -32.35 -9.54
CA MET B 40 57.37 -33.60 -10.24
C MET B 40 57.55 -33.27 -11.73
N VAL B 41 57.87 -34.25 -12.56
CA VAL B 41 57.84 -34.08 -14.03
C VAL B 41 57.02 -35.25 -14.58
N GLY B 42 56.01 -35.01 -15.41
CA GLY B 42 55.01 -36.04 -15.68
C GLY B 42 53.68 -35.92 -15.02
N MET B 43 53.67 -35.72 -13.68
CA MET B 43 52.43 -35.49 -12.98
C MET B 43 51.46 -34.64 -13.81
N GLY B 44 50.16 -34.76 -13.63
CA GLY B 44 49.19 -33.81 -14.22
C GLY B 44 49.59 -33.21 -15.55
N GLN B 45 49.99 -31.94 -15.69
CA GLN B 45 50.21 -30.90 -14.67
C GLN B 45 48.87 -30.32 -14.10
N LYS B 46 47.83 -30.39 -14.92
CA LYS B 46 46.44 -30.24 -14.60
C LYS B 46 46.03 -29.03 -13.77
N ASP B 47 46.26 -27.86 -14.40
CA ASP B 47 46.15 -26.59 -13.66
C ASP B 47 44.77 -26.46 -13.04
N SER B 48 43.77 -27.07 -13.68
CA SER B 48 42.41 -27.04 -13.20
C SER B 48 41.84 -28.45 -13.18
N TYR B 49 41.13 -28.78 -12.11
CA TYR B 49 40.41 -30.00 -11.95
C TYR B 49 38.94 -29.65 -11.84
N VAL B 50 38.06 -30.49 -12.33
CA VAL B 50 36.61 -30.22 -12.34
C VAL B 50 35.72 -31.40 -12.01
N GLY B 51 34.68 -31.14 -11.20
CA GLY B 51 33.67 -32.18 -10.90
C GLY B 51 34.13 -33.33 -10.03
N ASP B 52 33.69 -34.54 -10.34
CA ASP B 52 34.02 -35.72 -9.57
C ASP B 52 35.54 -35.97 -9.46
N GLU B 53 36.27 -35.66 -10.51
CA GLU B 53 37.73 -35.66 -10.56
C GLU B 53 38.30 -34.79 -9.44
N ALA B 54 37.84 -33.59 -9.20
CA ALA B 54 38.25 -32.74 -8.10
C ALA B 54 37.95 -33.39 -6.74
N GLN B 55 36.88 -34.14 -6.68
CA GLN B 55 36.50 -34.92 -5.51
C GLN B 55 37.49 -36.07 -5.21
N SER B 56 38.05 -36.66 -6.25
CA SER B 56 39.07 -37.68 -6.11
C SER B 56 40.33 -37.15 -5.40
N LYS B 57 40.69 -35.93 -5.67
CA LYS B 57 41.88 -35.28 -5.11
C LYS B 57 41.56 -33.98 -4.31
N ARG B 58 40.87 -34.09 -3.23
CA ARG B 58 40.54 -32.98 -2.37
C ARG B 58 41.76 -32.51 -1.53
N GLY B 59 42.61 -33.38 -1.06
CA GLY B 59 43.64 -33.01 -0.13
C GLY B 59 44.77 -32.19 -0.80
N ILE B 60 44.86 -32.24 -2.11
CA ILE B 60 45.76 -31.37 -2.85
C ILE B 60 45.01 -30.10 -3.17
N LEU B 61 43.74 -30.17 -3.57
CA LEU B 61 43.04 -29.10 -4.23
C LEU B 61 42.27 -28.21 -3.27
N THR B 62 42.16 -26.94 -3.67
CA THR B 62 41.30 -25.93 -3.06
C THR B 62 39.99 -26.02 -3.85
N LEU B 63 38.92 -26.45 -3.23
CA LEU B 63 37.67 -26.55 -3.96
C LEU B 63 36.96 -25.23 -3.99
N LYS B 64 36.31 -24.96 -5.12
CA LYS B 64 35.69 -23.66 -5.29
C LYS B 64 34.38 -23.84 -5.99
N TYR B 65 33.26 -23.76 -5.27
CA TYR B 65 31.95 -23.66 -5.91
C TYR B 65 31.81 -22.40 -6.81
N PRO B 66 31.62 -22.56 -8.13
CA PRO B 66 31.46 -21.40 -8.98
C PRO B 66 30.15 -20.72 -8.82
N ILE B 67 29.17 -21.35 -8.11
CA ILE B 67 27.81 -20.78 -8.06
C ILE B 67 27.37 -20.73 -6.59
N GLU B 68 27.00 -19.56 -6.10
CA GLU B 68 26.65 -19.27 -4.72
C GLU B 68 25.31 -18.65 -4.46
N HIS B 69 24.40 -19.38 -3.81
CA HIS B 69 23.05 -18.96 -3.63
C HIS B 69 22.37 -18.72 -4.95
N GLY B 70 22.56 -19.57 -5.93
CA GLY B 70 21.90 -19.47 -7.24
C GLY B 70 22.57 -18.49 -8.19
N ILE B 71 23.26 -17.48 -7.73
CA ILE B 71 23.94 -16.44 -8.46
C ILE B 71 25.29 -17.02 -8.94
N ILE B 72 25.69 -16.71 -10.18
CA ILE B 72 26.98 -17.21 -10.71
C ILE B 72 28.07 -16.23 -10.27
N THR B 73 29.06 -16.71 -9.49
CA THR B 73 30.03 -15.86 -8.85
C THR B 73 31.26 -15.70 -9.79
N ASN B 74 31.68 -16.79 -10.43
CA ASN B 74 32.88 -16.85 -11.26
C ASN B 74 32.50 -17.61 -12.56
N TRP B 75 32.58 -16.90 -13.66
CA TRP B 75 31.99 -17.23 -14.93
C TRP B 75 32.82 -18.26 -15.68
N ASP B 76 34.13 -18.03 -15.77
CA ASP B 76 34.99 -18.97 -16.41
C ASP B 76 35.09 -20.29 -15.73
N ASP B 77 34.81 -20.43 -14.43
CA ASP B 77 34.69 -21.67 -13.73
C ASP B 77 33.43 -22.47 -14.12
N MET B 78 32.24 -21.87 -14.01
CA MET B 78 31.07 -22.28 -14.65
C MET B 78 31.29 -22.84 -16.05
N GLU B 79 31.85 -22.06 -16.92
CA GLU B 79 32.17 -22.44 -18.31
C GLU B 79 32.94 -23.73 -18.35
N LYS B 80 33.96 -23.92 -17.49
CA LYS B 80 34.69 -25.12 -17.36
C LYS B 80 33.84 -26.35 -17.02
N ILE B 81 33.01 -26.23 -15.99
CA ILE B 81 32.06 -27.27 -15.66
C ILE B 81 31.12 -27.60 -16.80
N TRP B 82 30.62 -26.61 -17.56
CA TRP B 82 29.75 -26.93 -18.67
C TRP B 82 30.53 -27.70 -19.75
N HIS B 83 31.70 -27.16 -20.11
CA HIS B 83 32.54 -27.79 -21.14
C HIS B 83 32.92 -29.21 -20.74
N HIS B 84 33.20 -29.43 -19.49
CA HIS B 84 33.48 -30.78 -19.01
C HIS B 84 32.21 -31.63 -19.05
N THR B 85 31.10 -31.07 -18.73
CA THR B 85 29.82 -31.76 -18.69
C THR B 85 29.40 -32.29 -20.10
N PHE B 86 29.57 -31.50 -21.11
CA PHE B 86 29.25 -31.78 -22.46
C PHE B 86 30.15 -32.80 -23.14
N TYR B 87 31.45 -32.58 -23.12
CA TYR B 87 32.38 -33.39 -23.88
C TYR B 87 32.92 -34.64 -23.14
N ASN B 88 33.08 -34.59 -21.83
CA ASN B 88 33.58 -35.63 -21.01
C ASN B 88 32.58 -36.52 -20.30
N GLU B 89 31.26 -36.24 -20.33
CA GLU B 89 30.25 -37.03 -19.71
C GLU B 89 29.07 -37.42 -20.63
N LEU B 90 28.51 -36.41 -21.29
CA LEU B 90 27.42 -36.62 -22.21
C LEU B 90 27.87 -36.90 -23.66
N ARG B 91 29.09 -36.53 -23.97
CA ARG B 91 29.80 -36.86 -25.17
C ARG B 91 29.21 -36.29 -26.45
N VAL B 92 28.88 -35.02 -26.38
CA VAL B 92 27.93 -34.45 -27.34
C VAL B 92 28.32 -33.03 -27.79
N ALA B 93 28.19 -32.77 -29.09
CA ALA B 93 28.37 -31.44 -29.63
C ALA B 93 27.06 -30.73 -29.37
N PRO B 94 27.06 -29.62 -28.65
CA PRO B 94 25.88 -28.83 -28.38
C PRO B 94 25.14 -28.24 -29.56
N GLU B 95 25.75 -28.18 -30.72
CA GLU B 95 25.20 -27.76 -31.98
C GLU B 95 24.21 -28.75 -32.62
N GLU B 96 24.09 -29.96 -32.06
CA GLU B 96 23.16 -30.96 -32.45
C GLU B 96 21.87 -30.97 -31.63
N HIS B 97 21.78 -30.18 -30.57
CA HIS B 97 20.67 -30.31 -29.60
C HIS B 97 20.22 -28.96 -28.99
N PRO B 98 18.93 -28.67 -28.95
CA PRO B 98 18.45 -27.57 -28.11
C PRO B 98 18.71 -27.96 -26.65
N THR B 99 18.92 -26.96 -25.81
CA THR B 99 19.35 -27.21 -24.42
C THR B 99 18.49 -26.38 -23.48
N LEU B 100 17.84 -27.06 -22.53
CA LEU B 100 16.99 -26.47 -21.51
C LEU B 100 17.83 -26.32 -20.24
N LEU B 101 17.99 -25.08 -19.75
CA LEU B 101 18.72 -24.79 -18.57
C LEU B 101 17.79 -24.34 -17.47
N THR B 102 18.33 -24.36 -16.26
CA THR B 102 17.51 -24.15 -15.03
C THR B 102 18.07 -22.96 -14.25
N GLU B 103 17.24 -22.39 -13.39
CA GLU B 103 17.69 -21.30 -12.49
C GLU B 103 16.66 -21.09 -11.45
N ALA B 104 17.11 -20.55 -10.34
CA ALA B 104 16.20 -20.19 -9.22
C ALA B 104 15.33 -19.01 -9.54
N PRO B 105 14.09 -18.91 -8.98
CA PRO B 105 13.31 -17.69 -9.15
C PRO B 105 13.88 -16.47 -8.46
N LEU B 106 13.47 -15.27 -8.84
CA LEU B 106 13.83 -14.01 -8.16
C LEU B 106 15.33 -13.68 -8.19
N ASN B 107 16.01 -14.09 -9.25
CA ASN B 107 17.48 -14.27 -9.33
C ASN B 107 17.93 -13.14 -10.24
N PRO B 108 19.10 -12.49 -9.97
CA PRO B 108 19.52 -11.37 -10.76
C PRO B 108 19.60 -11.56 -12.28
N LYS B 109 19.29 -10.54 -13.06
CA LYS B 109 19.06 -10.62 -14.50
C LYS B 109 20.40 -11.03 -15.14
N ALA B 110 21.51 -10.66 -14.52
CA ALA B 110 22.80 -11.09 -15.02
C ALA B 110 22.96 -12.57 -15.26
N ASN B 111 22.29 -13.45 -14.55
CA ASN B 111 22.45 -14.87 -14.68
C ASN B 111 21.78 -15.38 -15.96
N ARG B 112 20.58 -14.91 -16.28
CA ARG B 112 19.90 -15.31 -17.51
C ARG B 112 20.72 -14.82 -18.74
N GLU B 113 21.06 -13.56 -18.73
CA GLU B 113 21.57 -12.85 -19.88
C GLU B 113 23.00 -13.31 -20.23
N LYS B 114 23.83 -13.52 -19.23
CA LYS B 114 25.20 -14.04 -19.40
C LYS B 114 25.17 -15.52 -19.73
N MET B 115 24.32 -16.29 -19.05
CA MET B 115 24.15 -17.70 -19.29
C MET B 115 23.86 -17.99 -20.81
N THR B 116 22.81 -17.27 -21.28
CA THR B 116 22.34 -17.39 -22.65
C THR B 116 23.41 -17.00 -23.64
N GLN B 117 24.22 -16.00 -23.28
CA GLN B 117 25.30 -15.49 -24.09
C GLN B 117 26.45 -16.50 -24.23
N ILE B 118 26.75 -17.17 -23.15
CA ILE B 118 27.66 -18.28 -23.11
C ILE B 118 27.22 -19.48 -23.95
N MET B 119 25.96 -19.89 -23.86
CA MET B 119 25.46 -20.99 -24.56
C MET B 119 25.38 -20.79 -26.07
N PHE B 120 25.03 -19.60 -26.51
CA PHE B 120 24.99 -19.31 -27.93
C PHE B 120 26.40 -19.05 -28.53
N GLU B 121 27.17 -18.16 -27.90
CA GLU B 121 28.47 -17.75 -28.40
C GLU B 121 29.59 -18.78 -28.19
N THR B 122 29.71 -19.35 -27.02
CA THR B 122 30.90 -20.12 -26.66
C THR B 122 30.72 -21.64 -27.06
N PHE B 123 29.67 -22.25 -26.58
CA PHE B 123 29.15 -23.51 -27.12
C PHE B 123 28.27 -22.83 -28.19
N ASN B 124 27.90 -23.55 -29.24
CA ASN B 124 26.92 -23.02 -30.20
C ASN B 124 25.70 -23.93 -30.12
N VAL B 125 24.52 -23.32 -29.85
CA VAL B 125 23.31 -24.12 -29.51
C VAL B 125 22.22 -23.68 -30.48
N PRO B 126 21.44 -24.60 -31.10
CA PRO B 126 20.50 -24.19 -32.10
C PRO B 126 19.34 -23.45 -31.43
N ALA B 127 19.06 -23.80 -30.21
CA ALA B 127 18.06 -23.09 -29.41
C ALA B 127 18.16 -23.54 -27.94
N MET B 128 17.69 -22.67 -27.04
CA MET B 128 17.71 -22.99 -25.61
C MET B 128 16.59 -22.27 -24.89
N TYR B 129 16.45 -22.57 -23.60
CA TYR B 129 15.40 -22.06 -22.75
C TYR B 129 15.91 -22.07 -21.31
N VAL B 130 15.54 -21.09 -20.46
CA VAL B 130 15.89 -21.12 -19.07
C VAL B 130 14.60 -21.03 -18.26
N ALA B 131 14.42 -22.01 -17.36
CA ALA B 131 13.08 -22.20 -16.74
C ALA B 131 13.26 -21.97 -15.23
N ILE B 132 12.18 -21.68 -14.55
CA ILE B 132 12.08 -21.62 -13.08
C ILE B 132 12.02 -23.03 -12.48
N GLN B 133 12.89 -23.34 -11.50
CA GLN B 133 13.00 -24.64 -10.93
C GLN B 133 11.70 -25.27 -10.43
N ALA B 134 10.90 -24.50 -9.69
CA ALA B 134 9.76 -25.04 -8.98
C ALA B 134 8.68 -25.56 -9.95
N VAL B 135 8.49 -24.90 -11.04
CA VAL B 135 7.58 -25.32 -12.12
C VAL B 135 8.00 -26.67 -12.71
N LEU B 136 9.29 -26.90 -12.90
CA LEU B 136 9.83 -28.14 -13.33
C LEU B 136 9.55 -29.27 -12.32
N SER B 137 9.80 -29.05 -11.06
CA SER B 137 9.41 -29.94 -9.99
C SER B 137 7.92 -30.27 -9.98
N LEU B 138 7.08 -29.28 -10.15
CA LEU B 138 5.66 -29.47 -10.28
C LEU B 138 5.21 -30.31 -11.46
N TYR B 139 5.83 -30.23 -12.63
CA TYR B 139 5.62 -31.15 -13.70
C TYR B 139 6.03 -32.60 -13.40
N ALA B 140 7.16 -32.75 -12.73
CA ALA B 140 7.64 -34.01 -12.24
C ALA B 140 6.63 -34.68 -11.28
N SER B 141 5.89 -33.93 -10.54
CA SER B 141 4.91 -34.50 -9.58
C SER B 141 3.74 -35.14 -10.33
N GLY B 142 3.50 -34.59 -11.55
CA GLY B 142 2.36 -34.98 -12.37
C GLY B 142 1.09 -34.18 -12.09
N ARG B 143 1.25 -32.95 -11.67
CA ARG B 143 0.18 -32.13 -11.08
C ARG B 143 0.28 -30.68 -11.58
N THR B 144 -0.85 -29.99 -11.55
CA THR B 144 -0.95 -28.64 -12.08
C THR B 144 -1.08 -27.57 -11.02
N THR B 145 -1.39 -27.94 -9.79
CA THR B 145 -1.71 -27.08 -8.70
C THR B 145 -0.91 -27.50 -7.44
N GLY B 146 -0.31 -26.50 -6.77
CA GLY B 146 0.44 -26.81 -5.58
C GLY B 146 1.43 -25.75 -5.18
N ILE B 147 1.95 -25.79 -4.00
CA ILE B 147 2.93 -24.78 -3.60
C ILE B 147 4.22 -25.57 -3.41
N VAL B 148 5.21 -25.21 -4.22
CA VAL B 148 6.48 -25.98 -4.20
C VAL B 148 7.48 -25.43 -3.24
N LEU B 149 8.07 -26.23 -2.32
CA LEU B 149 9.22 -25.82 -1.55
C LEU B 149 10.42 -26.53 -2.14
N ASP B 150 11.34 -25.77 -2.80
CA ASP B 150 12.54 -26.37 -3.40
C ASP B 150 13.75 -25.93 -2.64
N SER B 151 14.34 -26.79 -1.87
CA SER B 151 15.57 -26.51 -1.09
C SER B 151 16.79 -27.29 -1.66
N GLY B 152 17.72 -26.58 -2.27
CA GLY B 152 18.88 -27.09 -2.88
C GLY B 152 20.06 -26.71 -2.00
N ASP B 153 21.23 -26.55 -2.58
CA ASP B 153 22.39 -26.26 -1.75
C ASP B 153 22.45 -24.75 -1.59
N GLY B 154 22.15 -24.02 -2.65
CA GLY B 154 22.29 -22.55 -2.52
C GLY B 154 21.10 -21.87 -1.86
N VAL B 155 19.89 -22.35 -2.15
CA VAL B 155 18.72 -21.50 -1.95
C VAL B 155 17.48 -22.37 -1.75
N THR B 156 16.47 -21.85 -1.08
CA THR B 156 15.22 -22.45 -0.79
C THR B 156 14.12 -21.52 -1.35
N HIS B 157 13.15 -22.08 -2.07
CA HIS B 157 12.03 -21.33 -2.61
C HIS B 157 10.68 -21.82 -2.13
N ASN B 158 9.75 -20.92 -2.16
CA ASN B 158 8.39 -21.29 -2.17
C ASN B 158 7.84 -20.66 -3.40
N VAL B 159 7.22 -21.46 -4.31
CA VAL B 159 6.45 -20.96 -5.45
C VAL B 159 5.03 -21.57 -5.49
N PRO B 160 4.03 -20.78 -5.09
CA PRO B 160 2.63 -21.21 -5.26
C PRO B 160 2.19 -21.17 -6.69
N ILE B 161 1.47 -22.19 -7.13
CA ILE B 161 1.05 -22.31 -8.53
C ILE B 161 -0.43 -22.77 -8.50
N TYR B 162 -1.34 -22.08 -9.19
CA TYR B 162 -2.73 -22.46 -9.17
C TYR B 162 -3.25 -22.78 -10.53
N GLU B 163 -3.65 -24.04 -10.80
CA GLU B 163 -4.29 -24.47 -12.05
C GLU B 163 -3.42 -23.99 -13.23
N GLY B 164 -2.15 -24.43 -13.29
CA GLY B 164 -1.18 -23.77 -14.19
C GLY B 164 -0.86 -22.43 -13.54
N TYR B 165 -0.89 -21.40 -14.40
CA TYR B 165 -0.61 -20.04 -13.89
C TYR B 165 0.49 -20.01 -12.85
N ALA B 166 0.55 -18.90 -12.12
CA ALA B 166 1.55 -18.70 -11.10
C ALA B 166 1.14 -17.50 -10.25
N LEU B 167 1.85 -17.21 -9.13
CA LEU B 167 1.55 -15.98 -8.38
C LEU B 167 2.89 -15.38 -8.05
N PRO B 168 3.43 -14.52 -8.91
CA PRO B 168 4.74 -13.91 -8.63
C PRO B 168 4.87 -13.11 -7.39
N HIS B 169 3.81 -12.42 -6.94
CA HIS B 169 3.87 -11.65 -5.71
C HIS B 169 3.89 -12.48 -4.42
N ALA B 170 3.70 -13.76 -4.41
CA ALA B 170 3.79 -14.69 -3.32
C ALA B 170 5.05 -15.62 -3.36
N ILE B 171 5.86 -15.47 -4.39
CA ILE B 171 7.09 -16.22 -4.51
C ILE B 171 8.10 -15.70 -3.45
N MET B 172 8.74 -16.63 -2.72
CA MET B 172 9.54 -16.19 -1.59
C MET B 172 10.76 -17.06 -1.64
N ARG B 173 11.91 -16.42 -1.68
CA ARG B 173 13.17 -17.08 -1.68
C ARG B 173 13.81 -16.79 -0.36
N LEU B 174 14.72 -17.68 0.00
CA LEU B 174 15.30 -17.67 1.32
C LEU B 174 16.71 -18.27 1.14
N ASP B 175 17.82 -17.67 1.53
CA ASP B 175 19.16 -18.33 1.52
C ASP B 175 19.39 -19.15 2.79
N LEU B 176 18.78 -20.33 2.81
CA LEU B 176 19.15 -21.41 3.70
C LEU B 176 19.12 -22.71 2.98
N ALA B 177 20.12 -23.54 3.07
CA ALA B 177 20.34 -24.62 2.17
C ALA B 177 21.55 -25.42 2.62
N GLY B 178 21.76 -26.53 1.93
CA GLY B 178 22.85 -27.49 2.24
C GLY B 178 24.20 -26.84 2.54
N ARG B 179 24.51 -25.74 1.89
CA ARG B 179 25.77 -25.05 2.12
C ARG B 179 25.77 -24.34 3.45
N ASP B 180 24.68 -23.67 3.82
CA ASP B 180 24.58 -23.02 5.14
C ASP B 180 24.52 -24.03 6.25
N LEU B 181 23.83 -25.14 6.03
CA LEU B 181 23.68 -26.19 7.02
C LEU B 181 24.97 -26.96 7.22
N THR B 182 25.79 -27.10 6.22
CA THR B 182 27.07 -27.71 6.34
C THR B 182 28.01 -26.86 7.17
N ASP B 183 28.08 -25.56 6.93
CA ASP B 183 28.86 -24.65 7.73
C ASP B 183 28.34 -24.59 9.17
N TYR B 184 27.06 -24.49 9.37
CA TYR B 184 26.51 -24.60 10.70
C TYR B 184 26.85 -25.89 11.41
N LEU B 185 26.89 -27.01 10.70
CA LEU B 185 27.31 -28.29 11.26
C LEU B 185 28.83 -28.30 11.51
N MET B 186 29.64 -27.59 10.74
CA MET B 186 31.01 -27.32 11.09
C MET B 186 31.22 -26.74 12.51
N LYS B 187 30.72 -25.54 12.75
CA LYS B 187 30.90 -24.86 13.99
C LYS B 187 30.22 -25.55 15.17
N ILE B 188 29.07 -26.18 14.97
CA ILE B 188 28.50 -27.00 16.05
C ILE B 188 29.30 -28.28 16.32
N LEU B 189 29.77 -28.91 15.30
CA LEU B 189 30.72 -30.01 15.36
C LEU B 189 32.01 -29.76 16.12
N THR B 190 32.55 -28.58 16.03
CA THR B 190 33.78 -28.21 16.66
C THR B 190 33.66 -28.22 18.18
N GLU B 191 32.43 -28.16 18.79
CA GLU B 191 32.24 -28.26 20.20
C GLU B 191 32.56 -29.62 20.76
N ARG B 192 32.59 -30.70 19.97
CA ARG B 192 33.12 -32.01 20.44
C ARG B 192 34.62 -32.10 20.36
N GLY B 193 35.27 -31.21 19.60
CA GLY B 193 36.72 -31.15 19.50
C GLY B 193 37.21 -31.46 18.08
N TYR B 194 36.32 -31.72 17.16
CA TYR B 194 36.56 -32.17 15.84
C TYR B 194 36.71 -30.87 15.04
N SER B 195 37.89 -30.58 14.51
CA SER B 195 38.16 -29.31 13.86
C SER B 195 38.30 -29.50 12.34
N PHE B 196 37.28 -29.04 11.60
CA PHE B 196 37.26 -29.08 10.15
C PHE B 196 37.30 -27.67 9.61
N VAL B 197 38.50 -27.23 9.19
CA VAL B 197 38.76 -25.84 8.82
C VAL B 197 38.65 -25.63 7.27
N THR B 198 38.97 -26.67 6.49
CA THR B 198 39.35 -26.52 5.05
C THR B 198 38.15 -26.86 4.11
N THR B 199 38.22 -26.43 2.87
CA THR B 199 37.22 -26.68 1.89
C THR B 199 36.99 -28.18 1.68
N ALA B 200 38.07 -28.93 1.54
CA ALA B 200 38.03 -30.36 1.44
C ALA B 200 37.30 -31.10 2.57
N GLU B 201 37.59 -30.72 3.81
CA GLU B 201 36.88 -31.17 4.99
C GLU B 201 35.42 -30.76 4.99
N ARG B 202 35.05 -29.62 4.44
CA ARG B 202 33.66 -29.21 4.30
C ARG B 202 32.84 -30.30 3.57
N GLU B 203 33.41 -30.81 2.51
CA GLU B 203 32.80 -31.91 1.76
C GLU B 203 32.69 -33.21 2.56
N ILE B 204 33.62 -33.49 3.48
CA ILE B 204 33.47 -34.55 4.46
C ILE B 204 32.24 -34.25 5.35
N VAL B 205 32.12 -33.07 5.89
CA VAL B 205 31.00 -32.81 6.76
C VAL B 205 29.67 -32.74 6.04
N ARG B 206 29.69 -32.39 4.78
CA ARG B 206 28.53 -32.59 3.86
C ARG B 206 28.19 -34.06 3.84
N ASP B 207 29.18 -34.96 3.69
CA ASP B 207 28.87 -36.37 3.75
C ASP B 207 28.25 -36.77 5.07
N ILE B 208 28.71 -36.24 6.18
CA ILE B 208 28.17 -36.63 7.49
C ILE B 208 26.71 -36.24 7.56
N LYS B 209 26.43 -35.01 7.17
CA LYS B 209 25.10 -34.44 7.09
C LYS B 209 24.14 -35.33 6.27
N GLU B 210 24.59 -35.74 5.11
CA GLU B 210 23.79 -36.50 4.16
C GLU B 210 23.41 -37.87 4.74
N LYS B 211 24.35 -38.57 5.37
CA LYS B 211 24.03 -39.84 5.98
C LYS B 211 23.25 -39.73 7.31
N LEU B 212 23.92 -39.10 8.30
CA LEU B 212 23.47 -39.18 9.70
C LEU B 212 22.35 -38.23 10.14
N CYS B 213 22.33 -37.01 9.68
CA CYS B 213 21.42 -35.98 10.27
C CYS B 213 19.98 -36.23 9.93
N TYR B 214 19.08 -36.05 10.86
CA TYR B 214 17.63 -36.21 10.65
C TYR B 214 16.95 -35.00 11.31
N VAL B 215 15.69 -34.76 10.91
CA VAL B 215 14.86 -33.70 11.45
C VAL B 215 13.91 -34.30 12.50
N ALA B 216 14.10 -33.75 13.68
CA ALA B 216 13.32 -34.16 14.84
C ALA B 216 11.86 -33.73 14.71
N LEU B 217 10.92 -34.49 15.26
CA LEU B 217 9.53 -34.14 15.16
C LEU B 217 9.34 -32.93 16.11
N ASP B 218 9.70 -33.19 17.37
CA ASP B 218 9.79 -32.14 18.36
C ASP B 218 11.27 -31.97 18.77
N PHE B 219 11.77 -30.74 18.77
CA PHE B 219 13.16 -30.50 19.16
C PHE B 219 13.47 -30.97 20.60
N GLU B 220 12.50 -30.78 21.50
CA GLU B 220 12.68 -31.10 22.91
C GLU B 220 13.01 -32.57 23.17
N ASN B 221 12.38 -33.46 22.39
CA ASN B 221 12.69 -34.89 22.48
C ASN B 221 14.15 -35.16 22.10
N GLU B 222 14.62 -34.44 21.08
CA GLU B 222 16.01 -34.54 20.66
C GLU B 222 16.92 -34.07 21.78
N MET B 223 16.51 -33.01 22.47
CA MET B 223 17.26 -32.51 23.61
C MET B 223 17.34 -33.56 24.73
N ALA B 224 16.23 -34.26 24.96
CA ALA B 224 16.19 -35.34 25.93
C ALA B 224 17.13 -36.50 25.55
N THR B 225 17.18 -36.81 24.26
CA THR B 225 18.09 -37.83 23.77
C THR B 225 19.53 -37.38 24.02
N ALA B 226 19.80 -36.10 23.79
CA ALA B 226 21.14 -35.57 24.02
C ALA B 226 21.48 -35.74 25.50
N ALA B 227 20.49 -35.51 26.35
CA ALA B 227 20.65 -35.68 27.79
C ALA B 227 20.98 -37.13 28.22
N SER B 228 20.31 -38.12 27.64
CA SER B 228 20.68 -39.51 27.97
C SER B 228 21.13 -40.22 26.72
N SER B 229 22.35 -40.74 26.66
CA SER B 229 22.90 -40.97 25.31
C SER B 229 22.80 -42.45 24.89
N SER B 230 21.87 -42.72 23.97
CA SER B 230 21.44 -44.05 23.65
C SER B 230 21.45 -44.25 22.17
N SER B 231 20.31 -44.06 21.46
CA SER B 231 20.40 -44.18 19.99
C SER B 231 20.89 -42.92 19.28
N LEU B 232 20.88 -41.75 19.92
CA LEU B 232 21.15 -40.51 19.25
C LEU B 232 22.59 -40.38 18.86
N GLU B 233 23.56 -40.77 19.67
CA GLU B 233 24.96 -40.81 19.24
C GLU B 233 25.30 -41.93 18.28
N LYS B 234 25.80 -41.58 17.07
CA LYS B 234 26.08 -42.62 16.08
C LYS B 234 27.55 -42.49 15.73
N SER B 235 28.15 -43.63 15.37
CA SER B 235 29.57 -43.55 14.94
C SER B 235 29.68 -43.28 13.44
N TYR B 236 30.52 -42.31 13.03
CA TYR B 236 30.80 -42.19 11.62
C TYR B 236 32.28 -42.27 11.41
N GLU B 237 32.70 -42.89 10.31
CA GLU B 237 34.10 -43.05 10.00
C GLU B 237 34.62 -42.05 8.99
N LEU B 238 35.64 -41.27 9.26
CA LEU B 238 36.30 -40.44 8.25
C LEU B 238 37.08 -41.25 7.24
N PRO B 239 37.43 -40.69 6.07
CA PRO B 239 38.36 -41.32 5.12
C PRO B 239 39.72 -41.67 5.70
N ASP B 240 40.23 -40.88 6.67
CA ASP B 240 41.47 -41.12 7.39
C ASP B 240 41.45 -42.48 8.14
N GLY B 241 40.37 -42.81 8.78
CA GLY B 241 40.27 -43.91 9.73
C GLY B 241 39.84 -43.49 11.14
N GLN B 242 39.71 -42.21 11.44
CA GLN B 242 39.28 -41.77 12.73
C GLN B 242 37.76 -41.96 12.84
N VAL B 243 37.29 -42.04 14.10
CA VAL B 243 35.90 -42.26 14.45
C VAL B 243 35.34 -40.98 15.11
N ILE B 244 34.25 -40.47 14.54
CA ILE B 244 33.58 -39.28 15.06
C ILE B 244 32.35 -39.84 15.73
N THR B 245 31.93 -39.40 16.89
CA THR B 245 30.66 -39.73 17.50
C THR B 245 29.87 -38.43 17.67
N ILE B 246 28.68 -38.35 17.11
CA ILE B 246 27.83 -37.18 17.08
C ILE B 246 26.44 -37.44 17.61
N GLY B 247 26.05 -36.70 18.67
CA GLY B 247 24.78 -36.97 19.34
C GLY B 247 23.59 -36.08 18.99
N ASN B 248 23.44 -34.98 19.69
CA ASN B 248 22.51 -33.94 19.37
C ASN B 248 22.85 -33.14 18.08
N GLU B 249 24.11 -33.05 17.73
CA GLU B 249 24.54 -32.40 16.51
C GLU B 249 23.93 -33.03 15.24
N ARG B 250 23.58 -34.31 15.34
CA ARG B 250 22.87 -35.03 14.28
C ARG B 250 21.56 -34.32 13.89
N PHE B 251 20.76 -33.95 14.89
CA PHE B 251 19.43 -33.36 14.61
C PHE B 251 19.33 -31.82 14.74
N ARG B 252 20.17 -31.20 15.55
CA ARG B 252 20.24 -29.74 15.60
C ARG B 252 20.93 -29.12 14.42
N CYS B 253 21.65 -29.84 13.57
CA CYS B 253 22.04 -29.27 12.24
C CYS B 253 20.81 -28.88 11.37
N PRO B 254 19.92 -29.77 10.95
CA PRO B 254 18.79 -29.43 10.13
C PRO B 254 17.66 -28.65 10.83
N GLU B 255 17.68 -28.62 12.17
CA GLU B 255 16.73 -27.76 12.90
C GLU B 255 16.86 -26.30 12.44
N THR B 256 18.01 -25.87 11.91
CA THR B 256 18.24 -24.55 11.35
C THR B 256 17.21 -24.15 10.29
N LEU B 257 16.67 -25.06 9.48
CA LEU B 257 15.62 -24.77 8.52
C LEU B 257 14.38 -24.24 9.18
N PHE B 258 14.05 -24.77 10.36
CA PHE B 258 12.86 -24.31 11.10
C PHE B 258 13.22 -23.15 12.00
N GLN B 259 14.48 -23.06 12.47
CA GLN B 259 14.90 -21.97 13.35
C GLN B 259 16.15 -21.33 12.74
N PRO B 260 16.02 -20.43 11.76
CA PRO B 260 17.19 -19.75 11.22
C PRO B 260 17.93 -18.82 12.18
N SER B 261 17.40 -18.55 13.36
CA SER B 261 18.05 -17.88 14.48
C SER B 261 19.32 -18.62 14.96
N PHE B 262 19.54 -19.88 14.62
CA PHE B 262 20.76 -20.58 14.87
C PHE B 262 21.98 -20.06 14.06
N ILE B 263 21.76 -19.61 12.86
CA ILE B 263 22.73 -18.91 11.98
C ILE B 263 22.75 -17.42 12.20
N GLY B 264 21.91 -16.87 13.06
CA GLY B 264 21.74 -15.45 13.20
C GLY B 264 20.99 -14.74 12.11
N MET B 265 20.05 -15.43 11.46
CA MET B 265 19.15 -14.77 10.51
C MET B 265 17.79 -14.51 11.10
N GLU B 266 17.18 -13.36 10.71
CA GLU B 266 15.86 -13.07 11.24
C GLU B 266 14.72 -13.75 10.43
N SER B 267 15.08 -14.17 9.23
CA SER B 267 14.12 -14.88 8.37
C SER B 267 13.40 -16.01 9.11
N ALA B 268 12.10 -16.03 8.98
CA ALA B 268 11.30 -17.08 9.60
C ALA B 268 11.58 -18.45 8.97
N GLY B 269 11.43 -19.49 9.78
CA GLY B 269 11.74 -20.87 9.32
C GLY B 269 10.97 -21.22 8.06
N ILE B 270 11.27 -22.32 7.40
CA ILE B 270 10.65 -22.79 6.19
C ILE B 270 9.15 -23.08 6.26
N HIS B 271 8.64 -23.34 7.45
CA HIS B 271 7.26 -23.53 7.74
C HIS B 271 6.45 -22.22 7.78
N GLU B 272 7.02 -21.19 8.35
CA GLU B 272 6.44 -19.86 8.28
C GLU B 272 6.59 -19.17 6.99
N THR B 273 7.57 -19.49 6.17
CA THR B 273 7.65 -19.01 4.80
C THR B 273 6.62 -19.70 3.91
N THR B 274 6.47 -21.00 3.94
CA THR B 274 5.42 -21.68 3.23
C THR B 274 4.03 -21.21 3.64
N TYR B 275 3.77 -21.05 4.92
CA TYR B 275 2.49 -20.54 5.44
C TYR B 275 2.31 -19.06 5.00
N ASN B 276 3.36 -18.28 5.11
CA ASN B 276 3.33 -16.89 4.68
C ASN B 276 3.04 -16.76 3.21
N SER B 277 3.61 -17.64 2.39
CA SER B 277 3.37 -17.70 0.98
C SER B 277 1.91 -18.03 0.67
N ILE B 278 1.33 -18.98 1.34
CA ILE B 278 -0.09 -19.25 1.34
C ILE B 278 -0.93 -18.06 1.73
N MET B 279 -0.53 -17.28 2.70
CA MET B 279 -1.25 -16.07 3.06
C MET B 279 -1.34 -15.03 2.02
N LYS B 280 -0.21 -14.79 1.33
CA LYS B 280 -0.26 -13.73 0.31
C LYS B 280 -1.14 -14.16 -0.86
N CYS B 281 -1.57 -15.37 -1.03
CA CYS B 281 -2.40 -15.80 -2.15
C CYS B 281 -3.89 -15.51 -1.85
N ASP B 282 -4.67 -15.31 -2.90
CA ASP B 282 -6.07 -15.07 -2.87
C ASP B 282 -6.82 -16.09 -2.00
N ILE B 283 -7.79 -15.61 -1.26
CA ILE B 283 -8.51 -16.44 -0.30
C ILE B 283 -9.07 -17.68 -0.91
N ASP B 284 -9.54 -17.65 -2.15
CA ASP B 284 -10.10 -18.84 -2.86
C ASP B 284 -9.17 -20.07 -2.92
N ILE B 285 -7.88 -19.92 -3.19
CA ILE B 285 -7.07 -21.00 -3.63
C ILE B 285 -6.27 -21.63 -2.50
N ARG B 286 -6.29 -21.05 -1.28
CA ARG B 286 -5.42 -21.48 -0.22
C ARG B 286 -5.60 -22.95 0.21
N LYS B 287 -6.84 -23.39 0.16
CA LYS B 287 -7.16 -24.74 0.52
C LYS B 287 -6.42 -25.76 -0.38
N ASP B 288 -6.38 -25.40 -1.71
CA ASP B 288 -5.71 -26.33 -2.60
C ASP B 288 -4.21 -26.37 -2.25
N LEU B 289 -3.62 -25.16 -2.02
CA LEU B 289 -2.21 -25.04 -1.81
C LEU B 289 -1.80 -25.82 -0.55
N TYR B 290 -2.62 -25.68 0.47
CA TYR B 290 -2.43 -26.43 1.74
C TYR B 290 -2.53 -27.90 1.46
N ALA B 291 -3.41 -28.39 0.63
CA ALA B 291 -3.54 -29.80 0.39
C ALA B 291 -2.37 -30.36 -0.40
N ASN B 292 -1.91 -29.52 -1.32
CA ASN B 292 -1.01 -29.93 -2.36
C ASN B 292 0.45 -29.50 -2.30
N ASN B 293 1.01 -29.20 -1.12
CA ASN B 293 2.37 -28.67 -0.97
C ASN B 293 3.54 -29.65 -1.29
N VAL B 294 4.38 -29.39 -2.24
CA VAL B 294 5.26 -30.35 -2.89
C VAL B 294 6.69 -30.03 -2.38
N LEU B 295 7.53 -31.02 -2.28
CA LEU B 295 8.91 -30.87 -1.89
C LEU B 295 9.89 -31.31 -2.96
N SER B 296 10.99 -30.56 -3.08
CA SER B 296 12.01 -30.93 -4.08
C SER B 296 13.40 -30.56 -3.57
N GLY B 297 14.42 -31.27 -4.05
CA GLY B 297 15.77 -30.85 -3.84
C GLY B 297 16.51 -31.67 -2.83
N GLY B 298 17.80 -31.53 -2.81
CA GLY B 298 18.68 -32.28 -1.87
C GLY B 298 18.46 -31.97 -0.41
N THR B 299 18.16 -30.75 -0.03
CA THR B 299 17.97 -30.32 1.36
C THR B 299 16.54 -30.60 1.81
N THR B 300 15.69 -31.29 1.03
CA THR B 300 14.47 -31.92 1.50
C THR B 300 14.66 -33.42 1.88
N MET B 301 15.84 -33.97 1.65
CA MET B 301 16.11 -35.37 1.85
C MET B 301 16.24 -35.83 3.28
N TYR B 302 16.30 -34.90 4.27
CA TYR B 302 16.56 -35.35 5.64
C TYR B 302 15.40 -36.16 6.20
N PRO B 303 15.65 -37.39 6.68
CA PRO B 303 14.51 -38.17 7.19
C PRO B 303 13.84 -37.32 8.25
N GLY B 304 12.54 -37.31 8.26
CA GLY B 304 11.80 -36.58 9.28
C GLY B 304 11.40 -35.16 8.91
N ILE B 305 11.69 -34.72 7.65
CA ILE B 305 11.27 -33.41 7.25
C ILE B 305 9.76 -33.24 7.05
N ALA B 306 9.16 -34.14 6.27
CA ALA B 306 7.78 -34.09 5.94
C ALA B 306 6.86 -34.12 7.19
N ASP B 307 7.21 -34.89 8.21
CA ASP B 307 6.41 -35.03 9.38
C ASP B 307 6.46 -33.75 10.24
N ARG B 308 7.65 -33.21 10.36
CA ARG B 308 7.73 -31.93 11.08
C ARG B 308 6.99 -30.82 10.35
N MET B 309 7.07 -30.80 9.05
CA MET B 309 6.27 -29.90 8.23
C MET B 309 4.73 -30.02 8.54
N GLN B 310 4.27 -31.22 8.64
CA GLN B 310 2.88 -31.55 8.78
C GLN B 310 2.43 -31.46 10.25
N LYS B 311 3.35 -31.32 11.19
CA LYS B 311 3.14 -30.72 12.44
C LYS B 311 3.06 -29.20 12.35
N GLU B 312 4.07 -28.51 11.85
CA GLU B 312 4.24 -27.09 12.06
C GLU B 312 3.25 -26.25 11.24
N ILE B 313 3.03 -26.63 9.99
CA ILE B 313 2.03 -25.99 9.16
C ILE B 313 0.61 -26.25 9.69
N THR B 314 0.38 -27.42 10.26
CA THR B 314 -0.88 -27.70 10.91
C THR B 314 -1.09 -26.89 12.19
N ALA B 315 -0.03 -26.43 12.85
CA ALA B 315 -0.17 -25.56 13.97
C ALA B 315 -0.35 -24.10 13.58
N LEU B 316 0.28 -23.60 12.54
CA LEU B 316 -0.06 -22.32 11.96
C LEU B 316 -1.42 -22.16 11.35
N ALA B 317 -1.81 -22.97 10.42
CA ALA B 317 -3.09 -22.92 9.72
C ALA B 317 -4.32 -23.27 10.50
N PRO B 318 -5.52 -22.88 10.00
CA PRO B 318 -6.76 -23.20 10.71
C PRO B 318 -6.97 -24.68 10.72
N SER B 319 -7.29 -25.28 11.89
CA SER B 319 -7.35 -26.71 12.01
C SER B 319 -8.37 -27.43 11.09
N THR B 320 -9.40 -26.74 10.68
CA THR B 320 -10.55 -27.30 9.98
C THR B 320 -10.21 -27.95 8.64
N MET B 321 -9.00 -27.76 8.14
CA MET B 321 -8.68 -28.14 6.76
C MET B 321 -7.37 -28.99 6.57
N LYS B 322 -7.45 -29.90 5.57
CA LYS B 322 -6.50 -31.01 5.46
C LYS B 322 -5.24 -30.40 4.84
N ILE B 323 -4.10 -30.56 5.53
CA ILE B 323 -2.77 -30.25 4.97
C ILE B 323 -1.99 -31.53 4.59
N LYS B 324 -2.20 -32.06 3.41
CA LYS B 324 -1.36 -33.18 2.91
C LYS B 324 -0.07 -32.59 2.35
N ILE B 325 1.03 -33.15 2.71
CA ILE B 325 2.35 -32.77 2.14
C ILE B 325 2.73 -33.92 1.23
N ILE B 326 3.08 -33.61 0.01
CA ILE B 326 3.54 -34.64 -0.97
C ILE B 326 5.09 -34.50 -1.14
N ALA B 327 5.82 -35.44 -0.55
CA ALA B 327 7.27 -35.52 -0.79
C ALA B 327 7.57 -36.91 -1.36
N PRO B 328 7.60 -37.05 -2.67
CA PRO B 328 7.87 -38.30 -3.35
C PRO B 328 9.33 -38.69 -3.21
N PRO B 329 9.65 -39.99 -3.04
CA PRO B 329 11.07 -40.42 -3.23
C PRO B 329 11.62 -40.14 -4.61
N GLU B 330 12.94 -39.99 -4.73
CA GLU B 330 13.49 -39.48 -6.02
C GLU B 330 13.09 -38.00 -6.21
N ARG B 331 12.92 -37.30 -5.11
CA ARG B 331 12.63 -35.84 -5.17
C ARG B 331 13.89 -34.94 -5.44
N LYS B 332 15.09 -35.45 -5.11
CA LYS B 332 16.30 -34.73 -5.44
C LYS B 332 16.42 -34.48 -6.95
N TYR B 333 15.89 -35.36 -7.77
CA TYR B 333 15.96 -35.25 -9.21
C TYR B 333 14.64 -34.77 -9.82
N SER B 334 13.72 -34.24 -9.01
CA SER B 334 12.46 -33.67 -9.43
C SER B 334 12.60 -32.56 -10.48
N VAL B 335 13.59 -31.71 -10.28
CA VAL B 335 13.75 -30.56 -11.21
C VAL B 335 14.22 -31.11 -12.58
N TRP B 336 15.07 -32.11 -12.57
CA TRP B 336 15.64 -32.62 -13.79
C TRP B 336 14.59 -33.47 -14.59
N ILE B 337 13.80 -34.27 -13.89
CA ILE B 337 12.69 -34.99 -14.42
C ILE B 337 11.65 -34.08 -15.09
N GLY B 338 11.43 -32.95 -14.46
CA GLY B 338 10.49 -31.94 -14.94
C GLY B 338 11.04 -31.23 -16.15
N GLY B 339 12.36 -31.07 -16.21
CA GLY B 339 13.01 -30.50 -17.40
C GLY B 339 12.89 -31.56 -18.53
N SER B 340 13.07 -32.80 -18.25
CA SER B 340 12.93 -33.84 -19.22
C SER B 340 11.50 -33.87 -19.85
N ILE B 341 10.52 -34.13 -18.99
CA ILE B 341 9.14 -34.14 -19.38
C ILE B 341 8.73 -32.88 -20.12
N LEU B 342 9.18 -31.70 -19.75
CA LEU B 342 8.89 -30.49 -20.47
C LEU B 342 9.50 -30.46 -21.84
N ALA B 343 10.75 -30.93 -22.00
CA ALA B 343 11.35 -31.01 -23.29
C ALA B 343 10.74 -32.00 -24.23
N SER B 344 9.99 -33.02 -23.71
CA SER B 344 9.35 -34.01 -24.52
C SER B 344 7.93 -33.57 -25.01
N LEU B 345 7.32 -32.57 -24.31
CA LEU B 345 6.07 -31.94 -24.73
C LEU B 345 6.28 -31.12 -26.03
N SER B 346 5.40 -31.44 -26.98
CA SER B 346 5.36 -30.82 -28.26
C SER B 346 4.82 -29.38 -28.25
N THR B 347 4.09 -29.04 -27.16
CA THR B 347 3.43 -27.74 -27.17
C THR B 347 4.42 -26.66 -26.67
N PHE B 348 5.48 -27.12 -26.02
CA PHE B 348 6.63 -26.38 -25.63
C PHE B 348 7.64 -26.09 -26.72
N GLN B 349 7.69 -26.86 -27.80
CA GLN B 349 8.71 -26.65 -28.82
C GLN B 349 8.67 -25.24 -29.47
N GLN B 350 7.50 -24.64 -29.66
CA GLN B 350 7.42 -23.24 -30.07
C GLN B 350 8.21 -22.30 -29.09
N MET B 351 8.38 -22.60 -27.79
CA MET B 351 8.93 -21.68 -26.82
C MET B 351 10.46 -21.69 -26.74
N TRP B 352 11.15 -22.51 -27.52
CA TRP B 352 12.63 -22.50 -27.49
C TRP B 352 13.06 -21.15 -28.05
N ILE B 353 14.13 -20.51 -27.52
CA ILE B 353 14.63 -19.24 -28.05
C ILE B 353 15.70 -19.66 -29.12
N SER B 354 15.50 -19.28 -30.35
CA SER B 354 16.37 -19.76 -31.46
C SER B 354 17.63 -18.93 -31.56
N LYS B 355 18.69 -19.55 -32.04
CA LYS B 355 20.04 -18.96 -32.11
C LYS B 355 19.90 -17.62 -32.95
N GLN B 356 19.21 -17.80 -34.05
CA GLN B 356 18.76 -16.73 -34.89
C GLN B 356 17.93 -15.69 -34.19
N GLU B 357 16.91 -16.02 -33.44
CA GLU B 357 16.05 -15.04 -32.81
C GLU B 357 16.77 -14.27 -31.68
N TYR B 358 17.75 -14.90 -31.12
CA TYR B 358 18.68 -14.29 -30.23
C TYR B 358 19.60 -13.28 -30.89
N ASP B 359 20.31 -13.64 -31.98
CA ASP B 359 21.17 -12.69 -32.58
C ASP B 359 20.46 -11.44 -33.04
N GLU B 360 19.29 -11.53 -33.66
CA GLU B 360 18.51 -10.42 -34.11
C GLU B 360 17.78 -9.61 -33.02
N ALA B 361 17.17 -10.29 -32.02
CA ALA B 361 16.35 -9.64 -31.04
C ALA B 361 17.09 -9.17 -29.74
N GLY B 362 18.19 -9.78 -29.37
CA GLY B 362 19.05 -9.23 -28.39
C GLY B 362 19.27 -10.17 -27.23
N PRO B 363 19.86 -9.61 -26.14
CA PRO B 363 19.78 -10.33 -24.85
C PRO B 363 18.50 -10.09 -24.07
N SER B 364 17.75 -9.04 -24.36
CA SER B 364 16.55 -8.67 -23.68
C SER B 364 15.36 -9.62 -23.89
N ILE B 365 15.45 -10.55 -24.86
CA ILE B 365 14.37 -11.46 -25.15
C ILE B 365 14.39 -12.82 -24.45
N VAL B 366 15.24 -13.05 -23.46
CA VAL B 366 15.21 -14.21 -22.62
C VAL B 366 14.03 -14.22 -21.62
N HIS B 367 13.59 -13.03 -21.25
CA HIS B 367 12.53 -12.78 -20.27
C HIS B 367 11.12 -12.69 -20.95
N THR C 1 -4.24 25.41 29.69
CA THR C 1 -4.54 24.01 29.40
C THR C 1 -4.12 23.43 28.07
N THR C 2 -4.27 24.21 26.99
CA THR C 2 -3.99 23.84 25.62
C THR C 2 -4.50 22.50 25.12
N ALA C 3 -3.76 21.81 24.22
CA ALA C 3 -4.10 20.45 23.85
C ALA C 3 -2.96 19.75 23.18
N LEU C 4 -2.97 18.41 23.22
CA LEU C 4 -1.96 17.59 22.53
C LEU C 4 -2.60 17.05 21.26
N VAL C 5 -1.86 17.14 20.15
CA VAL C 5 -2.36 16.54 18.90
C VAL C 5 -1.37 15.42 18.60
N CYS C 6 -1.85 14.20 18.50
CA CYS C 6 -1.05 13.00 18.25
C CYS C 6 -1.54 12.34 16.94
N ASP C 7 -0.72 12.41 15.90
CA ASP C 7 -0.94 11.75 14.63
C ASP C 7 -0.23 10.42 14.58
N ASN C 8 -1.01 9.34 14.86
CA ASN C 8 -0.53 7.98 14.92
C ASN C 8 -0.79 7.29 13.55
N GLY C 9 0.14 7.39 12.63
CA GLY C 9 0.00 6.60 11.36
C GLY C 9 1.06 5.52 11.46
N SER C 10 0.97 4.51 10.63
CA SER C 10 2.03 3.50 10.59
C SER C 10 3.25 4.25 10.07
N GLY C 11 4.43 3.88 10.52
CA GLY C 11 5.71 4.46 10.08
C GLY C 11 6.21 5.72 10.77
N LEU C 12 5.41 6.68 11.13
CA LEU C 12 5.77 7.89 11.82
C LEU C 12 4.71 8.37 12.80
N VAL C 13 5.16 8.73 14.04
CA VAL C 13 4.24 9.37 15.00
C VAL C 13 4.56 10.86 14.91
N LYS C 14 3.61 11.74 14.64
CA LYS C 14 3.80 13.17 14.67
C LYS C 14 3.05 13.69 15.87
N ALA C 15 3.72 14.25 16.89
CA ALA C 15 2.98 14.71 18.05
C ALA C 15 3.49 16.09 18.52
N GLY C 16 2.63 16.79 19.21
CA GLY C 16 2.97 18.11 19.67
C GLY C 16 1.76 18.83 20.20
N PHE C 17 2.03 20.03 20.72
CA PHE C 17 1.02 20.88 21.26
C PHE C 17 0.17 21.52 20.18
N ALA C 18 -1.09 21.66 20.48
CA ALA C 18 -2.02 22.38 19.59
C ALA C 18 -1.75 23.85 19.51
N GLY C 19 -2.22 24.48 18.42
CA GLY C 19 -1.97 25.90 18.19
C GLY C 19 -0.57 26.20 17.64
N ASP C 20 0.25 25.24 17.29
CA ASP C 20 1.58 25.38 16.80
C ASP C 20 1.69 24.99 15.31
N ASP C 21 2.74 25.44 14.63
CA ASP C 21 2.85 25.31 13.17
C ASP C 21 3.33 23.92 12.69
N ALA C 22 4.09 23.20 13.49
CA ALA C 22 4.57 21.87 13.16
C ALA C 22 4.60 21.02 14.44
N PRO C 23 4.67 19.72 14.26
CA PRO C 23 4.83 18.79 15.40
C PRO C 23 6.30 18.91 15.87
N ARG C 24 6.49 18.90 17.17
CA ARG C 24 7.85 18.81 17.76
C ARG C 24 8.47 17.42 17.69
N ALA C 25 7.80 16.42 18.21
CA ALA C 25 8.35 15.06 18.17
C ALA C 25 7.90 14.33 16.93
N VAL C 26 8.80 13.94 16.03
CA VAL C 26 8.47 13.19 14.83
C VAL C 26 9.42 12.02 14.80
N PHE C 27 8.94 10.84 15.12
CA PHE C 27 9.86 9.69 15.05
C PHE C 27 9.13 8.48 14.58
N PRO C 28 9.88 7.40 14.19
CA PRO C 28 9.24 6.23 13.62
C PRO C 28 8.47 5.41 14.64
N SER C 29 7.34 4.80 14.33
CA SER C 29 6.61 3.89 15.21
C SER C 29 7.22 2.51 15.12
N ILE C 30 8.35 2.34 15.80
CA ILE C 30 9.00 1.04 15.82
C ILE C 30 9.35 0.70 17.27
N VAL C 31 9.28 -0.58 17.52
CA VAL C 31 9.60 -1.18 18.82
C VAL C 31 10.70 -2.20 18.54
N GLY C 32 11.95 -1.79 18.67
CA GLY C 32 13.11 -2.66 18.50
C GLY C 32 13.32 -3.62 19.64
N ARG C 33 13.60 -4.89 19.32
CA ARG C 33 13.93 -5.90 20.38
C ARG C 33 15.22 -6.58 19.92
N PRO C 34 16.17 -6.85 20.82
CA PRO C 34 17.45 -7.38 20.39
C PRO C 34 17.30 -8.77 19.76
N ARG C 35 18.01 -8.99 18.63
CA ARG C 35 17.80 -10.24 17.86
C ARG C 35 18.71 -11.24 18.55
N HIS C 36 19.98 -10.81 18.69
CA HIS C 36 20.94 -11.70 19.37
C HIS C 36 21.05 -11.42 20.87
N GLN C 37 20.97 -12.52 21.65
CA GLN C 37 21.06 -12.36 23.11
C GLN C 37 22.53 -11.95 23.42
N GLY C 38 22.69 -10.80 24.07
CA GLY C 38 23.96 -10.16 24.27
C GLY C 38 24.66 -10.44 25.61
N VAL C 39 25.88 -10.93 25.55
CA VAL C 39 26.67 -11.23 26.75
C VAL C 39 27.65 -10.09 27.01
N MET C 40 27.19 -9.14 27.84
CA MET C 40 28.03 -8.14 28.52
C MET C 40 27.46 -7.95 29.95
N VAL C 41 28.10 -7.14 30.77
CA VAL C 41 27.51 -6.70 32.06
C VAL C 41 27.62 -5.19 32.10
N GLY C 42 26.52 -4.45 32.37
CA GLY C 42 26.51 -3.04 32.08
C GLY C 42 25.76 -2.56 30.89
N MET C 43 26.02 -3.18 29.71
CA MET C 43 25.26 -2.87 28.52
C MET C 43 23.79 -2.61 28.84
N GLY C 44 23.08 -1.81 28.07
CA GLY C 44 21.61 -1.71 28.19
C GLY C 44 21.05 -1.90 29.58
N GLN C 45 20.39 -3.00 29.96
CA GLN C 45 20.12 -4.25 29.22
C GLN C 45 19.01 -4.08 28.12
N LYS C 46 18.14 -3.12 28.36
CA LYS C 46 17.22 -2.51 27.42
C LYS C 46 16.36 -3.45 26.56
N ASP C 47 15.52 -4.20 27.30
CA ASP C 47 14.79 -5.31 26.65
C ASP C 47 13.99 -4.81 25.48
N SER C 48 13.56 -3.55 25.54
CA SER C 48 12.80 -2.94 24.49
C SER C 48 13.41 -1.59 24.12
N TYR C 49 13.49 -1.32 22.82
CA TYR C 49 13.92 -0.07 22.28
C TYR C 49 12.74 0.51 21.52
N VAL C 50 12.60 1.81 21.49
CA VAL C 50 11.46 2.48 20.83
C VAL C 50 11.80 3.75 20.06
N GLY C 51 11.18 3.88 18.87
CA GLY C 51 11.34 5.12 18.07
C GLY C 51 12.69 5.36 17.46
N ASP C 52 13.14 6.59 17.46
CA ASP C 52 14.42 6.99 16.87
C ASP C 52 15.61 6.23 17.47
N GLU C 53 15.56 5.94 18.76
CA GLU C 53 16.49 5.09 19.49
C GLU C 53 16.61 3.72 18.82
N ALA C 54 15.55 3.05 18.46
CA ALA C 54 15.57 1.80 17.72
C ALA C 54 16.24 1.96 16.35
N GLN C 55 16.08 3.12 15.74
CA GLN C 55 16.72 3.48 14.50
C GLN C 55 18.26 3.61 14.64
N SER C 56 18.71 4.08 15.78
CA SER C 56 20.13 4.16 16.08
C SER C 56 20.80 2.77 16.07
N LYS C 57 20.11 1.77 16.56
CA LYS C 57 20.62 0.40 16.65
C LYS C 57 19.75 -0.64 15.87
N ARG C 58 19.70 -0.53 14.58
CA ARG C 58 18.98 -1.45 13.73
C ARG C 58 19.71 -2.80 13.59
N GLY C 59 21.02 -2.86 13.52
CA GLY C 59 21.72 -4.06 13.21
C GLY C 59 21.69 -5.09 14.38
N ILE C 60 21.38 -4.63 15.57
CA ILE C 60 21.14 -5.53 16.69
C ILE C 60 19.67 -5.89 16.69
N LEU C 61 18.76 -4.93 16.44
CA LEU C 61 17.37 -5.06 16.75
C LEU C 61 16.54 -5.59 15.60
N THR C 62 15.47 -6.29 15.96
CA THR C 62 14.40 -6.72 15.08
C THR C 62 13.36 -5.61 15.16
N LEU C 63 13.14 -4.88 14.09
CA LEU C 63 12.18 -3.80 14.14
C LEU C 63 10.78 -4.32 13.90
N LYS C 64 9.83 -3.72 14.60
CA LYS C 64 8.47 -4.24 14.54
C LYS C 64 7.52 -3.08 14.53
N TYR C 65 6.95 -2.74 13.38
CA TYR C 65 5.83 -1.80 13.33
C TYR C 65 4.60 -2.30 14.13
N PRO C 66 4.18 -1.59 15.19
CA PRO C 66 3.01 -2.03 15.94
C PRO C 66 1.73 -1.80 15.22
N ILE C 67 1.74 -1.03 14.10
CA ILE C 67 0.48 -0.64 13.45
C ILE C 67 0.60 -0.94 11.95
N GLU C 68 -0.31 -1.74 11.42
CA GLU C 68 -0.31 -2.25 10.05
C GLU C 68 -1.54 -1.99 9.23
N HIS C 69 -1.43 -1.16 8.18
CA HIS C 69 -2.55 -0.72 7.41
C HIS C 69 -3.57 -0.02 8.28
N GLY C 70 -3.15 0.83 9.17
CA GLY C 70 -4.05 1.62 10.02
C GLY C 70 -4.58 0.86 11.23
N ILE C 71 -4.68 -0.45 11.20
CA ILE C 71 -5.19 -1.33 12.23
C ILE C 71 -4.05 -1.54 13.24
N ILE C 72 -4.37 -1.55 14.54
CA ILE C 72 -3.34 -1.77 15.59
C ILE C 72 -3.17 -3.28 15.76
N THR C 73 -1.96 -3.80 15.53
CA THR C 73 -1.72 -5.22 15.46
C THR C 73 -1.32 -5.72 16.88
N ASN C 74 -0.48 -4.95 17.58
CA ASN C 74 0.11 -5.33 18.86
C ASN C 74 -0.02 -4.09 19.79
N TRP C 75 -0.80 -4.25 20.83
CA TRP C 75 -1.34 -3.21 21.65
C TRP C 75 -0.31 -2.68 22.65
N ASP C 76 0.36 -3.59 23.36
CA ASP C 76 1.38 -3.20 24.27
C ASP C 76 2.56 -2.55 23.65
N ASP C 77 2.87 -2.75 22.37
CA ASP C 77 3.87 -2.04 21.63
C ASP C 77 3.47 -0.57 21.34
N MET C 78 2.31 -0.34 20.71
CA MET C 78 1.64 0.88 20.72
C MET C 78 1.74 1.66 22.01
N GLU C 79 1.30 1.07 23.09
CA GLU C 79 1.34 1.67 24.44
C GLU C 79 2.74 2.14 24.76
N LYS C 80 3.79 1.37 24.48
CA LYS C 80 5.15 1.76 24.64
C LYS C 80 5.54 3.02 23.86
N ILE C 81 5.22 3.05 22.58
CA ILE C 81 5.42 4.25 21.79
C ILE C 81 4.69 5.45 22.33
N TRP C 82 3.44 5.30 22.82
CA TRP C 82 2.75 6.46 23.37
C TRP C 82 3.48 6.93 24.65
N HIS C 83 3.76 5.99 25.55
CA HIS C 83 4.42 6.31 26.81
C HIS C 83 5.77 6.96 26.56
N HIS C 84 6.50 6.50 25.58
CA HIS C 84 7.76 7.15 25.22
C HIS C 84 7.51 8.52 24.61
N THR C 85 6.48 8.66 23.82
CA THR C 85 6.14 9.91 23.16
C THR C 85 5.80 11.03 24.18
N PHE C 86 5.05 10.73 25.19
CA PHE C 86 4.63 11.62 26.21
C PHE C 86 5.72 12.06 27.18
N TYR C 87 6.42 11.12 27.79
CA TYR C 87 7.36 11.44 28.85
C TYR C 87 8.80 11.74 28.38
N ASN C 88 9.27 11.15 27.30
CA ASN C 88 10.57 11.30 26.75
C ASN C 88 10.75 12.27 25.61
N GLU C 89 9.67 12.86 25.04
CA GLU C 89 9.75 13.82 23.97
C GLU C 89 8.97 15.13 24.22
N LEU C 90 7.70 14.96 24.58
CA LEU C 90 6.85 16.09 24.87
C LEU C 90 6.90 16.55 26.35
N ARG C 91 7.35 15.67 27.21
CA ARG C 91 7.67 15.92 28.59
C ARG C 91 6.51 16.32 29.46
N VAL C 92 5.43 15.57 29.33
CA VAL C 92 4.12 16.08 29.75
C VAL C 92 3.26 14.99 30.41
N ALA C 93 2.60 15.34 31.51
CA ALA C 93 1.63 14.47 32.13
C ALA C 93 0.36 14.65 31.33
N PRO C 94 -0.19 13.59 30.76
CA PRO C 94 -1.43 13.61 30.01
C PRO C 94 -2.67 14.06 30.75
N GLU C 95 -2.67 14.07 32.05
CA GLU C 95 -3.70 14.55 32.93
C GLU C 95 -3.86 16.07 32.98
N GLU C 96 -2.94 16.81 32.36
CA GLU C 96 -2.97 18.23 32.21
C GLU C 96 -3.56 18.71 30.88
N HIS C 97 -3.84 17.81 29.96
CA HIS C 97 -4.18 18.21 28.57
C HIS C 97 -5.23 17.28 27.90
N PRO C 98 -6.26 17.83 27.26
CA PRO C 98 -7.07 17.02 26.37
C PRO C 98 -6.19 16.62 25.18
N THR C 99 -6.49 15.47 24.59
CA THR C 99 -5.61 14.90 23.56
C THR C 99 -6.45 14.48 22.37
N LEU C 100 -6.13 15.00 21.19
CA LEU C 100 -6.78 14.71 19.93
C LEU C 100 -5.95 13.65 19.21
N LEU C 101 -6.55 12.48 18.92
CA LEU C 101 -5.91 11.41 18.22
C LEU C 101 -6.50 11.25 16.84
N THR C 102 -5.76 10.52 16.04
CA THR C 102 -6.07 10.40 14.59
C THR C 102 -6.28 8.93 14.22
N GLU C 103 -6.95 8.70 13.10
CA GLU C 103 -7.14 7.32 12.58
C GLU C 103 -7.65 7.41 11.19
N ALA C 104 -7.38 6.36 10.45
CA ALA C 104 -7.89 6.23 9.07
C ALA C 104 -9.37 6.02 9.00
N PRO C 105 -10.08 6.47 7.93
CA PRO C 105 -11.48 6.12 7.80
C PRO C 105 -11.75 4.65 7.51
N LEU C 106 -12.97 4.17 7.73
CA LEU C 106 -13.38 2.81 7.35
C LEU C 106 -12.65 1.69 8.11
N ASN C 107 -12.24 1.96 9.33
CA ASN C 107 -11.18 1.25 10.08
C ASN C 107 -11.94 0.50 11.16
N PRO C 108 -11.55 -0.77 11.50
CA PRO C 108 -12.28 -1.54 12.46
C PRO C 108 -12.56 -0.90 13.82
N LYS C 109 -13.71 -1.17 14.42
CA LYS C 109 -14.25 -0.46 15.59
C LYS C 109 -13.28 -0.72 16.76
N ALA C 110 -12.62 -1.87 16.76
CA ALA C 110 -11.62 -2.14 17.77
C ALA C 110 -10.58 -1.09 17.98
N ASN C 111 -10.18 -0.31 16.98
CA ASN C 111 -9.13 0.67 17.10
C ASN C 111 -9.62 1.89 17.89
N ARG C 112 -10.82 2.37 17.62
CA ARG C 112 -11.37 3.51 18.37
C ARG C 112 -11.54 3.12 19.87
N GLU C 113 -12.20 1.99 20.09
CA GLU C 113 -12.70 1.60 21.38
C GLU C 113 -11.55 1.21 22.33
N LYS C 114 -10.56 0.51 21.82
CA LYS C 114 -9.35 0.13 22.59
C LYS C 114 -8.45 1.33 22.79
N MET C 115 -8.26 2.16 21.74
CA MET C 115 -7.48 3.35 21.81
C MET C 115 -7.94 4.27 22.99
N THR C 116 -9.26 4.55 22.95
CA THR C 116 -9.90 5.41 23.93
C THR C 116 -9.77 4.85 25.33
N GLN C 117 -9.82 3.53 25.44
CA GLN C 117 -9.71 2.80 26.70
C GLN C 117 -8.31 2.91 27.30
N ILE C 118 -7.32 2.82 26.46
CA ILE C 118 -5.94 3.07 26.79
C ILE C 118 -5.66 4.49 27.25
N MET C 119 -6.17 5.50 26.56
CA MET C 119 -5.96 6.83 26.88
C MET C 119 -6.61 7.28 28.18
N PHE C 120 -7.79 6.79 28.47
CA PHE C 120 -8.46 7.13 29.73
C PHE C 120 -7.89 6.32 30.93
N GLU C 121 -7.81 5.00 30.79
CA GLU C 121 -7.40 4.11 31.86
C GLU C 121 -5.88 4.11 32.14
N THR C 122 -5.06 4.02 31.14
CA THR C 122 -3.63 3.75 31.33
C THR C 122 -2.82 5.09 31.51
N PHE C 123 -2.94 5.98 30.57
CA PHE C 123 -2.58 7.40 30.74
C PHE C 123 -3.94 7.81 31.29
N ASN C 124 -4.02 8.92 32.02
CA ASN C 124 -5.32 9.48 32.42
C ASN C 124 -5.46 10.82 31.73
N VAL C 125 -6.57 10.98 30.98
CA VAL C 125 -6.71 12.15 30.07
C VAL C 125 -8.02 12.83 30.43
N PRO C 126 -8.09 14.18 30.57
CA PRO C 126 -9.29 14.80 31.02
C PRO C 126 -10.35 14.72 29.94
N ALA C 127 -9.93 14.70 28.71
CA ALA C 127 -10.83 14.49 27.58
C ALA C 127 -10.00 14.22 26.30
N MET C 128 -10.64 13.55 25.34
CA MET C 128 -9.97 13.26 24.07
C MET C 128 -10.98 13.15 22.94
N TYR C 129 -10.46 12.98 21.73
CA TYR C 129 -11.25 12.93 20.51
C TYR C 129 -10.47 12.11 19.48
N VAL C 130 -11.13 11.32 18.61
CA VAL C 130 -10.45 10.63 17.55
C VAL C 130 -11.11 11.04 16.23
N ALA C 131 -10.28 11.54 15.30
CA ALA C 131 -10.82 12.24 14.13
C ALA C 131 -10.42 11.42 12.88
N ILE C 132 -11.12 11.61 11.79
CA ILE C 132 -10.78 11.09 10.46
C ILE C 132 -9.66 11.93 9.82
N GLN C 133 -8.58 11.29 9.35
CA GLN C 133 -7.43 11.95 8.83
C GLN C 133 -7.70 12.99 7.74
N ALA C 134 -8.52 12.65 6.76
CA ALA C 134 -8.68 13.46 5.56
C ALA C 134 -9.32 14.82 5.88
N VAL C 135 -10.24 14.85 6.79
CA VAL C 135 -10.88 16.09 7.30
C VAL C 135 -9.85 17.01 7.94
N LEU C 136 -8.89 16.49 8.70
CA LEU C 136 -7.81 17.23 9.26
C LEU C 136 -6.91 17.83 8.17
N SER C 137 -6.51 17.08 7.19
CA SER C 137 -5.83 17.56 6.02
C SER C 137 -6.58 18.67 5.30
N LEU C 138 -7.87 18.52 5.11
CA LEU C 138 -8.70 19.55 4.54
C LEU C 138 -8.77 20.84 5.32
N TYR C 139 -8.78 20.85 6.66
CA TYR C 139 -8.61 22.02 7.45
C TYR C 139 -7.24 22.72 7.31
N ALA C 140 -6.20 21.90 7.23
CA ALA C 140 -4.85 22.35 6.95
C ALA C 140 -4.76 23.08 5.59
N SER C 141 -5.55 22.71 4.65
CA SER C 141 -5.49 23.37 3.31
C SER C 141 -6.05 24.78 3.37
N GLY C 142 -6.96 24.97 4.37
CA GLY C 142 -7.68 26.23 4.54
C GLY C 142 -8.99 26.30 3.74
N ARG C 143 -9.61 25.18 3.52
CA ARG C 143 -10.69 25.00 2.54
C ARG C 143 -11.78 24.08 3.10
N THR C 144 -12.99 24.24 2.58
CA THR C 144 -14.15 23.53 3.08
C THR C 144 -14.65 22.45 2.14
N THR C 145 -14.22 22.45 0.90
CA THR C 145 -14.70 21.63 -0.17
C THR C 145 -13.50 21.01 -0.93
N GLY C 146 -13.59 19.69 -1.18
CA GLY C 146 -12.52 19.05 -1.90
C GLY C 146 -12.48 17.54 -1.72
N ILE C 147 -11.76 16.83 -2.53
CA ILE C 147 -11.68 15.38 -2.37
C ILE C 147 -10.25 15.12 -1.97
N VAL C 148 -10.08 14.57 -0.77
CA VAL C 148 -8.72 14.36 -0.24
C VAL C 148 -8.15 13.02 -0.59
N LEU C 149 -6.93 12.93 -1.16
CA LEU C 149 -6.23 11.67 -1.29
C LEU C 149 -5.13 11.67 -0.24
N ASP C 150 -5.27 10.82 0.81
CA ASP C 150 -4.24 10.76 1.87
C ASP C 150 -3.52 9.45 1.80
N SER C 151 -2.30 9.45 1.34
CA SER C 151 -1.45 8.23 1.25
C SER C 151 -0.29 8.28 2.29
N GLY C 152 -0.36 7.43 3.30
CA GLY C 152 0.57 7.33 4.35
C GLY C 152 1.35 6.05 4.15
N ASP C 153 1.83 5.45 5.21
CA ASP C 153 2.64 4.25 5.04
C ASP C 153 1.70 3.06 5.01
N GLY C 154 0.66 3.10 5.85
CA GLY C 154 -0.22 1.91 5.89
C GLY C 154 -1.27 1.89 4.77
N VAL C 155 -1.83 3.06 4.45
CA VAL C 155 -3.12 3.07 3.76
C VAL C 155 -3.26 4.36 2.96
N THR C 156 -4.08 4.33 1.91
CA THR C 156 -4.39 5.42 1.05
C THR C 156 -5.93 5.60 1.09
N HIS C 157 -6.40 6.83 1.23
CA HIS C 157 -7.81 7.15 1.21
C HIS C 157 -8.22 8.12 0.14
N ASN C 158 -9.45 8.04 -0.23
CA ASN C 158 -10.10 9.12 -0.88
C ASN C 158 -11.26 9.44 -0.01
N VAL C 159 -11.40 10.71 0.45
CA VAL C 159 -12.59 11.21 1.13
C VAL C 159 -13.11 12.50 0.46
N PRO C 160 -14.19 12.39 -0.31
CA PRO C 160 -14.86 13.59 -0.84
C PRO C 160 -15.62 14.33 0.21
N ILE C 161 -15.52 15.65 0.21
CA ILE C 161 -16.13 16.50 1.23
C ILE C 161 -16.77 17.69 0.49
N TYR C 162 -18.06 17.98 0.71
CA TYR C 162 -18.70 19.07 0.02
C TYR C 162 -19.23 20.10 0.96
N GLU C 163 -18.71 21.34 0.93
CA GLU C 163 -19.21 22.48 1.72
C GLU C 163 -19.33 22.04 3.20
N GLY C 164 -18.21 21.63 3.82
CA GLY C 164 -18.31 20.90 5.10
C GLY C 164 -18.81 19.52 4.76
N TYR C 165 -19.83 19.10 5.55
CA TYR C 165 -20.43 17.77 5.30
C TYR C 165 -19.40 16.73 4.91
N ALA C 166 -19.92 15.62 4.35
CA ALA C 166 -19.08 14.53 3.93
C ALA C 166 -19.92 13.60 3.05
N LEU C 167 -19.32 12.56 2.41
CA LEU C 167 -20.14 11.59 1.69
C LEU C 167 -19.58 10.24 2.06
N PRO C 168 -20.07 9.60 3.11
CA PRO C 168 -19.55 8.30 3.52
C PRO C 168 -19.65 7.19 2.53
N HIS C 169 -20.68 7.15 1.67
CA HIS C 169 -20.80 6.13 0.65
C HIS C 169 -19.82 6.24 -0.53
N ALA C 170 -19.05 7.29 -0.69
CA ALA C 170 -18.02 7.51 -1.65
C ALA C 170 -16.57 7.45 -1.08
N ILE C 171 -16.45 7.23 0.21
CA ILE C 171 -15.16 7.08 0.86
C ILE C 171 -14.54 5.72 0.42
N MET C 172 -13.26 5.75 0.03
CA MET C 172 -12.68 4.56 -0.57
C MET C 172 -11.30 4.47 0.00
N ARG C 173 -11.01 3.35 0.62
CA ARG C 173 -9.72 3.07 1.16
C ARG C 173 -9.10 2.01 0.33
N LEU C 174 -7.78 1.98 0.38
CA LEU C 174 -7.01 1.15 -0.52
C LEU C 174 -5.72 0.82 0.27
N ASP C 175 -5.29 -0.40 0.49
CA ASP C 175 -3.96 -0.72 1.08
C ASP C 175 -2.86 -0.73 0.03
N LEU C 176 -2.44 0.47 -0.33
CA LEU C 176 -1.17 0.71 -1.02
C LEU C 176 -0.51 1.93 -0.46
N ALA C 177 0.75 1.90 -0.12
CA ALA C 177 1.36 2.87 0.72
C ALA C 177 2.84 2.56 0.85
N GLY C 178 3.54 3.49 1.48
CA GLY C 178 5.01 3.42 1.68
C GLY C 178 5.54 2.05 2.08
N ARG C 179 4.79 1.32 2.87
CA ARG C 179 5.20 -0.02 3.28
C ARG C 179 5.11 -1.02 2.15
N ASP C 180 4.05 -0.98 1.35
CA ASP C 180 3.94 -1.87 0.18
C ASP C 180 4.94 -1.49 -0.89
N LEU C 181 5.18 -0.22 -1.08
CA LEU C 181 6.10 0.28 -2.09
C LEU C 181 7.55 -0.01 -1.69
N THR C 182 7.88 -0.03 -0.44
CA THR C 182 9.18 -0.40 0.03
C THR C 182 9.46 -1.86 -0.21
N ASP C 183 8.53 -2.76 0.09
CA ASP C 183 8.66 -4.17 -0.19
C ASP C 183 8.71 -4.42 -1.70
N TYR C 184 7.87 -3.80 -2.47
CA TYR C 184 8.00 -3.87 -3.91
C TYR C 184 9.32 -3.40 -4.45
N LEU C 185 9.90 -2.36 -3.86
CA LEU C 185 11.24 -1.89 -4.24
C LEU C 185 12.31 -2.88 -3.74
N MET C 186 12.12 -3.58 -2.64
CA MET C 186 12.93 -4.72 -2.30
C MET C 186 13.11 -5.77 -3.41
N LYS C 187 12.02 -6.43 -3.79
CA LYS C 187 12.05 -7.47 -4.77
C LYS C 187 12.43 -6.99 -6.17
N ILE C 188 12.06 -5.79 -6.56
CA ILE C 188 12.59 -5.25 -7.83
C ILE C 188 14.08 -4.89 -7.76
N LEU C 189 14.51 -4.36 -6.67
CA LEU C 189 15.91 -4.15 -6.34
C LEU C 189 16.81 -5.37 -6.39
N THR C 190 16.32 -6.51 -5.99
CA THR C 190 17.07 -7.73 -5.96
C THR C 190 17.44 -8.20 -7.35
N GLU C 191 16.79 -7.73 -8.47
CA GLU C 191 17.18 -8.05 -9.80
C GLU C 191 18.49 -7.46 -10.21
N ARG C 192 19.02 -6.42 -9.56
CA ARG C 192 20.42 -5.96 -9.81
C ARG C 192 21.44 -6.76 -9.03
N GLY C 193 21.01 -7.52 -8.02
CA GLY C 193 21.89 -8.37 -7.24
C GLY C 193 21.99 -7.94 -5.77
N TYR C 194 21.31 -6.89 -5.41
CA TYR C 194 21.38 -6.23 -4.14
C TYR C 194 20.33 -6.95 -3.29
N SER C 195 20.75 -7.68 -2.27
CA SER C 195 19.84 -8.52 -1.49
C SER C 195 19.59 -7.93 -0.10
N PHE C 196 18.37 -7.38 0.10
CA PHE C 196 17.96 -6.82 1.37
C PHE C 196 16.84 -7.67 1.94
N VAL C 197 17.20 -8.54 2.90
CA VAL C 197 16.29 -9.56 3.42
C VAL C 197 15.60 -9.10 4.75
N THR C 198 16.30 -8.25 5.53
CA THR C 198 16.00 -8.07 6.99
C THR C 198 15.17 -6.77 7.23
N THR C 199 14.54 -6.68 8.38
CA THR C 199 13.75 -5.56 8.77
C THR C 199 14.57 -4.25 8.76
N ALA C 200 15.76 -4.30 9.35
CA ALA C 200 16.69 -3.22 9.34
C ALA C 200 17.07 -2.67 7.95
N GLU C 201 17.38 -3.55 7.02
CA GLU C 201 17.59 -3.23 5.63
C GLU C 201 16.34 -2.66 4.96
N ARG C 202 15.14 -3.07 5.34
CA ARG C 202 13.91 -2.49 4.83
C ARG C 202 13.90 -0.96 5.03
N GLU C 203 14.30 -0.53 6.20
CA GLU C 203 14.44 0.89 6.52
C GLU C 203 15.51 1.59 5.69
N ILE C 204 16.58 0.91 5.31
CA ILE C 204 17.53 1.42 4.32
C ILE C 204 16.79 1.61 2.96
N VAL C 205 16.05 0.63 2.50
CA VAL C 205 15.41 0.80 1.22
C VAL C 205 14.27 1.80 1.25
N ARG C 206 13.65 1.98 2.38
CA ARG C 206 12.75 3.14 2.63
C ARG C 206 13.54 4.42 2.40
N ASP C 207 14.76 4.53 2.95
CA ASP C 207 15.54 5.71 2.68
C ASP C 207 15.83 5.89 1.20
N ILE C 208 16.10 4.84 0.48
CA ILE C 208 16.41 4.96 -0.96
C ILE C 208 15.21 5.53 -1.69
N LYS C 209 14.06 4.95 -1.41
CA LYS C 209 12.77 5.35 -1.93
C LYS C 209 12.51 6.86 -1.71
N GLU C 210 12.73 7.30 -0.49
CA GLU C 210 12.44 8.66 -0.08
C GLU C 210 13.32 9.67 -0.84
N LYS C 211 14.61 9.39 -1.00
CA LYS C 211 15.46 10.27 -1.76
C LYS C 211 15.29 10.17 -3.28
N LEU C 212 15.59 8.98 -3.80
CA LEU C 212 15.77 8.79 -5.25
C LEU C 212 14.52 8.62 -6.11
N CYS C 213 13.52 7.91 -5.65
CA CYS C 213 12.39 7.49 -6.53
C CYS C 213 11.51 8.65 -6.93
N TYR C 214 11.09 8.73 -8.16
CA TYR C 214 10.19 9.77 -8.66
C TYR C 214 9.11 9.07 -9.50
N VAL C 215 8.00 9.80 -9.73
CA VAL C 215 6.88 9.32 -10.52
C VAL C 215 6.99 9.94 -11.93
N ALA C 216 7.10 9.01 -12.86
CA ALA C 216 7.23 9.34 -14.28
C ALA C 216 5.94 9.95 -14.81
N LEU C 217 6.01 10.86 -15.78
CA LEU C 217 4.83 11.46 -16.33
C LEU C 217 4.16 10.36 -17.19
N ASP C 218 4.95 9.88 -18.13
CA ASP C 218 4.59 8.72 -18.91
C ASP C 218 5.57 7.57 -18.58
N PHE C 219 5.05 6.39 -18.28
CA PHE C 219 5.91 5.25 -17.96
C PHE C 219 6.87 4.88 -19.09
N GLU C 220 6.39 5.00 -20.34
CA GLU C 220 7.16 4.61 -21.52
C GLU C 220 8.47 5.39 -21.67
N ASN C 221 8.43 6.68 -21.33
CA ASN C 221 9.65 7.49 -21.33
C ASN C 221 10.66 6.96 -20.33
N GLU C 222 10.18 6.53 -19.17
CA GLU C 222 11.03 5.92 -18.16
C GLU C 222 11.64 4.64 -18.69
N MET C 223 10.85 3.87 -19.43
CA MET C 223 11.35 2.65 -20.06
C MET C 223 12.47 2.97 -21.06
N ALA C 224 12.29 4.05 -21.82
CA ALA C 224 13.31 4.51 -22.77
C ALA C 224 14.60 4.91 -22.05
N THR C 225 14.46 5.57 -20.90
CA THR C 225 15.61 5.94 -20.10
C THR C 225 16.33 4.68 -19.62
N ALA C 226 15.54 3.67 -19.22
CA ALA C 226 16.12 2.41 -18.77
C ALA C 226 16.91 1.80 -19.93
N ALA C 227 16.36 1.92 -21.13
CA ALA C 227 17.03 1.43 -22.33
C ALA C 227 18.37 2.12 -22.63
N SER C 228 18.45 3.44 -22.49
CA SER C 228 19.76 4.11 -22.69
C SER C 228 20.15 4.81 -21.41
N SER C 229 21.30 4.48 -20.81
CA SER C 229 21.41 4.80 -19.38
C SER C 229 22.23 6.08 -19.14
N SER C 230 21.53 7.15 -18.77
CA SER C 230 22.07 8.48 -18.78
C SER C 230 21.76 9.15 -17.47
N SER C 231 20.67 9.95 -17.36
CA SER C 231 20.36 10.51 -16.03
C SER C 231 19.59 9.56 -15.11
N LEU C 232 18.98 8.51 -15.62
CA LEU C 232 18.09 7.68 -14.84
C LEU C 232 18.82 6.88 -13.80
N GLU C 233 19.97 6.30 -14.08
CA GLU C 233 20.79 5.66 -13.05
C GLU C 233 21.48 6.61 -12.11
N LYS C 234 21.21 6.48 -10.80
CA LYS C 234 21.81 7.43 -9.84
C LYS C 234 22.57 6.59 -8.84
N SER C 235 23.65 7.18 -8.30
CA SER C 235 24.39 6.43 -7.25
C SER C 235 23.82 6.71 -5.86
N TYR C 236 23.57 5.66 -5.05
CA TYR C 236 23.24 5.92 -3.68
C TYR C 236 24.20 5.18 -2.80
N GLU C 237 24.57 5.77 -1.66
CA GLU C 237 25.50 5.16 -0.74
C GLU C 237 24.84 4.51 0.44
N LEU C 238 25.05 3.24 0.73
CA LEU C 238 24.61 2.62 1.97
C LEU C 238 25.36 3.10 3.19
N PRO C 239 24.85 2.91 4.41
CA PRO C 239 25.60 3.15 5.64
C PRO C 239 26.91 2.38 5.75
N ASP C 240 26.99 1.17 5.18
CA ASP C 240 28.20 0.34 5.11
C ASP C 240 29.36 1.07 4.37
N GLY C 241 29.07 1.72 3.27
CA GLY C 241 30.07 2.23 2.34
C GLY C 241 29.92 1.68 0.92
N GLN C 242 29.03 0.72 0.66
CA GLN C 242 28.84 0.20 -0.66
C GLN C 242 28.01 1.18 -1.47
N VAL C 243 28.15 1.08 -2.81
CA VAL C 243 27.49 1.93 -3.79
C VAL C 243 26.44 1.10 -4.55
N ILE C 244 25.21 1.60 -4.53
CA ILE C 244 24.10 0.94 -5.24
C ILE C 244 23.87 1.84 -6.45
N THR C 245 23.66 1.34 -7.63
CA THR C 245 23.25 2.11 -8.79
C THR C 245 21.88 1.58 -9.23
N ILE C 246 20.88 2.44 -9.30
CA ILE C 246 19.50 2.12 -9.61
C ILE C 246 18.94 2.94 -10.74
N GLY C 247 18.49 2.25 -11.81
CA GLY C 247 18.05 2.96 -13.02
C GLY C 247 16.55 3.13 -13.22
N ASN C 248 15.90 2.19 -13.84
CA ASN C 248 14.47 2.10 -13.95
C ASN C 248 13.76 1.79 -12.60
N GLU C 249 14.42 1.11 -11.69
CA GLU C 249 13.86 0.82 -10.39
C GLU C 249 13.51 2.09 -9.59
N ARG C 250 14.20 3.19 -9.91
CA ARG C 250 13.91 4.51 -9.34
C ARG C 250 12.44 4.92 -9.57
N PHE C 251 11.97 4.75 -10.81
CA PHE C 251 10.61 5.23 -11.15
C PHE C 251 9.52 4.13 -11.24
N ARG C 252 9.88 2.89 -11.51
CA ARG C 252 8.93 1.79 -11.45
C ARG C 252 8.60 1.36 -10.05
N CYS C 253 9.31 1.75 -9.00
CA CYS C 253 8.76 1.59 -7.62
C CYS C 253 7.43 2.35 -7.41
N PRO C 254 7.33 3.67 -7.50
CA PRO C 254 6.10 4.38 -7.29
C PRO C 254 5.04 4.25 -8.38
N GLU C 255 5.44 3.74 -9.56
CA GLU C 255 4.44 3.40 -10.61
C GLU C 255 3.38 2.45 -10.06
N THR C 256 3.67 1.64 -9.03
CA THR C 256 2.74 0.76 -8.35
C THR C 256 1.47 1.46 -7.89
N LEU C 257 1.49 2.74 -7.46
CA LEU C 257 0.32 3.49 -7.10
C LEU C 257 -0.67 3.61 -8.23
N PHE C 258 -0.15 3.75 -9.47
CA PHE C 258 -1.03 3.86 -10.65
C PHE C 258 -1.32 2.49 -11.20
N GLN C 259 -0.41 1.51 -11.03
CA GLN C 259 -0.62 0.16 -11.55
C GLN C 259 -0.43 -0.82 -10.38
N PRO C 260 -1.44 -1.04 -9.54
CA PRO C 260 -1.30 -2.03 -8.47
C PRO C 260 -1.18 -3.49 -8.92
N SER C 261 -1.34 -3.79 -10.19
CA SER C 261 -1.04 -5.05 -10.84
C SER C 261 0.44 -5.45 -10.70
N PHE C 262 1.36 -4.55 -10.37
CA PHE C 262 2.72 -4.86 -10.06
C PHE C 262 2.91 -5.67 -8.75
N ILE C 263 2.09 -5.42 -7.77
CA ILE C 263 1.97 -6.19 -6.50
C ILE C 263 1.02 -7.36 -6.60
N GLY C 264 0.36 -7.56 -7.73
CA GLY C 264 -0.70 -8.55 -7.84
C GLY C 264 -2.01 -8.22 -7.19
N MET C 265 -2.35 -6.93 -7.11
CA MET C 265 -3.68 -6.52 -6.66
C MET C 265 -4.57 -6.11 -7.79
N GLU C 266 -5.89 -6.44 -7.67
CA GLU C 266 -6.79 -6.06 -8.75
C GLU C 266 -7.32 -4.59 -8.60
N SER C 267 -7.16 -4.08 -7.39
CA SER C 267 -7.55 -2.70 -7.13
C SER C 267 -7.01 -1.70 -8.18
N ALA C 268 -7.90 -0.89 -8.68
CA ALA C 268 -7.50 0.12 -9.66
C ALA C 268 -6.57 1.17 -9.04
N GLY C 269 -5.69 1.72 -9.89
CA GLY C 269 -4.68 2.69 -9.41
C GLY C 269 -5.33 3.85 -8.68
N ILE C 270 -4.57 4.71 -8.02
CA ILE C 270 -5.02 5.85 -7.26
C ILE C 270 -5.78 6.92 -8.05
N HIS C 271 -5.57 7.00 -9.35
CA HIS C 271 -6.26 7.84 -10.26
C HIS C 271 -7.68 7.36 -10.60
N GLU C 272 -7.84 6.07 -10.79
CA GLU C 272 -9.17 5.47 -10.92
C GLU C 272 -9.94 5.35 -9.68
N THR C 273 -9.32 5.30 -8.52
CA THR C 273 -10.02 5.40 -7.25
C THR C 273 -10.50 6.83 -6.97
N THR C 274 -9.69 7.85 -7.15
CA THR C 274 -10.12 9.22 -7.05
C THR C 274 -11.23 9.56 -8.04
N TYR C 275 -11.12 9.14 -9.28
CA TYR C 275 -12.16 9.33 -10.31
C TYR C 275 -13.43 8.53 -9.92
N ASN C 276 -13.24 7.31 -9.49
CA ASN C 276 -14.35 6.49 -9.05
C ASN C 276 -15.09 7.09 -7.87
N SER C 277 -14.35 7.68 -6.93
CA SER C 277 -14.89 8.38 -5.81
C SER C 277 -15.73 9.59 -6.24
N ILE C 278 -15.24 10.37 -7.15
CA ILE C 278 -15.98 11.42 -7.83
C ILE C 278 -17.24 10.92 -8.50
N MET C 279 -17.22 9.75 -9.13
CA MET C 279 -18.41 9.19 -9.72
C MET C 279 -19.52 8.86 -8.78
N LYS C 280 -19.15 8.27 -7.64
CA LYS C 280 -20.22 7.91 -6.70
C LYS C 280 -20.86 9.16 -6.10
N CYS C 281 -20.36 10.34 -6.23
CA CYS C 281 -20.95 11.55 -5.65
C CYS C 281 -22.03 12.12 -6.60
N ASP C 282 -23.00 12.82 -6.03
CA ASP C 282 -24.08 13.45 -6.69
C ASP C 282 -23.60 14.33 -7.86
N ILE C 283 -24.33 14.29 -8.96
CA ILE C 283 -23.94 14.97 -10.17
C ILE C 283 -23.64 16.42 -9.97
N ASP C 284 -24.34 17.12 -9.09
CA ASP C 284 -24.11 18.56 -8.80
C ASP C 284 -22.67 18.92 -8.37
N ILE C 285 -22.01 18.14 -7.53
CA ILE C 285 -20.87 18.59 -6.82
C ILE C 285 -19.55 18.17 -7.48
N ARG C 286 -19.60 17.33 -8.53
CA ARG C 286 -18.40 16.74 -9.08
C ARG C 286 -17.37 17.75 -9.62
N LYS C 287 -17.91 18.82 -10.19
CA LYS C 287 -17.07 19.86 -10.72
C LYS C 287 -16.15 20.47 -9.65
N ASP C 288 -16.78 20.67 -8.43
CA ASP C 288 -15.97 21.26 -7.39
C ASP C 288 -14.86 20.27 -6.98
N LEU C 289 -15.24 18.97 -6.85
CA LEU C 289 -14.32 17.98 -6.37
C LEU C 289 -13.14 17.84 -7.32
N TYR C 290 -13.47 17.85 -8.60
CA TYR C 290 -12.43 17.82 -9.68
C TYR C 290 -11.56 19.05 -9.56
N ALA C 291 -12.06 20.21 -9.26
CA ALA C 291 -11.24 21.39 -9.19
C ALA C 291 -10.33 21.39 -7.97
N ASN C 292 -10.88 20.86 -6.89
CA ASN C 292 -10.33 20.99 -5.58
C ASN C 292 -9.66 19.78 -4.93
N ASN C 293 -9.13 18.82 -5.69
CA ASN C 293 -8.56 17.58 -5.16
C ASN C 293 -7.22 17.70 -4.39
N VAL C 294 -7.14 17.35 -3.14
CA VAL C 294 -6.10 17.76 -2.20
C VAL C 294 -5.24 16.51 -1.98
N LEU C 295 -3.97 16.68 -1.71
CA LEU C 295 -3.04 15.61 -1.40
C LEU C 295 -2.42 15.74 -0.03
N SER C 296 -2.25 14.58 0.63
CA SER C 296 -1.64 14.60 1.98
C SER C 296 -0.83 13.33 2.19
N GLY C 297 0.19 13.41 3.06
CA GLY C 297 0.84 12.23 3.54
C GLY C 297 2.21 12.02 2.95
N GLY C 298 2.95 11.14 3.54
CA GLY C 298 4.34 10.83 3.08
C GLY C 298 4.43 10.21 1.70
N THR C 299 3.50 9.37 1.30
CA THR C 299 3.50 8.68 0.01
C THR C 299 2.90 9.56 -1.08
N THR C 300 2.58 10.84 -0.82
CA THR C 300 2.37 11.85 -1.85
C THR C 300 3.63 12.68 -2.17
N MET C 301 4.72 12.46 -1.45
CA MET C 301 5.93 13.23 -1.58
C MET C 301 6.77 12.98 -2.80
N TYR C 302 6.46 11.91 -3.59
CA TYR C 302 7.37 11.59 -4.70
C TYR C 302 7.33 12.66 -5.79
N PRO C 303 8.49 13.24 -6.15
CA PRO C 303 8.46 14.28 -7.19
C PRO C 303 7.75 13.69 -8.39
N GLY C 304 6.88 14.45 -9.00
CA GLY C 304 6.20 13.98 -10.20
C GLY C 304 4.85 13.34 -9.99
N ILE C 305 4.35 13.30 -8.73
CA ILE C 305 3.04 12.75 -8.50
C ILE C 305 1.88 13.60 -9.01
N ALA C 306 1.87 14.87 -8.65
CA ALA C 306 0.84 15.78 -9.01
C ALA C 306 0.63 15.90 -10.55
N ASP C 307 1.70 15.87 -11.32
CA ASP C 307 1.64 16.03 -12.74
C ASP C 307 1.05 14.78 -13.40
N ARG C 308 1.49 13.63 -12.91
CA ARG C 308 0.88 12.41 -13.45
C ARG C 308 -0.60 12.30 -13.09
N MET C 309 -0.96 12.71 -11.90
CA MET C 309 -2.35 12.83 -11.50
C MET C 309 -3.18 13.73 -12.51
N GLN C 310 -2.62 14.83 -12.89
CA GLN C 310 -3.26 15.83 -13.68
C GLN C 310 -3.17 15.51 -15.18
N LYS C 311 -2.38 14.52 -15.57
CA LYS C 311 -2.54 13.77 -16.74
C LYS C 311 -3.68 12.75 -16.62
N GLU C 312 -3.65 11.83 -15.66
CA GLU C 312 -4.46 10.64 -15.68
C GLU C 312 -5.93 10.91 -15.38
N ILE C 313 -6.20 11.76 -14.41
CA ILE C 313 -7.54 12.19 -14.11
C ILE C 313 -8.15 13.03 -15.26
N THR C 314 -7.30 13.80 -15.92
CA THR C 314 -7.75 14.52 -17.09
C THR C 314 -8.04 13.60 -18.28
N ALA C 315 -7.47 12.41 -18.35
CA ALA C 315 -7.82 11.46 -19.35
C ALA C 315 -9.06 10.66 -19.02
N LEU C 316 -9.32 10.29 -17.77
CA LEU C 316 -10.60 9.78 -17.36
C LEU C 316 -11.79 10.69 -17.45
N ALA C 317 -11.76 11.85 -16.85
CA ALA C 317 -12.86 12.82 -16.83
C ALA C 317 -13.18 13.52 -18.10
N PRO C 318 -14.38 14.13 -18.21
CA PRO C 318 -14.76 14.84 -19.44
C PRO C 318 -13.87 16.03 -19.62
N SER C 319 -13.30 16.22 -20.84
CA SER C 319 -12.32 17.25 -21.05
C SER C 319 -12.78 18.70 -20.76
N THR C 320 -14.05 18.97 -20.84
CA THR C 320 -14.62 20.30 -20.80
C THR C 320 -14.37 21.04 -19.50
N MET C 321 -13.86 20.38 -18.47
CA MET C 321 -13.81 20.95 -17.13
C MET C 321 -12.42 20.86 -16.39
N LYS C 322 -12.15 21.93 -15.60
CA LYS C 322 -10.79 22.19 -15.11
C LYS C 322 -10.58 21.23 -13.95
N ILE C 323 -9.51 20.42 -14.04
CA ILE C 323 -9.02 19.62 -12.89
C ILE C 323 -7.75 20.21 -12.27
N LYS C 324 -7.88 21.14 -11.35
CA LYS C 324 -6.71 21.63 -10.58
C LYS C 324 -6.44 20.65 -9.44
N ILE C 325 -5.22 20.26 -9.28
CA ILE C 325 -4.80 19.42 -8.13
C ILE C 325 -4.03 20.35 -7.22
N ILE C 326 -4.39 20.36 -5.96
CA ILE C 326 -3.67 21.18 -4.93
C ILE C 326 -2.80 20.22 -4.06
N ALA C 327 -1.49 20.25 -4.28
CA ALA C 327 -0.57 19.53 -3.40
C ALA C 327 0.42 20.57 -2.84
N PRO C 328 0.13 21.13 -1.66
CA PRO C 328 0.97 22.10 -1.01
C PRO C 328 2.24 21.46 -0.47
N PRO C 329 3.40 22.16 -0.54
CA PRO C 329 4.57 21.69 0.26
C PRO C 329 4.31 21.66 1.75
N GLU C 330 5.04 20.82 2.50
CA GLU C 330 4.65 20.59 3.91
C GLU C 330 3.31 19.82 3.97
N ARG C 331 3.05 19.02 2.96
CA ARG C 331 1.83 18.17 2.96
C ARG C 331 1.95 16.87 3.84
N LYS C 332 3.19 16.41 4.09
CA LYS C 332 3.38 15.28 4.98
C LYS C 332 2.83 15.58 6.38
N TYR C 333 2.84 16.82 6.81
CA TYR C 333 2.37 17.23 8.11
C TYR C 333 0.99 17.88 8.06
N SER C 334 0.27 17.75 6.94
CA SER C 334 -1.08 18.24 6.76
C SER C 334 -2.08 17.73 7.81
N VAL C 335 -1.96 16.46 8.15
CA VAL C 335 -2.93 15.88 9.10
C VAL C 335 -2.66 16.49 10.49
N TRP C 336 -1.41 16.70 10.83
CA TRP C 336 -1.06 17.16 12.14
C TRP C 336 -1.40 18.68 12.31
N ILE C 337 -1.14 19.48 11.28
CA ILE C 337 -1.54 20.85 11.18
C ILE C 337 -3.05 21.05 11.34
N GLY C 338 -3.79 20.14 10.74
CA GLY C 338 -5.25 20.14 10.78
C GLY C 338 -5.75 19.75 12.14
N GLY C 339 -5.02 18.86 12.84
CA GLY C 339 -5.35 18.49 14.21
C GLY C 339 -5.04 19.74 15.10
N SER C 340 -3.97 20.43 14.86
CA SER C 340 -3.64 21.61 15.59
C SER C 340 -4.76 22.71 15.48
N ILE C 341 -4.95 23.16 14.25
CA ILE C 341 -5.97 24.13 13.94
C ILE C 341 -7.33 23.73 14.47
N LEU C 342 -7.74 22.47 14.42
CA LEU C 342 -8.99 22.04 14.98
C LEU C 342 -9.03 22.15 16.49
N ALA C 343 -7.93 21.80 17.18
CA ALA C 343 -7.87 21.97 18.60
C ALA C 343 -7.88 23.39 19.09
N SER C 344 -7.51 24.38 18.23
CA SER C 344 -7.48 25.77 18.58
C SER C 344 -8.87 26.47 18.37
N LEU C 345 -9.75 25.85 17.53
CA LEU C 345 -11.13 26.28 17.35
C LEU C 345 -11.96 26.04 18.63
N SER C 346 -12.60 27.13 19.04
CA SER C 346 -13.45 27.17 20.18
C SER C 346 -14.79 26.45 20.00
N THR C 347 -15.17 26.26 18.72
CA THR C 347 -16.51 25.70 18.49
C THR C 347 -16.46 24.15 18.57
N PHE C 348 -15.25 23.63 18.47
CA PHE C 348 -14.88 22.27 18.70
C PHE C 348 -14.76 21.86 20.15
N GLN C 349 -14.52 22.76 21.08
CA GLN C 349 -14.31 22.39 22.46
C GLN C 349 -15.51 21.63 23.11
N GLN C 350 -16.75 21.95 22.75
CA GLN C 350 -17.89 21.14 23.16
C GLN C 350 -17.73 19.64 22.73
N MET C 351 -17.01 19.29 21.63
CA MET C 351 -16.99 17.95 21.08
C MET C 351 -15.96 17.03 21.73
N TRP C 352 -15.17 17.49 22.70
CA TRP C 352 -14.21 16.60 23.36
C TRP C 352 -15.03 15.56 24.14
N ILE C 353 -14.61 14.28 24.21
CA ILE C 353 -15.32 13.25 24.97
C ILE C 353 -14.66 13.31 26.40
N SER C 354 -15.43 13.60 27.42
CA SER C 354 -14.86 13.83 28.78
C SER C 354 -14.64 12.52 29.50
N LYS C 355 -13.66 12.52 30.38
CA LYS C 355 -13.21 11.31 31.11
C LYS C 355 -14.48 10.74 31.86
N GLN C 356 -15.15 11.66 32.49
CA GLN C 356 -16.44 11.46 33.08
C GLN C 356 -17.49 10.96 32.13
N GLU C 357 -17.71 11.52 30.97
CA GLU C 357 -18.75 11.10 30.06
C GLU C 357 -18.47 9.71 29.45
N TYR C 358 -17.22 9.38 29.40
CA TYR C 358 -16.75 8.07 29.07
C TYR C 358 -17.05 7.04 30.14
N ASP C 359 -16.67 7.27 31.41
CA ASP C 359 -16.95 6.29 32.40
C ASP C 359 -18.43 5.98 32.54
N GLU C 360 -19.31 6.96 32.53
CA GLU C 360 -20.73 6.78 32.62
C GLU C 360 -21.43 6.25 31.36
N ALA C 361 -21.06 6.73 30.17
CA ALA C 361 -21.75 6.40 28.95
C ALA C 361 -21.19 5.16 28.17
N GLY C 362 -19.93 4.82 28.33
CA GLY C 362 -19.45 3.54 27.90
C GLY C 362 -18.30 3.68 26.93
N PRO C 363 -17.96 2.54 26.27
CA PRO C 363 -17.13 2.63 25.06
C PRO C 363 -17.90 2.94 23.78
N SER C 364 -19.21 2.72 23.75
CA SER C 364 -20.04 2.93 22.60
C SER C 364 -20.22 4.40 22.18
N ILE C 365 -19.83 5.37 23.02
CA ILE C 365 -19.99 6.76 22.72
C ILE C 365 -18.81 7.49 22.04
N VAL C 366 -17.80 6.78 21.56
CA VAL C 366 -16.76 7.33 20.73
C VAL C 366 -17.23 7.69 19.29
N HIS C 367 -18.22 6.95 18.84
CA HIS C 367 -18.79 7.05 17.50
C HIS C 367 -19.98 8.07 17.43
N THR D 1 -40.93 -28.51 -32.32
CA THR D 1 -40.24 -27.22 -32.30
C THR D 1 -39.98 -26.57 -30.96
N THR D 2 -40.94 -26.65 -30.03
CA THR D 2 -40.92 -26.04 -28.70
C THR D 2 -40.48 -24.60 -28.58
N ALA D 3 -39.79 -24.23 -27.48
CA ALA D 3 -39.19 -22.91 -27.38
C ALA D 3 -38.16 -22.84 -26.29
N LEU D 4 -37.24 -21.88 -26.40
CA LEU D 4 -36.20 -21.64 -25.37
C LEU D 4 -36.64 -20.42 -24.57
N VAL D 5 -36.55 -20.52 -23.26
CA VAL D 5 -36.86 -19.35 -22.41
C VAL D 5 -35.53 -19.01 -21.75
N CYS D 6 -35.03 -17.81 -21.95
CA CYS D 6 -33.75 -17.33 -21.42
C CYS D 6 -34.02 -16.10 -20.54
N ASP D 7 -33.84 -16.26 -19.23
CA ASP D 7 -33.92 -15.20 -18.25
C ASP D 7 -32.55 -14.64 -17.94
N ASN D 8 -32.23 -13.50 -18.61
CA ASN D 8 -30.95 -12.83 -18.51
C ASN D 8 -31.07 -11.69 -17.48
N GLY D 9 -30.81 -11.97 -16.21
CA GLY D 9 -30.74 -10.87 -15.21
C GLY D 9 -29.27 -10.76 -14.86
N SER D 10 -28.88 -9.68 -14.22
CA SER D 10 -27.50 -9.56 -13.75
C SER D 10 -27.38 -10.64 -12.67
N GLY D 11 -26.22 -11.24 -12.54
CA GLY D 11 -25.91 -12.26 -11.52
C GLY D 11 -26.25 -13.70 -11.82
N LEU D 12 -27.32 -14.05 -12.46
CA LEU D 12 -27.72 -15.38 -12.83
C LEU D 12 -28.43 -15.46 -14.17
N VAL D 13 -28.01 -16.43 -15.03
CA VAL D 13 -28.77 -16.69 -16.27
C VAL D 13 -29.61 -17.92 -15.97
N LYS D 14 -30.93 -17.90 -16.13
CA LYS D 14 -31.78 -19.05 -15.99
C LYS D 14 -32.27 -19.41 -17.36
N ALA D 15 -31.90 -20.57 -17.91
CA ALA D 15 -32.36 -20.89 -19.26
C ALA D 15 -32.83 -22.35 -19.36
N GLY D 16 -33.67 -22.59 -20.33
CA GLY D 16 -34.22 -23.91 -20.52
C GLY D 16 -35.35 -23.92 -21.51
N PHE D 17 -35.84 -25.12 -21.78
CA PHE D 17 -36.93 -25.33 -22.68
C PHE D 17 -38.25 -24.90 -22.09
N ALA D 18 -39.08 -24.36 -22.94
CA ALA D 18 -40.47 -24.01 -22.55
C ALA D 18 -41.33 -25.19 -22.27
N GLY D 19 -42.40 -24.97 -21.48
CA GLY D 19 -43.29 -26.06 -21.10
C GLY D 19 -42.74 -26.92 -19.93
N ASP D 20 -41.66 -26.58 -19.29
CA ASP D 20 -41.03 -27.30 -18.23
C ASP D 20 -41.15 -26.54 -16.88
N ASP D 21 -40.97 -27.24 -15.78
CA ASP D 21 -41.26 -26.68 -14.44
C ASP D 21 -40.13 -25.80 -13.87
N ALA D 22 -38.90 -26.02 -14.26
CA ALA D 22 -37.75 -25.23 -13.82
C ALA D 22 -36.76 -25.10 -14.99
N PRO D 23 -35.87 -24.13 -14.86
CA PRO D 23 -34.77 -23.97 -15.83
C PRO D 23 -33.75 -25.10 -15.55
N ARG D 24 -33.22 -25.68 -16.62
CA ARG D 24 -32.09 -26.62 -16.50
C ARG D 24 -30.74 -25.96 -16.22
N ALA D 25 -30.33 -25.04 -17.05
CA ALA D 25 -29.04 -24.37 -16.83
C ALA D 25 -29.21 -23.13 -15.99
N VAL D 26 -28.62 -23.06 -14.79
CA VAL D 26 -28.69 -21.89 -13.93
C VAL D 26 -27.27 -21.59 -13.53
N PHE D 27 -26.67 -20.58 -14.10
CA PHE D 27 -25.29 -20.27 -13.66
C PHE D 27 -25.07 -18.79 -13.67
N PRO D 28 -23.97 -18.32 -13.03
CA PRO D 28 -23.74 -16.90 -12.89
C PRO D 28 -23.37 -16.22 -14.19
N SER D 29 -23.78 -14.99 -14.48
CA SER D 29 -23.36 -14.23 -15.65
C SER D 29 -22.04 -13.56 -15.36
N ILE D 30 -20.97 -14.34 -15.44
CA ILE D 30 -19.65 -13.81 -15.22
C ILE D 30 -18.74 -14.29 -16.36
N VAL D 31 -17.82 -13.41 -16.68
CA VAL D 31 -16.80 -13.64 -17.70
C VAL D 31 -15.45 -13.46 -17.00
N GLY D 32 -14.88 -14.54 -16.51
CA GLY D 32 -13.58 -14.55 -15.86
C GLY D 32 -12.42 -14.38 -16.82
N ARG D 33 -11.46 -13.53 -16.48
CA ARG D 33 -10.23 -13.37 -17.31
C ARG D 33 -9.05 -13.49 -16.34
N PRO D 34 -7.97 -14.18 -16.71
CA PRO D 34 -6.89 -14.40 -15.76
C PRO D 34 -6.23 -13.08 -15.35
N ARG D 35 -5.94 -12.94 -14.04
CA ARG D 35 -5.46 -11.63 -13.52
C ARG D 35 -3.96 -11.69 -13.75
N HIS D 36 -3.39 -12.81 -13.25
CA HIS D 36 -1.93 -12.98 -13.45
C HIS D 36 -1.59 -13.79 -14.71
N GLN D 37 -0.65 -13.24 -15.50
CA GLN D 37 -0.25 -13.92 -16.74
C GLN D 37 0.51 -15.20 -16.30
N GLY D 38 0.03 -16.37 -16.74
CA GLY D 38 0.48 -17.66 -16.28
C GLY D 38 1.54 -18.34 -17.15
N VAL D 39 2.65 -18.70 -16.55
CA VAL D 39 3.75 -19.38 -17.26
C VAL D 39 3.68 -20.87 -16.96
N MET D 40 2.98 -21.59 -17.85
CA MET D 40 3.05 -23.05 -18.01
C MET D 40 2.97 -23.36 -19.52
N VAL D 41 3.08 -24.62 -19.90
CA VAL D 41 2.79 -25.05 -21.29
C VAL D 41 1.83 -26.21 -21.19
N GLY D 42 0.69 -26.20 -21.91
CA GLY D 42 -0.39 -27.11 -21.58
C GLY D 42 -1.58 -26.57 -20.84
N MET D 43 -1.33 -25.86 -19.72
CA MET D 43 -2.41 -25.20 -19.02
C MET D 43 -3.46 -24.64 -19.97
N GLY D 44 -4.71 -24.51 -19.58
CA GLY D 44 -5.71 -23.75 -20.37
C GLY D 44 -5.52 -23.79 -21.87
N GLN D 45 -5.07 -22.74 -22.58
CA GLN D 45 -4.61 -21.41 -22.11
C GLN D 45 -5.79 -20.48 -21.66
N LYS D 46 -6.95 -20.74 -22.22
CA LYS D 46 -8.26 -20.30 -21.80
C LYS D 46 -8.43 -18.81 -21.50
N ASP D 47 -8.25 -18.03 -22.57
CA ASP D 47 -8.15 -16.57 -22.41
C ASP D 47 -9.38 -16.03 -21.72
N SER D 48 -10.51 -16.71 -21.91
CA SER D 48 -11.76 -16.31 -21.30
C SER D 48 -12.41 -17.51 -20.62
N TYR D 49 -12.93 -17.30 -19.42
CA TYR D 49 -13.68 -18.25 -18.68
C TYR D 49 -15.09 -17.69 -18.53
N VAL D 50 -16.09 -18.54 -18.48
CA VAL D 50 -17.50 -18.10 -18.41
C VAL D 50 -18.39 -18.94 -17.51
N GLY D 51 -19.25 -18.24 -16.73
CA GLY D 51 -20.24 -18.95 -15.89
C GLY D 51 -19.71 -19.70 -14.71
N ASP D 52 -20.27 -20.86 -14.43
CA ASP D 52 -19.88 -21.68 -13.29
C ASP D 52 -18.39 -22.06 -13.30
N GLU D 53 -17.84 -22.29 -14.47
CA GLU D 53 -16.42 -22.49 -14.72
C GLU D 53 -15.60 -21.34 -14.15
N ALA D 54 -15.94 -20.09 -14.37
CA ALA D 54 -15.28 -18.93 -13.78
C ALA D 54 -15.38 -18.95 -12.25
N GLN D 55 -16.47 -19.46 -11.73
CA GLN D 55 -16.67 -19.67 -10.31
C GLN D 55 -15.71 -20.72 -9.70
N SER D 56 -15.39 -21.74 -10.48
CA SER D 56 -14.43 -22.74 -10.07
C SER D 56 -13.03 -22.14 -9.82
N LYS D 57 -12.65 -21.18 -10.63
CA LYS D 57 -11.34 -20.53 -10.54
C LYS D 57 -11.43 -18.98 -10.31
N ARG D 58 -11.93 -18.58 -9.20
CA ARG D 58 -12.01 -17.19 -8.84
C ARG D 58 -10.65 -16.59 -8.44
N GLY D 59 -9.78 -17.30 -7.78
CA GLY D 59 -8.58 -16.73 -7.24
C GLY D 59 -7.54 -16.39 -8.35
N ILE D 60 -7.68 -16.96 -9.50
CA ILE D 60 -6.89 -16.58 -10.66
C ILE D 60 -7.60 -15.46 -11.37
N LEU D 61 -8.92 -15.51 -11.52
CA LEU D 61 -9.66 -14.70 -12.46
C LEU D 61 -10.19 -13.42 -11.86
N THR D 62 -10.29 -12.42 -12.72
CA THR D 62 -10.96 -11.15 -12.47
C THR D 62 -12.39 -11.36 -12.96
N LEU D 63 -13.37 -11.37 -12.08
CA LEU D 63 -14.73 -11.59 -12.52
C LEU D 63 -15.35 -10.31 -12.99
N LYS D 64 -16.17 -10.43 -14.03
CA LYS D 64 -16.73 -9.23 -14.63
C LYS D 64 -18.15 -9.50 -15.01
N TYR D 65 -19.11 -8.99 -14.25
CA TYR D 65 -20.52 -8.99 -14.67
C TYR D 65 -20.73 -8.19 -15.99
N PRO D 66 -21.17 -8.82 -17.08
CA PRO D 66 -21.41 -8.10 -18.30
C PRO D 66 -22.62 -7.24 -18.26
N ILE D 67 -23.49 -7.39 -17.22
CA ILE D 67 -24.79 -6.69 -17.22
C ILE D 67 -24.95 -6.01 -15.86
N GLU D 68 -25.16 -4.70 -15.86
CA GLU D 68 -25.22 -3.84 -14.68
C GLU D 68 -26.46 -2.99 -14.52
N HIS D 69 -27.28 -3.29 -13.49
CA HIS D 69 -28.55 -2.66 -13.31
C HIS D 69 -29.44 -2.88 -14.52
N GLY D 70 -29.48 -4.06 -15.07
CA GLY D 70 -30.36 -4.40 -16.19
C GLY D 70 -29.81 -3.97 -17.56
N ILE D 71 -28.98 -2.96 -17.65
CA ILE D 71 -28.39 -2.39 -18.84
C ILE D 71 -27.19 -3.29 -19.21
N ILE D 72 -27.00 -3.56 -20.51
CA ILE D 72 -25.85 -4.39 -20.96
C ILE D 72 -24.65 -3.46 -21.11
N THR D 73 -23.56 -3.72 -20.36
CA THR D 73 -22.43 -2.81 -20.27
C THR D 73 -21.41 -3.21 -21.36
N ASN D 74 -21.17 -4.50 -21.54
CA ASN D 74 -20.14 -5.04 -22.42
C ASN D 74 -20.79 -6.19 -23.24
N TRP D 75 -20.87 -5.99 -24.53
CA TRP D 75 -21.70 -6.72 -25.45
C TRP D 75 -21.08 -8.07 -25.82
N ASP D 76 -19.80 -8.06 -26.17
CA ASP D 76 -19.12 -9.28 -26.48
C ASP D 76 -18.99 -10.23 -25.34
N ASP D 77 -19.03 -9.80 -24.07
CA ASP D 77 -19.10 -10.63 -22.91
C ASP D 77 -20.46 -11.36 -22.77
N MET D 78 -21.57 -10.61 -22.75
CA MET D 78 -22.86 -11.09 -22.99
C MET D 78 -22.93 -12.17 -24.05
N GLU D 79 -22.49 -11.89 -25.24
CA GLU D 79 -22.45 -12.83 -26.38
C GLU D 79 -21.78 -14.11 -25.98
N LYS D 80 -20.64 -14.07 -25.29
CA LYS D 80 -19.97 -15.22 -24.77
C LYS D 80 -20.82 -16.09 -23.83
N ILE D 81 -21.44 -15.45 -22.85
CA ILE D 81 -22.38 -16.14 -21.99
C ILE D 81 -23.53 -16.78 -22.75
N TRP D 82 -24.09 -16.10 -23.77
CA TRP D 82 -25.17 -16.73 -24.52
C TRP D 82 -24.64 -17.96 -25.28
N HIS D 83 -23.53 -17.77 -25.98
CA HIS D 83 -22.93 -18.85 -26.77
C HIS D 83 -22.57 -20.03 -25.88
N HIS D 84 -22.08 -19.77 -24.70
CA HIS D 84 -21.81 -20.85 -23.75
C HIS D 84 -23.10 -21.48 -23.26
N THR D 85 -24.12 -20.69 -23.05
CA THR D 85 -25.41 -21.14 -22.55
C THR D 85 -26.10 -22.12 -23.55
N PHE D 86 -26.07 -21.82 -24.80
CA PHE D 86 -26.64 -22.57 -25.85
C PHE D 86 -25.94 -23.90 -26.18
N TYR D 87 -24.65 -23.85 -26.44
CA TYR D 87 -23.93 -25.02 -26.91
C TYR D 87 -23.34 -25.92 -25.80
N ASN D 88 -22.94 -25.38 -24.66
CA ASN D 88 -22.37 -26.06 -23.56
C ASN D 88 -23.28 -26.46 -22.43
N GLU D 89 -24.56 -26.04 -22.38
CA GLU D 89 -25.50 -26.40 -21.36
C GLU D 89 -26.84 -26.96 -21.87
N LEU D 90 -27.44 -26.22 -22.80
CA LEU D 90 -28.70 -26.64 -23.39
C LEU D 90 -28.53 -27.52 -24.65
N ARG D 91 -27.36 -27.47 -25.24
CA ARG D 91 -26.91 -28.33 -26.28
C ARG D 91 -27.67 -28.25 -27.59
N VAL D 92 -27.91 -27.02 -28.00
CA VAL D 92 -28.98 -26.76 -28.98
C VAL D 92 -28.59 -25.70 -30.02
N ALA D 93 -28.93 -25.96 -31.28
CA ALA D 93 -28.78 -24.99 -32.33
C ALA D 93 -29.97 -24.07 -32.20
N PRO D 94 -29.77 -22.77 -32.02
CA PRO D 94 -30.83 -21.79 -31.94
C PRO D 94 -31.73 -21.64 -33.15
N GLU D 95 -31.34 -22.12 -34.29
CA GLU D 95 -32.07 -22.16 -35.52
C GLU D 95 -33.23 -23.18 -35.57
N GLU D 96 -33.31 -24.04 -34.54
CA GLU D 96 -34.36 -24.99 -34.34
C GLU D 96 -35.48 -24.51 -33.43
N HIS D 97 -35.33 -23.36 -32.79
CA HIS D 97 -36.26 -22.95 -31.70
C HIS D 97 -36.50 -21.42 -31.65
N PRO D 98 -37.75 -20.97 -31.55
CA PRO D 98 -38.00 -19.58 -31.18
C PRO D 98 -37.52 -19.38 -29.74
N THR D 99 -37.08 -18.18 -29.42
CA THR D 99 -36.43 -17.91 -28.13
C THR D 99 -37.06 -16.68 -27.51
N LEU D 100 -37.56 -16.83 -26.29
CA LEU D 100 -38.17 -15.78 -25.49
C LEU D 100 -37.12 -15.25 -24.52
N LEU D 101 -36.79 -13.95 -24.62
CA LEU D 101 -35.84 -13.30 -23.77
C LEU D 101 -36.53 -12.34 -22.84
N THR D 102 -35.79 -11.96 -21.81
CA THR D 102 -36.35 -11.17 -20.69
C THR D 102 -35.59 -9.85 -20.55
N GLU D 103 -36.22 -8.89 -19.89
CA GLU D 103 -35.55 -7.60 -19.59
C GLU D 103 -36.36 -6.86 -18.60
N ALA D 104 -35.68 -5.98 -17.87
CA ALA D 104 -36.36 -5.11 -16.90
C ALA D 104 -37.20 -4.05 -17.56
N PRO D 105 -38.30 -3.57 -16.92
CA PRO D 105 -39.02 -2.43 -17.47
C PRO D 105 -38.26 -1.12 -17.42
N LEU D 106 -38.66 -0.12 -18.21
CA LEU D 106 -38.10 1.25 -18.16
C LEU D 106 -36.62 1.34 -18.53
N ASN D 107 -36.17 0.46 -19.41
CA ASN D 107 -34.75 0.07 -19.62
C ASN D 107 -34.40 0.67 -20.96
N PRO D 108 -33.16 1.22 -21.15
CA PRO D 108 -32.82 1.88 -22.39
C PRO D 108 -33.03 1.10 -23.68
N LYS D 109 -33.42 1.75 -24.76
CA LYS D 109 -33.90 1.14 -26.00
C LYS D 109 -32.73 0.33 -26.59
N ALA D 110 -31.50 0.77 -26.34
CA ALA D 110 -30.35 0.02 -26.78
C ALA D 110 -30.33 -1.45 -26.42
N ASN D 111 -30.92 -1.88 -25.31
CA ASN D 111 -30.87 -3.24 -24.87
C ASN D 111 -31.79 -4.12 -25.73
N ARG D 112 -32.99 -3.67 -26.04
CA ARG D 112 -33.91 -4.43 -26.88
C ARG D 112 -33.30 -4.58 -28.31
N GLU D 113 -32.88 -3.47 -28.87
CA GLU D 113 -32.54 -3.35 -30.27
C GLU D 113 -31.23 -4.09 -30.59
N LYS D 114 -30.25 -3.99 -29.71
CA LYS D 114 -28.96 -4.71 -29.85
C LYS D 114 -29.14 -6.18 -29.54
N MET D 115 -29.91 -6.51 -28.48
CA MET D 115 -30.20 -7.86 -28.10
C MET D 115 -30.78 -8.68 -29.30
N THR D 116 -31.85 -8.08 -29.87
CA THR D 116 -32.56 -8.67 -30.99
C THR D 116 -31.66 -8.84 -32.20
N GLN D 117 -30.75 -7.90 -32.40
CA GLN D 117 -29.80 -7.90 -33.49
C GLN D 117 -28.77 -9.03 -33.36
N ILE D 118 -28.31 -9.25 -32.15
CA ILE D 118 -27.48 -10.35 -31.79
C ILE D 118 -28.14 -11.72 -31.99
N MET D 119 -29.39 -11.89 -31.56
CA MET D 119 -30.07 -13.10 -31.67
C MET D 119 -30.41 -13.51 -33.09
N PHE D 120 -30.75 -12.55 -33.95
CA PHE D 120 -31.04 -12.85 -35.33
C PHE D 120 -29.74 -13.04 -36.17
N GLU D 121 -28.82 -12.08 -36.08
CA GLU D 121 -27.61 -12.07 -36.88
C GLU D 121 -26.53 -13.08 -36.42
N THR D 122 -26.24 -13.14 -35.16
CA THR D 122 -25.05 -13.86 -34.67
C THR D 122 -25.40 -15.36 -34.38
N PHE D 123 -26.38 -15.59 -33.55
CA PHE D 123 -27.06 -16.89 -33.46
C PHE D 123 -28.08 -16.58 -34.57
N ASN D 124 -28.67 -17.60 -35.17
CA ASN D 124 -29.78 -17.38 -36.11
C ASN D 124 -31.02 -18.01 -35.49
N VAL D 125 -32.08 -17.19 -35.34
CA VAL D 125 -33.26 -17.63 -34.54
C VAL D 125 -34.48 -17.47 -35.44
N PRO D 126 -35.42 -18.46 -35.51
CA PRO D 126 -36.50 -18.35 -36.45
C PRO D 126 -37.46 -17.27 -35.99
N ALA D 127 -37.54 -17.06 -34.72
CA ALA D 127 -38.34 -15.97 -34.14
C ALA D 127 -38.00 -15.81 -32.65
N MET D 128 -38.25 -14.61 -32.14
CA MET D 128 -37.99 -14.34 -30.72
C MET D 128 -38.91 -13.24 -30.21
N TYR D 129 -38.84 -13.00 -28.90
CA TYR D 129 -39.69 -12.05 -28.20
C TYR D 129 -38.93 -11.56 -26.97
N VAL D 130 -39.08 -10.28 -26.56
CA VAL D 130 -38.49 -9.81 -25.34
C VAL D 130 -39.60 -9.24 -24.48
N ALA D 131 -39.68 -9.75 -23.23
CA ALA D 131 -40.88 -9.51 -22.41
C ALA D 131 -40.43 -8.71 -21.16
N ILE D 132 -41.34 -8.04 -20.52
CA ILE D 132 -41.18 -7.39 -19.22
C ILE D 132 -41.22 -8.43 -18.08
N GLN D 133 -40.21 -8.44 -17.20
CA GLN D 133 -40.08 -9.41 -16.16
C GLN D 133 -41.31 -9.61 -15.27
N ALA D 134 -41.91 -8.52 -14.82
CA ALA D 134 -42.94 -8.58 -13.79
C ALA D 134 -44.20 -9.29 -14.29
N VAL D 135 -44.54 -9.10 -15.53
CA VAL D 135 -45.66 -9.79 -16.21
C VAL D 135 -45.43 -11.30 -16.23
N LEU D 136 -44.21 -11.76 -16.49
CA LEU D 136 -43.84 -13.14 -16.44
C LEU D 136 -44.01 -13.71 -15.02
N SER D 137 -43.52 -13.06 -14.01
CA SER D 137 -43.77 -13.39 -12.63
C SER D 137 -45.24 -13.49 -12.29
N LEU D 138 -46.04 -12.55 -12.73
CA LEU D 138 -47.47 -12.58 -12.57
C LEU D 138 -48.17 -13.76 -13.22
N TYR D 139 -47.77 -14.23 -14.40
CA TYR D 139 -48.23 -15.47 -14.95
C TYR D 139 -47.86 -16.73 -14.15
N ALA D 140 -46.64 -16.73 -13.63
CA ALA D 140 -46.15 -17.75 -12.73
C ALA D 140 -47.02 -17.85 -11.45
N SER D 141 -47.57 -16.77 -11.00
CA SER D 141 -48.39 -16.79 -9.76
C SER D 141 -49.71 -17.51 -10.01
N GLY D 142 -50.14 -17.47 -11.30
CA GLY D 142 -51.43 -18.00 -11.72
C GLY D 142 -52.58 -17.00 -11.62
N ARG D 143 -52.27 -15.73 -11.78
CA ARG D 143 -53.15 -14.62 -11.44
C ARG D 143 -53.06 -13.50 -12.49
N THR D 144 -54.12 -12.72 -12.59
CA THR D 144 -54.24 -11.70 -13.61
C THR D 144 -54.10 -10.28 -13.07
N THR D 145 -54.21 -10.09 -11.78
CA THR D 145 -54.27 -8.82 -11.11
C THR D 145 -53.29 -8.82 -9.90
N GLY D 146 -52.52 -7.72 -9.80
CA GLY D 146 -51.59 -7.64 -8.71
C GLY D 146 -50.47 -6.63 -8.93
N ILE D 147 -49.75 -6.27 -7.92
CA ILE D 147 -48.65 -5.33 -8.10
C ILE D 147 -47.41 -6.14 -7.79
N VAL D 148 -46.56 -6.27 -8.80
CA VAL D 148 -45.35 -7.11 -8.65
C VAL D 148 -44.16 -6.36 -8.14
N LEU D 149 -43.47 -6.81 -7.07
CA LEU D 149 -42.18 -6.28 -6.70
C LEU D 149 -41.15 -7.31 -7.11
N ASP D 150 -40.32 -7.00 -8.15
CA ASP D 150 -39.28 -7.94 -8.59
C ASP D 150 -37.94 -7.40 -8.27
N SER D 151 -37.27 -7.95 -7.30
CA SER D 151 -35.90 -7.55 -6.88
C SER D 151 -34.86 -8.64 -7.25
N GLY D 152 -34.01 -8.36 -8.22
CA GLY D 152 -33.00 -9.23 -8.72
C GLY D 152 -31.68 -8.68 -8.25
N ASP D 153 -30.62 -8.91 -8.99
CA ASP D 153 -29.32 -8.47 -8.53
C ASP D 153 -29.12 -7.04 -9.01
N GLY D 154 -29.56 -6.76 -10.24
CA GLY D 154 -29.31 -5.39 -10.74
C GLY D 154 -30.33 -4.36 -10.25
N VAL D 155 -31.60 -4.74 -10.16
CA VAL D 155 -32.67 -3.74 -10.16
C VAL D 155 -33.89 -4.30 -9.46
N THR D 156 -34.72 -3.41 -8.92
CA THR D 156 -35.95 -3.70 -8.24
C THR D 156 -37.06 -2.93 -8.99
N HIS D 157 -38.19 -3.60 -9.26
CA HIS D 157 -39.33 -2.99 -9.90
C HIS D 157 -40.60 -3.06 -9.08
N ASN D 158 -41.46 -2.13 -9.35
CA ASN D 158 -42.82 -2.29 -9.02
C ASN D 158 -43.55 -2.15 -10.30
N VAL D 159 -44.37 -3.15 -10.70
CA VAL D 159 -45.29 -3.04 -11.83
C VAL D 159 -46.73 -3.42 -11.42
N PRO D 160 -47.60 -2.42 -11.25
CA PRO D 160 -49.03 -2.71 -11.03
C PRO D 160 -49.72 -3.16 -12.27
N ILE D 161 -50.56 -4.18 -12.16
CA ILE D 161 -51.23 -4.79 -13.30
C ILE D 161 -52.71 -5.01 -12.88
N TYR D 162 -53.69 -4.53 -13.66
CA TYR D 162 -55.07 -4.68 -13.29
C TYR D 162 -55.84 -5.45 -14.32
N GLU D 163 -56.37 -6.65 -13.98
CA GLU D 163 -57.24 -7.44 -14.85
C GLU D 163 -56.57 -7.60 -16.22
N GLY D 164 -55.36 -8.18 -16.27
CA GLY D 164 -54.53 -8.06 -17.49
C GLY D 164 -54.01 -6.64 -17.50
N TYR D 165 -54.14 -6.02 -18.69
CA TYR D 165 -53.69 -4.62 -18.82
C TYR D 165 -52.42 -4.34 -18.06
N ALA D 166 -52.16 -3.05 -17.87
CA ALA D 166 -50.98 -2.60 -17.17
C ALA D 166 -51.15 -1.11 -16.84
N LEU D 167 -50.24 -0.49 -16.05
CA LEU D 167 -50.32 0.96 -15.84
C LEU D 167 -48.91 1.46 -15.99
N PRO D 168 -48.48 1.83 -17.18
CA PRO D 168 -47.11 2.32 -17.37
C PRO D 168 -46.71 3.53 -16.59
N HIS D 169 -47.62 4.48 -16.32
CA HIS D 169 -47.30 5.65 -15.54
C HIS D 169 -47.10 5.42 -14.04
N ALA D 170 -47.37 4.27 -13.48
CA ALA D 170 -47.14 3.84 -12.13
C ALA D 170 -45.97 2.82 -11.96
N ILE D 171 -45.35 2.44 -13.06
CA ILE D 171 -44.21 1.55 -13.03
C ILE D 171 -42.99 2.32 -12.43
N MET D 172 -42.29 1.68 -11.48
CA MET D 172 -41.27 2.41 -10.75
C MET D 172 -40.13 1.46 -10.61
N ARG D 173 -38.98 1.87 -11.07
CA ARG D 173 -37.78 1.10 -10.96
C ARG D 173 -36.89 1.80 -9.99
N LEU D 174 -35.99 1.03 -9.43
CA LEU D 174 -35.18 1.48 -8.32
C LEU D 174 -33.87 0.67 -8.43
N ASP D 175 -32.68 1.23 -8.48
CA ASP D 175 -31.41 0.45 -8.41
C ASP D 175 -31.00 0.18 -6.96
N LEU D 176 -31.67 -0.80 -6.38
CA LEU D 176 -31.21 -1.47 -5.17
C LEU D 176 -31.45 -2.95 -5.29
N ALA D 177 -30.50 -3.79 -4.99
CA ALA D 177 -30.51 -5.15 -5.39
C ALA D 177 -29.30 -5.86 -4.82
N GLY D 178 -29.28 -7.17 -5.01
CA GLY D 178 -28.22 -8.06 -4.49
C GLY D 178 -26.80 -7.54 -4.67
N ARG D 179 -26.54 -6.84 -5.77
CA ARG D 179 -25.23 -6.27 -6.01
C ARG D 179 -24.93 -5.10 -5.11
N ASP D 180 -25.90 -4.22 -4.90
CA ASP D 180 -25.72 -3.08 -3.97
C ASP D 180 -25.64 -3.56 -2.53
N LEU D 181 -26.43 -4.56 -2.18
CA LEU D 181 -26.47 -5.09 -0.85
C LEU D 181 -25.21 -5.88 -0.53
N THR D 182 -24.59 -6.52 -1.48
CA THR D 182 -23.35 -7.19 -1.30
C THR D 182 -22.23 -6.22 -1.04
N ASP D 183 -22.13 -5.13 -1.78
CA ASP D 183 -21.15 -4.09 -1.55
C ASP D 183 -21.41 -3.40 -0.22
N TYR D 184 -22.62 -3.07 0.10
CA TYR D 184 -22.92 -2.57 1.43
C TYR D 184 -22.55 -3.50 2.55
N LEU D 185 -22.71 -4.80 2.36
CA LEU D 185 -22.27 -5.80 3.35
C LEU D 185 -20.74 -5.90 3.36
N MET D 186 -20.03 -5.68 2.26
CA MET D 186 -18.61 -5.47 2.28
C MET D 186 -18.11 -4.41 3.29
N LYS D 187 -18.48 -3.15 3.08
CA LYS D 187 -18.04 -2.07 3.89
C LYS D 187 -18.55 -2.15 5.32
N ILE D 188 -19.74 -2.65 5.56
CA ILE D 188 -20.16 -2.89 6.95
C ILE D 188 -19.41 -4.06 7.62
N LEU D 189 -19.16 -5.09 6.90
CA LEU D 189 -18.29 -6.18 7.26
C LEU D 189 -16.87 -5.82 7.66
N THR D 190 -16.28 -4.85 7.02
CA THR D 190 -14.95 -4.44 7.28
C THR D 190 -14.79 -3.82 8.66
N GLU D 191 -15.89 -3.37 9.35
CA GLU D 191 -15.82 -2.88 10.70
C GLU D 191 -15.50 -3.94 11.72
N ARG D 192 -15.67 -5.23 11.45
CA ARG D 192 -15.15 -6.31 12.34
C ARG D 192 -13.69 -6.62 12.08
N GLY D 193 -13.14 -6.18 10.96
CA GLY D 193 -11.73 -6.37 10.64
C GLY D 193 -11.52 -7.27 9.40
N TYR D 194 -12.58 -7.75 8.83
CA TYR D 194 -12.60 -8.72 7.78
C TYR D 194 -12.53 -7.88 6.50
N SER D 195 -11.44 -7.97 5.75
CA SER D 195 -11.21 -7.11 4.60
C SER D 195 -11.37 -7.90 3.29
N PHE D 196 -12.47 -7.63 2.57
CA PHE D 196 -12.75 -8.25 1.28
C PHE D 196 -12.72 -7.18 0.22
N VAL D 197 -11.59 -7.11 -0.52
CA VAL D 197 -11.32 -6.03 -1.45
C VAL D 197 -11.69 -6.43 -2.92
N THR D 198 -11.58 -7.74 -3.25
CA THR D 198 -11.45 -8.21 -4.66
C THR D 198 -12.82 -8.74 -5.19
N THR D 199 -12.95 -8.85 -6.49
CA THR D 199 -14.12 -9.33 -7.14
C THR D 199 -14.48 -10.75 -6.68
N ALA D 200 -13.50 -11.64 -6.64
CA ALA D 200 -13.63 -12.96 -6.13
C ALA D 200 -14.20 -13.09 -4.71
N GLU D 201 -13.66 -12.30 -3.79
CA GLU D 201 -14.18 -12.15 -2.45
C GLU D 201 -15.59 -11.58 -2.42
N ARG D 202 -15.98 -10.71 -3.33
CA ARG D 202 -17.35 -10.22 -3.43
C ARG D 202 -18.34 -11.38 -3.52
N GLU D 203 -18.01 -12.35 -4.35
CA GLU D 203 -18.81 -13.57 -4.48
C GLU D 203 -18.85 -14.42 -3.21
N ILE D 204 -17.79 -14.43 -2.40
CA ILE D 204 -17.83 -15.00 -1.07
C ILE D 204 -18.86 -14.21 -0.20
N VAL D 205 -18.80 -12.89 -0.20
CA VAL D 205 -19.73 -12.17 0.64
C VAL D 205 -21.16 -12.22 0.14
N ARG D 206 -21.35 -12.41 -1.14
CA ARG D 206 -22.66 -12.79 -1.72
C ARG D 206 -23.10 -14.10 -1.09
N ASP D 207 -22.21 -15.11 -0.99
CA ASP D 207 -22.59 -16.32 -0.31
C ASP D 207 -22.99 -16.08 1.13
N ILE D 208 -22.30 -15.22 1.84
CA ILE D 208 -22.62 -14.98 3.26
C ILE D 208 -24.02 -14.41 3.37
N LYS D 209 -24.29 -13.41 2.55
CA LYS D 209 -25.57 -12.75 2.42
C LYS D 209 -26.72 -13.77 2.19
N GLU D 210 -26.50 -14.66 1.25
CA GLU D 210 -27.51 -15.62 0.82
C GLU D 210 -27.86 -16.58 1.96
N LYS D 211 -26.87 -17.10 2.69
CA LYS D 211 -27.16 -17.96 3.80
C LYS D 211 -27.67 -17.23 5.06
N LEU D 212 -26.80 -16.36 5.61
CA LEU D 212 -27.00 -15.82 6.95
C LEU D 212 -27.96 -14.65 7.12
N CYS D 213 -27.99 -13.71 6.20
CA CYS D 213 -28.70 -12.42 6.43
C CYS D 213 -30.20 -12.59 6.43
N TYR D 214 -30.91 -11.94 7.31
CA TYR D 214 -32.37 -11.99 7.39
C TYR D 214 -32.84 -10.53 7.58
N VAL D 215 -34.15 -10.32 7.31
CA VAL D 215 -34.79 -9.02 7.47
C VAL D 215 -35.58 -9.04 8.79
N ALA D 216 -35.15 -8.09 9.60
CA ALA D 216 -35.74 -7.90 10.93
C ALA D 216 -37.15 -7.38 10.83
N LEU D 217 -38.03 -7.73 11.76
CA LEU D 217 -39.39 -7.26 11.73
C LEU D 217 -39.33 -5.76 12.11
N ASP D 218 -38.77 -5.55 13.30
CA ASP D 218 -38.44 -4.22 13.74
C ASP D 218 -36.90 -4.09 13.84
N PHE D 219 -36.33 -3.04 13.27
CA PHE D 219 -34.88 -2.84 13.33
C PHE D 219 -34.34 -2.74 14.77
N GLU D 220 -35.12 -2.10 15.65
CA GLU D 220 -34.71 -1.84 17.02
C GLU D 220 -34.44 -3.13 17.81
N ASN D 221 -35.25 -4.16 17.57
CA ASN D 221 -35.02 -5.46 18.19
C ASN D 221 -33.68 -6.04 17.75
N GLU D 222 -33.34 -5.85 16.48
CA GLU D 222 -32.06 -6.30 15.94
C GLU D 222 -30.93 -5.54 16.64
N MET D 223 -31.15 -4.25 16.88
CA MET D 223 -30.17 -3.45 17.60
C MET D 223 -29.96 -3.98 19.02
N ALA D 224 -31.06 -4.38 19.67
CA ALA D 224 -30.99 -4.96 21.01
C ALA D 224 -30.21 -6.28 21.00
N THR D 225 -30.41 -7.09 19.96
CA THR D 225 -29.66 -8.33 19.82
C THR D 225 -28.18 -8.00 19.65
N ALA D 226 -27.87 -6.96 18.89
CA ALA D 226 -26.49 -6.56 18.69
C ALA D 226 -25.90 -6.18 20.04
N ALA D 227 -26.70 -5.50 20.84
CA ALA D 227 -26.30 -5.11 22.19
C ALA D 227 -25.98 -6.29 23.13
N SER D 228 -26.81 -7.36 23.12
CA SER D 228 -26.47 -8.53 23.94
C SER D 228 -26.31 -9.73 23.03
N SER D 229 -25.14 -10.39 23.03
CA SER D 229 -24.86 -11.20 21.83
C SER D 229 -25.13 -12.69 22.08
N SER D 230 -26.22 -13.19 21.49
CA SER D 230 -26.78 -14.46 21.80
C SER D 230 -27.05 -15.22 20.55
N SER D 231 -28.28 -15.20 19.98
CA SER D 231 -28.46 -15.90 18.69
C SER D 231 -28.04 -15.08 17.48
N LEU D 232 -27.86 -13.78 17.58
CA LEU D 232 -27.64 -12.94 16.43
C LEU D 232 -26.29 -13.17 15.81
N GLU D 233 -25.22 -13.33 16.57
CA GLU D 233 -23.92 -13.73 16.01
C GLU D 233 -23.84 -15.16 15.55
N LYS D 234 -23.53 -15.39 14.26
CA LYS D 234 -23.50 -16.76 13.75
C LYS D 234 -22.12 -16.97 13.18
N SER D 235 -21.66 -18.23 13.24
CA SER D 235 -20.33 -18.51 12.62
C SER D 235 -20.48 -18.87 11.15
N TYR D 236 -19.67 -18.26 10.26
CA TYR D 236 -19.64 -18.75 8.90
C TYR D 236 -18.23 -19.10 8.55
N GLU D 237 -18.05 -20.15 7.74
CA GLU D 237 -16.74 -20.60 7.34
C GLU D 237 -16.36 -20.16 5.95
N LEU D 238 -15.26 -19.48 5.72
CA LEU D 238 -14.73 -19.20 4.39
C LEU D 238 -14.21 -20.44 3.70
N PRO D 239 -14.03 -20.44 2.37
CA PRO D 239 -13.34 -21.51 1.65
C PRO D 239 -11.91 -21.77 2.12
N ASP D 240 -11.20 -20.74 2.59
CA ASP D 240 -9.86 -20.83 3.18
C ASP D 240 -9.83 -21.77 4.42
N GLY D 241 -10.80 -21.68 5.27
CA GLY D 241 -10.79 -22.30 6.60
C GLY D 241 -10.93 -21.30 7.75
N GLN D 242 -10.93 -20.00 7.51
CA GLN D 242 -11.10 -19.04 8.56
C GLN D 242 -12.57 -18.96 8.94
N VAL D 243 -12.82 -18.48 10.17
CA VAL D 243 -14.13 -18.35 10.78
C VAL D 243 -14.47 -16.86 10.91
N ILE D 244 -15.62 -16.48 10.34
CA ILE D 244 -16.11 -15.10 10.42
C ILE D 244 -17.24 -15.19 11.42
N THR D 245 -17.41 -14.28 12.34
CA THR D 245 -18.57 -14.17 13.21
C THR D 245 -19.23 -12.81 12.93
N ILE D 246 -20.50 -12.81 12.57
CA ILE D 246 -21.26 -11.65 12.17
C ILE D 246 -22.55 -11.50 12.95
N GLY D 247 -22.70 -10.35 13.65
CA GLY D 247 -23.84 -10.17 14.54
C GLY D 247 -25.01 -9.34 14.03
N ASN D 248 -24.97 -8.05 14.23
CA ASN D 248 -25.88 -7.10 13.63
C ASN D 248 -25.73 -6.93 12.10
N GLU D 249 -24.55 -7.16 11.57
CA GLU D 249 -24.30 -7.09 10.14
C GLU D 249 -25.17 -8.10 9.35
N ARG D 250 -25.58 -9.17 10.02
CA ARG D 250 -26.50 -10.16 9.45
C ARG D 250 -27.82 -9.50 8.99
N PHE D 251 -28.39 -8.65 9.85
CA PHE D 251 -29.72 -8.07 9.54
C PHE D 251 -29.70 -6.61 9.04
N ARG D 252 -28.68 -5.82 9.39
CA ARG D 252 -28.53 -4.50 8.83
C ARG D 252 -28.02 -4.48 7.41
N CYS D 253 -27.50 -5.56 6.84
CA CYS D 253 -27.33 -5.62 5.36
C CYS D 253 -28.67 -5.46 4.59
N PRO D 254 -29.67 -6.32 4.70
CA PRO D 254 -30.91 -6.18 3.97
C PRO D 254 -31.84 -5.04 4.43
N GLU D 255 -31.59 -4.50 5.63
CA GLU D 255 -32.32 -3.29 6.06
C GLU D 255 -32.19 -2.17 5.03
N THR D 256 -31.13 -2.14 4.21
CA THR D 256 -30.92 -1.19 3.14
C THR D 256 -32.10 -1.11 2.16
N LEU D 257 -32.84 -2.20 1.88
CA LEU D 257 -34.01 -2.17 1.04
C LEU D 257 -35.09 -1.27 1.60
N PHE D 258 -35.23 -1.24 2.92
CA PHE D 258 -36.24 -0.36 3.56
C PHE D 258 -35.65 0.99 3.84
N GLN D 259 -34.32 1.10 4.06
CA GLN D 259 -33.69 2.38 4.34
C GLN D 259 -32.52 2.56 3.35
N PRO D 260 -32.78 3.01 2.12
CA PRO D 260 -31.68 3.26 1.19
C PRO D 260 -30.73 4.40 1.58
N SER D 261 -31.01 5.17 2.60
CA SER D 261 -30.14 6.13 3.24
C SER D 261 -28.85 5.49 3.80
N PHE D 262 -28.77 4.18 3.98
CA PHE D 262 -27.57 3.49 4.33
C PHE D 262 -26.50 3.48 3.21
N ILE D 263 -26.90 3.44 1.98
CA ILE D 263 -26.05 3.61 0.75
C ILE D 263 -25.91 5.04 0.34
N GLY D 264 -26.54 5.99 1.01
CA GLY D 264 -26.58 7.37 0.56
C GLY D 264 -27.47 7.67 -0.61
N MET D 265 -28.56 6.92 -0.77
CA MET D 265 -29.58 7.25 -1.77
C MET D 265 -30.79 7.89 -1.17
N GLU D 266 -31.38 8.87 -1.90
CA GLU D 266 -32.57 9.51 -1.36
C GLU D 266 -33.88 8.72 -1.65
N SER D 267 -33.77 7.81 -2.61
CA SER D 267 -34.90 6.97 -2.95
C SER D 267 -35.55 6.31 -1.73
N ALA D 268 -36.85 6.42 -1.65
CA ALA D 268 -37.59 5.82 -0.55
C ALA D 268 -37.51 4.28 -0.59
N GLY D 269 -37.58 3.67 0.59
CA GLY D 269 -37.44 2.19 0.69
C GLY D 269 -38.45 1.48 -0.18
N ILE D 270 -38.34 0.18 -0.37
CA ILE D 270 -39.19 -0.65 -1.18
C ILE D 270 -40.67 -0.68 -0.79
N HIS D 271 -40.98 -0.39 0.46
CA HIS D 271 -42.29 -0.27 0.98
C HIS D 271 -43.00 1.05 0.60
N GLU D 272 -42.26 2.14 0.61
CA GLU D 272 -42.77 3.40 0.09
C GLU D 272 -42.81 3.49 -1.39
N THR D 273 -42.02 2.74 -2.12
CA THR D 273 -42.16 2.63 -3.57
C THR D 273 -43.36 1.79 -3.95
N THR D 274 -43.60 0.64 -3.36
CA THR D 274 -44.79 -0.13 -3.58
C THR D 274 -46.05 0.64 -3.20
N TYR D 275 -46.07 1.33 -2.09
CA TYR D 275 -47.21 2.17 -1.65
C TYR D 275 -47.37 3.35 -2.63
N ASN D 276 -46.26 3.98 -3.00
CA ASN D 276 -46.29 5.06 -3.95
C ASN D 276 -46.83 4.65 -5.29
N SER D 277 -46.47 3.45 -5.75
CA SER D 277 -46.96 2.86 -6.96
C SER D 277 -48.47 2.63 -6.90
N ILE D 278 -48.98 2.11 -5.82
CA ILE D 278 -50.39 2.04 -5.52
C ILE D 278 -51.08 3.39 -5.54
N MET D 279 -50.45 4.43 -5.04
CA MET D 279 -51.02 5.77 -5.11
C MET D 279 -51.23 6.32 -6.47
N LYS D 280 -50.23 6.11 -7.35
CA LYS D 280 -50.40 6.68 -8.69
C LYS D 280 -51.50 5.93 -9.45
N CYS D 281 -52.03 4.83 -9.04
CA CYS D 281 -53.07 4.11 -9.76
C CYS D 281 -54.46 4.68 -9.40
N ASP D 282 -55.41 4.54 -10.32
CA ASP D 282 -56.76 4.96 -10.20
C ASP D 282 -57.40 4.47 -8.90
N ILE D 283 -58.19 5.33 -8.29
CA ILE D 283 -58.78 5.05 -6.99
C ILE D 283 -59.52 3.75 -6.94
N ASP D 284 -60.20 3.35 -8.00
CA ASP D 284 -60.95 2.06 -8.08
C ASP D 284 -60.12 0.80 -7.76
N ILE D 285 -58.90 0.66 -8.23
CA ILE D 285 -58.24 -0.59 -8.30
C ILE D 285 -57.30 -0.84 -7.13
N ARG D 286 -57.07 0.18 -6.27
CA ARG D 286 -56.04 0.09 -5.26
C ARG D 286 -56.23 -1.05 -4.24
N LYS D 287 -57.49 -1.30 -3.93
CA LYS D 287 -57.83 -2.35 -3.01
C LYS D 287 -57.32 -3.73 -3.50
N ASP D 288 -57.49 -3.93 -4.86
CA ASP D 288 -57.06 -5.22 -5.36
C ASP D 288 -55.52 -5.31 -5.25
N LEU D 289 -54.83 -4.19 -5.62
CA LEU D 289 -53.40 -4.19 -5.67
C LEU D 289 -52.82 -4.45 -4.28
N TYR D 290 -53.43 -3.81 -3.31
CA TYR D 290 -53.06 -4.01 -1.87
C TYR D 290 -53.30 -5.46 -1.50
N ALA D 291 -54.35 -6.10 -1.93
CA ALA D 291 -54.60 -7.46 -1.55
C ALA D 291 -53.63 -8.45 -2.19
N ASN D 292 -53.30 -8.12 -3.43
CA ASN D 292 -52.62 -9.01 -4.32
C ASN D 292 -51.15 -8.78 -4.65
N ASN D 293 -50.37 -8.12 -3.79
CA ASN D 293 -48.97 -7.75 -4.06
C ASN D 293 -47.95 -8.91 -4.10
N VAL D 294 -47.27 -9.16 -5.18
CA VAL D 294 -46.59 -10.41 -5.50
C VAL D 294 -45.08 -10.11 -5.36
N LEU D 295 -44.29 -11.07 -4.99
CA LEU D 295 -42.86 -10.96 -4.88
C LEU D 295 -42.12 -11.92 -5.81
N SER D 296 -41.01 -11.42 -6.37
CA SER D 296 -40.21 -12.29 -7.27
C SER D 296 -38.74 -11.93 -7.15
N GLY D 297 -37.86 -12.90 -7.43
CA GLY D 297 -36.47 -12.61 -7.61
C GLY D 297 -35.61 -13.06 -6.46
N GLY D 298 -34.33 -13.08 -6.68
CA GLY D 298 -33.35 -13.50 -5.65
C GLY D 298 -33.28 -12.62 -4.41
N THR D 299 -33.43 -11.32 -4.55
CA THR D 299 -33.35 -10.35 -3.44
C THR D 299 -34.69 -10.25 -2.72
N THR D 300 -35.70 -11.07 -3.03
CA THR D 300 -36.85 -11.29 -2.17
C THR D 300 -36.69 -12.53 -1.24
N MET D 301 -35.61 -13.28 -1.38
CA MET D 301 -35.39 -14.50 -0.66
C MET D 301 -35.04 -14.37 0.79
N TYR D 302 -34.74 -13.14 1.29
CA TYR D 302 -34.27 -13.04 2.69
C TYR D 302 -35.36 -13.41 3.68
N PRO D 303 -35.11 -14.37 4.57
CA PRO D 303 -36.17 -14.73 5.53
C PRO D 303 -36.59 -13.46 6.22
N GLY D 304 -37.87 -13.27 6.40
CA GLY D 304 -38.37 -12.11 7.12
C GLY D 304 -38.74 -10.92 6.26
N ILE D 305 -38.66 -11.05 4.91
CA ILE D 305 -39.06 -9.96 4.06
C ILE D 305 -40.57 -9.70 4.02
N ALA D 306 -41.35 -10.74 3.77
CA ALA D 306 -42.75 -10.64 3.65
C ALA D 306 -43.44 -10.06 4.91
N ASP D 307 -42.96 -10.40 6.10
CA ASP D 307 -43.54 -9.96 7.32
C ASP D 307 -43.26 -8.46 7.57
N ARG D 308 -42.03 -8.08 7.28
CA ARG D 308 -41.75 -6.64 7.40
C ARG D 308 -42.53 -5.82 6.38
N MET D 309 -42.70 -6.33 5.19
CA MET D 309 -43.57 -5.74 4.19
C MET D 309 -45.03 -5.52 4.73
N GLN D 310 -45.55 -6.51 5.39
CA GLN D 310 -46.90 -6.57 5.84
C GLN D 310 -47.08 -5.84 7.19
N LYS D 311 -46.00 -5.48 7.86
CA LYS D 311 -45.94 -4.41 8.76
C LYS D 311 -45.94 -3.04 8.08
N GLU D 312 -45.00 -2.75 7.19
CA GLU D 312 -44.71 -1.41 6.76
C GLU D 312 -45.76 -0.83 5.82
N ILE D 313 -46.23 -1.63 4.88
CA ILE D 313 -47.32 -1.25 4.02
C ILE D 313 -48.65 -1.09 4.80
N THR D 314 -48.83 -1.91 5.82
CA THR D 314 -49.97 -1.74 6.68
C THR D 314 -49.90 -0.48 7.54
N ALA D 315 -48.71 0.07 7.80
CA ALA D 315 -48.59 1.32 8.47
C ALA D 315 -48.75 2.51 7.55
N LEU D 316 -48.29 2.47 6.31
CA LEU D 316 -48.64 3.46 5.31
C LEU D 316 -50.08 3.54 4.88
N ALA D 317 -50.68 2.47 4.43
CA ALA D 317 -52.06 2.42 3.95
C ALA D 317 -53.15 2.56 4.97
N PRO D 318 -54.38 2.89 4.53
CA PRO D 318 -55.50 3.03 5.49
C PRO D 318 -55.80 1.71 6.12
N SER D 319 -55.93 1.68 7.47
CA SER D 319 -56.06 0.42 8.18
C SER D 319 -57.27 -0.45 7.78
N THR D 320 -58.32 0.14 7.26
CA THR D 320 -59.60 -0.49 7.04
C THR D 320 -59.55 -1.66 6.05
N MET D 321 -58.45 -1.84 5.35
CA MET D 321 -58.40 -2.77 4.22
C MET D 321 -57.21 -3.79 4.22
N LYS D 322 -57.52 -5.00 3.71
CA LYS D 322 -56.67 -6.18 3.93
C LYS D 322 -55.51 -6.03 2.95
N ILE D 323 -54.28 -6.05 3.48
CA ILE D 323 -53.05 -6.17 2.65
C ILE D 323 -52.44 -7.58 2.74
N LYS D 324 -52.88 -8.50 1.91
CA LYS D 324 -52.22 -9.82 1.82
C LYS D 324 -51.02 -9.69 0.89
N ILE D 325 -49.91 -10.19 1.29
CA ILE D 325 -48.70 -10.24 0.43
C ILE D 325 -48.56 -11.71 0.04
N ILE D 326 -48.42 -11.95 -1.24
CA ILE D 326 -48.20 -13.33 -1.76
C ILE D 326 -46.70 -13.47 -2.18
N ALA D 327 -45.93 -14.18 -1.37
CA ALA D 327 -44.56 -14.54 -1.76
C ALA D 327 -44.45 -16.07 -1.73
N PRO D 328 -44.67 -16.72 -2.86
CA PRO D 328 -44.60 -18.16 -3.00
C PRO D 328 -43.16 -18.65 -2.91
N PRO D 329 -42.90 -19.81 -2.26
CA PRO D 329 -41.57 -20.46 -2.45
C PRO D 329 -41.26 -20.82 -3.89
N GLU D 330 -39.98 -20.91 -4.25
CA GLU D 330 -39.64 -21.02 -5.70
C GLU D 330 -39.97 -19.71 -6.42
N ARG D 331 -39.89 -18.59 -5.69
CA ARG D 331 -40.10 -17.26 -6.31
C ARG D 331 -38.86 -16.72 -7.10
N LYS D 332 -37.65 -17.20 -6.76
CA LYS D 332 -36.48 -16.84 -7.51
C LYS D 332 -36.62 -17.22 -8.99
N TYR D 333 -37.34 -18.28 -9.30
CA TYR D 333 -37.53 -18.76 -10.65
C TYR D 333 -38.90 -18.40 -11.22
N SER D 334 -39.62 -17.47 -10.58
CA SER D 334 -40.90 -16.96 -11.02
C SER D 334 -40.89 -16.39 -12.44
N VAL D 335 -39.82 -15.65 -12.75
CA VAL D 335 -39.76 -15.00 -14.08
C VAL D 335 -39.58 -16.10 -15.15
N TRP D 336 -38.81 -17.12 -14.84
CA TRP D 336 -38.50 -18.14 -15.81
C TRP D 336 -39.71 -19.09 -16.04
N ILE D 337 -40.42 -19.44 -14.97
CA ILE D 337 -41.66 -20.16 -14.99
C ILE D 337 -42.74 -19.47 -15.83
N GLY D 338 -42.77 -18.16 -15.71
CA GLY D 338 -43.72 -17.30 -16.41
C GLY D 338 -43.36 -17.22 -17.88
N GLY D 339 -42.06 -17.26 -18.18
CA GLY D 339 -41.60 -17.30 -19.57
C GLY D 339 -41.98 -18.69 -20.14
N SER D 340 -41.82 -19.74 -19.40
CA SER D 340 -42.21 -21.05 -19.83
C SER D 340 -43.74 -21.13 -20.18
N ILE D 341 -44.55 -20.91 -19.17
CA ILE D 341 -45.98 -20.89 -19.33
C ILE D 341 -46.43 -19.98 -20.45
N LEU D 342 -45.85 -18.82 -20.67
CA LEU D 342 -46.19 -17.96 -21.77
C LEU D 342 -45.84 -18.57 -23.11
N ALA D 343 -44.67 -19.22 -23.23
CA ALA D 343 -44.31 -19.89 -24.43
C ALA D 343 -45.15 -21.07 -24.80
N SER D 344 -45.85 -21.70 -23.80
CA SER D 344 -46.68 -22.83 -24.03
C SER D 344 -48.15 -22.45 -24.45
N LEU D 345 -48.56 -21.18 -24.16
CA LEU D 345 -49.81 -20.61 -24.63
C LEU D 345 -49.79 -20.40 -26.16
N SER D 346 -50.85 -20.95 -26.75
CA SER D 346 -51.08 -20.89 -28.16
C SER D 346 -51.52 -19.51 -28.67
N THR D 347 -52.02 -18.68 -27.73
CA THR D 347 -52.59 -17.41 -28.19
C THR D 347 -51.45 -16.35 -28.32
N PHE D 348 -50.33 -16.66 -27.69
CA PHE D 348 -49.08 -15.98 -27.79
C PHE D 348 -48.27 -16.28 -29.04
N GLN D 349 -48.46 -17.41 -29.70
CA GLN D 349 -47.64 -17.76 -30.85
C GLN D 349 -47.70 -16.73 -32.01
N GLN D 350 -48.85 -16.11 -32.26
CA GLN D 350 -48.91 -14.99 -33.19
C GLN D 350 -47.90 -13.85 -32.82
N MET D 351 -47.52 -13.63 -31.54
CA MET D 351 -46.75 -12.47 -31.13
C MET D 351 -45.23 -12.65 -31.26
N TRP D 352 -44.74 -13.80 -31.72
CA TRP D 352 -43.29 -13.96 -31.90
C TRP D 352 -42.88 -13.02 -33.02
N ILE D 353 -41.69 -12.37 -32.95
CA ILE D 353 -41.22 -11.48 -34.03
C ILE D 353 -40.40 -12.44 -34.96
N SER D 354 -40.78 -12.55 -36.21
CA SER D 354 -40.16 -13.54 -37.13
C SER D 354 -38.89 -12.99 -37.74
N LYS D 355 -37.97 -13.88 -38.06
CA LYS D 355 -36.62 -13.55 -38.55
C LYS D 355 -36.83 -12.64 -39.84
N GLN D 356 -37.71 -13.14 -40.66
CA GLN D 356 -38.24 -12.45 -41.79
C GLN D 356 -38.87 -11.12 -41.48
N GLU D 357 -39.75 -10.98 -40.53
CA GLU D 357 -40.42 -9.73 -40.24
C GLU D 357 -39.47 -8.68 -39.64
N TYR D 358 -38.43 -9.15 -39.03
CA TYR D 358 -37.32 -8.37 -38.59
C TYR D 358 -36.48 -7.85 -39.74
N ASP D 359 -36.00 -8.69 -40.66
CA ASP D 359 -35.20 -8.18 -41.73
C ASP D 359 -35.91 -7.13 -42.56
N GLU D 360 -37.18 -7.31 -42.90
CA GLU D 360 -37.94 -6.37 -43.66
C GLU D 360 -38.43 -5.12 -42.91
N ALA D 361 -38.88 -5.25 -41.64
CA ALA D 361 -39.47 -4.17 -40.92
C ALA D 361 -38.49 -3.32 -40.04
N GLY D 362 -37.38 -3.88 -39.61
CA GLY D 362 -36.32 -3.10 -39.07
C GLY D 362 -35.95 -3.52 -37.67
N PRO D 363 -35.14 -2.67 -37.00
CA PRO D 363 -35.03 -2.79 -35.53
C PRO D 363 -36.14 -2.10 -34.75
N SER D 364 -36.85 -1.15 -35.35
CA SER D 364 -37.89 -0.40 -34.72
C SER D 364 -39.15 -1.18 -34.35
N ILE D 365 -39.31 -2.43 -34.86
CA ILE D 365 -40.47 -3.23 -34.59
C ILE D 365 -40.42 -4.20 -33.39
N VAL D 366 -39.41 -4.13 -32.53
CA VAL D 366 -39.36 -4.84 -31.29
C VAL D 366 -40.34 -4.30 -30.22
N HIS D 367 -40.63 -3.02 -30.33
CA HIS D 367 -41.48 -2.26 -29.40
C HIS D 367 -42.98 -2.26 -29.85
N THR E 1 -46.60 54.41 2.19
CA THR E 1 -47.03 53.06 2.56
C THR E 1 -46.90 51.96 1.53
N THR E 2 -47.19 52.25 0.27
CA THR E 2 -47.19 51.33 -0.86
C THR E 2 -47.86 49.98 -0.68
N ALA E 3 -47.33 48.91 -1.31
CA ALA E 3 -47.82 47.57 -1.04
C ALA E 3 -46.86 46.52 -1.52
N LEU E 4 -46.96 45.32 -0.93
CA LEU E 4 -46.13 44.17 -1.35
C LEU E 4 -47.02 43.26 -2.19
N VAL E 5 -46.49 42.80 -3.31
CA VAL E 5 -47.24 41.83 -4.13
C VAL E 5 -46.39 40.55 -4.08
N CYS E 6 -46.96 39.47 -3.60
CA CYS E 6 -46.30 38.18 -3.45
C CYS E 6 -47.06 37.13 -4.28
N ASP E 7 -46.43 36.68 -5.37
CA ASP E 7 -46.92 35.60 -6.20
C ASP E 7 -46.31 34.28 -5.79
N ASN E 8 -47.09 33.50 -4.99
CA ASN E 8 -46.69 32.24 -4.44
C ASN E 8 -47.24 31.10 -5.36
N GLY E 9 -46.50 30.70 -6.37
CA GLY E 9 -46.90 29.50 -7.14
C GLY E 9 -45.91 28.43 -6.77
N SER E 10 -46.20 27.19 -7.08
CA SER E 10 -45.25 26.12 -6.85
C SER E 10 -44.09 26.43 -7.80
N GLY E 11 -42.87 26.12 -7.41
CA GLY E 11 -41.66 26.32 -8.21
C GLY E 11 -40.95 27.66 -8.18
N LEU E 12 -41.63 28.78 -8.14
CA LEU E 12 -41.07 30.11 -8.08
C LEU E 12 -41.90 31.07 -7.24
N VAL E 13 -41.21 31.83 -6.34
CA VAL E 13 -41.91 32.91 -5.60
C VAL E 13 -41.51 34.19 -6.35
N LYS E 14 -42.45 35.01 -6.82
CA LYS E 14 -42.16 36.29 -7.41
C LYS E 14 -42.65 37.33 -6.44
N ALA E 15 -41.78 38.16 -5.84
CA ALA E 15 -42.27 39.14 -4.88
C ALA E 15 -41.60 40.51 -5.10
N GLY E 16 -42.27 41.53 -4.65
CA GLY E 16 -41.78 42.87 -4.82
C GLY E 16 -42.82 43.90 -4.47
N PHE E 17 -42.39 45.15 -4.53
CA PHE E 17 -43.23 46.27 -4.26
C PHE E 17 -44.22 46.54 -5.39
N ALA E 18 -45.39 46.95 -4.99
CA ALA E 18 -46.42 47.37 -5.97
C ALA E 18 -46.09 48.64 -6.68
N GLY E 19 -46.70 48.83 -7.86
CA GLY E 19 -46.41 50.01 -8.68
C GLY E 19 -45.10 49.88 -9.50
N ASP E 20 -44.43 48.76 -9.53
CA ASP E 20 -43.20 48.53 -10.20
C ASP E 20 -43.39 47.56 -11.41
N ASP E 21 -42.46 47.56 -12.34
CA ASP E 21 -42.62 46.85 -13.62
C ASP E 21 -42.32 45.34 -13.55
N ALA E 22 -41.48 44.91 -12.64
CA ALA E 22 -41.14 43.50 -12.45
C ALA E 22 -40.93 43.24 -10.96
N PRO E 23 -40.98 41.97 -10.60
CA PRO E 23 -40.67 41.56 -9.21
C PRO E 23 -39.14 41.66 -9.04
N ARG E 24 -38.72 42.14 -7.89
CA ARG E 24 -37.29 42.11 -7.51
C ARG E 24 -36.78 40.74 -7.08
N ALA E 25 -37.39 40.12 -6.11
CA ALA E 25 -36.95 38.80 -5.66
C ALA E 25 -37.67 37.71 -6.41
N VAL E 26 -36.96 36.87 -7.19
CA VAL E 26 -37.55 35.76 -7.92
C VAL E 26 -36.70 34.56 -7.60
N PHE E 27 -37.18 33.68 -6.75
CA PHE E 27 -36.37 32.48 -6.47
C PHE E 27 -37.24 31.29 -6.30
N PRO E 28 -36.64 30.07 -6.31
CA PRO E 28 -37.44 28.86 -6.24
C PRO E 28 -38.07 28.63 -4.88
N SER E 29 -39.27 28.09 -4.76
CA SER E 29 -39.88 27.71 -3.49
C SER E 29 -39.39 26.34 -3.08
N ILE E 30 -38.17 26.30 -2.56
CA ILE E 30 -37.61 25.04 -2.10
C ILE E 30 -37.04 25.27 -0.70
N VAL E 31 -37.13 24.21 0.07
CA VAL E 31 -36.62 24.13 1.43
C VAL E 31 -35.65 22.94 1.45
N GLY E 32 -34.38 23.22 1.23
CA GLY E 32 -33.32 22.21 1.26
C GLY E 32 -32.97 21.75 2.67
N ARG E 33 -32.83 20.44 2.86
CA ARG E 33 -32.38 19.89 4.18
C ARG E 33 -31.23 18.93 3.88
N PRO E 34 -30.16 18.93 4.67
CA PRO E 34 -29.01 18.10 4.32
C PRO E 34 -29.37 16.61 4.33
N ARG E 35 -28.88 15.87 3.33
CA ARG E 35 -29.30 14.45 3.17
C ARG E 35 -28.35 13.70 4.07
N HIS E 36 -27.04 13.98 3.84
CA HIS E 36 -26.04 13.31 4.69
C HIS E 36 -25.65 14.14 5.91
N GLN E 37 -25.65 13.47 7.08
CA GLN E 37 -25.29 14.18 8.32
C GLN E 37 -23.76 14.49 8.23
N GLY E 38 -23.42 15.77 8.32
CA GLY E 38 -22.09 16.27 8.05
C GLY E 38 -21.19 16.46 9.28
N VAL E 39 -20.03 15.83 9.26
CA VAL E 39 -19.05 15.92 10.35
C VAL E 39 -17.98 16.94 9.98
N MET E 40 -18.21 18.19 10.40
CA MET E 40 -17.21 19.26 10.49
C MET E 40 -17.50 20.07 11.76
N VAL E 41 -16.68 21.05 12.09
CA VAL E 41 -16.99 22.02 13.15
C VAL E 41 -16.79 23.40 12.54
N GLY E 42 -17.77 24.33 12.64
CA GLY E 42 -17.74 25.50 11.80
C GLY E 42 -18.67 25.56 10.63
N MET E 43 -18.66 24.49 9.79
CA MET E 43 -19.60 24.40 8.71
C MET E 43 -20.96 24.96 9.07
N GLY E 44 -21.76 25.47 8.16
CA GLY E 44 -23.18 25.80 8.43
C GLY E 44 -23.50 26.25 9.84
N GLN E 45 -24.13 25.49 10.72
CA GLN E 45 -24.61 24.09 10.61
C GLN E 45 -25.88 23.96 9.71
N LYS E 46 -26.64 25.04 9.65
CA LYS E 46 -27.67 25.34 8.68
C LYS E 46 -28.72 24.26 8.41
N ASP E 47 -29.47 23.98 9.50
CA ASP E 47 -30.37 22.80 9.48
C ASP E 47 -31.32 22.90 8.32
N SER E 48 -31.66 24.13 7.92
CA SER E 48 -32.57 24.36 6.82
C SER E 48 -31.95 25.37 5.85
N TYR E 49 -32.08 25.09 4.56
CA TYR E 49 -31.69 25.96 3.50
C TYR E 49 -32.94 26.33 2.73
N VAL E 50 -33.00 27.53 2.18
CA VAL E 50 -34.21 28.01 1.48
C VAL E 50 -33.93 28.82 0.22
N GLY E 51 -34.75 28.54 -0.83
CA GLY E 51 -34.64 29.34 -2.08
C GLY E 51 -33.42 29.14 -2.91
N ASP E 52 -32.90 30.21 -3.48
CA ASP E 52 -31.73 30.16 -4.36
C ASP E 52 -30.49 29.55 -3.66
N GLU E 53 -30.33 29.81 -2.38
CA GLU E 53 -29.34 29.21 -1.51
C GLU E 53 -29.43 27.69 -1.56
N ALA E 54 -30.58 27.07 -1.46
CA ALA E 54 -30.77 25.64 -1.60
C ALA E 54 -30.36 25.16 -3.01
N GLN E 55 -30.55 25.98 -4.00
CA GLN E 55 -30.11 25.74 -5.35
C GLN E 55 -28.57 25.71 -5.51
N SER E 56 -27.89 26.53 -4.72
CA SER E 56 -26.44 26.54 -4.69
C SER E 56 -25.87 25.18 -4.22
N LYS E 57 -26.52 24.55 -3.28
CA LYS E 57 -26.10 23.28 -2.70
C LYS E 57 -27.15 22.14 -2.85
N ARG E 58 -27.42 21.73 -4.05
CA ARG E 58 -28.32 20.66 -4.34
C ARG E 58 -27.73 19.28 -4.01
N GLY E 59 -26.46 19.03 -4.22
CA GLY E 59 -25.91 17.72 -4.11
C GLY E 59 -25.78 17.25 -2.62
N ILE E 60 -25.85 18.17 -1.71
CA ILE E 60 -25.95 17.84 -0.30
C ILE E 60 -27.39 17.71 0.06
N LEU E 61 -28.28 18.59 -0.43
CA LEU E 61 -29.61 18.77 0.10
C LEU E 61 -30.66 17.94 -0.61
N THR E 62 -31.68 17.60 0.16
CA THR E 62 -32.92 16.99 -0.31
C THR E 62 -33.86 18.17 -0.56
N LEU E 63 -34.22 18.44 -1.79
CA LEU E 63 -35.09 19.56 -2.05
C LEU E 63 -36.53 19.18 -1.86
N LYS E 64 -37.31 20.12 -1.34
CA LYS E 64 -38.68 19.80 -1.00
C LYS E 64 -39.54 20.99 -1.35
N TYR E 65 -40.29 20.91 -2.45
CA TYR E 65 -41.35 21.89 -2.73
C TYR E 65 -42.43 21.92 -1.63
N PRO E 66 -42.62 23.03 -0.90
CA PRO E 66 -43.65 23.08 0.11
C PRO E 66 -45.02 23.17 -0.46
N ILE E 67 -45.17 23.43 -1.78
CA ILE E 67 -46.51 23.68 -2.35
C ILE E 67 -46.67 22.80 -3.60
N GLU E 68 -47.71 21.98 -3.63
CA GLU E 68 -47.99 20.98 -4.64
C GLU E 68 -49.33 21.04 -5.33
N HIS E 69 -49.35 21.38 -6.62
CA HIS E 69 -50.56 21.61 -7.34
C HIS E 69 -51.36 22.73 -6.71
N GLY E 70 -50.74 23.80 -6.31
CA GLY E 70 -51.42 24.98 -5.74
C GLY E 70 -51.77 24.83 -4.26
N ILE E 71 -51.96 23.64 -3.74
CA ILE E 71 -52.33 23.31 -2.39
C ILE E 71 -51.03 23.38 -1.54
N ILE E 72 -51.12 23.93 -0.32
CA ILE E 72 -49.94 24.01 0.57
C ILE E 72 -49.83 22.68 1.32
N THR E 73 -48.71 21.96 1.15
CA THR E 73 -48.58 20.61 1.65
C THR E 73 -47.96 20.65 3.07
N ASN E 74 -46.97 21.53 3.28
CA ASN E 74 -46.19 21.61 4.50
C ASN E 74 -46.07 23.13 4.85
N TRP E 75 -46.65 23.49 5.96
CA TRP E 75 -46.97 24.84 6.34
C TRP E 75 -45.75 25.58 6.89
N ASP E 76 -45.02 24.94 7.80
CA ASP E 76 -43.83 25.53 8.32
C ASP E 76 -42.74 25.72 7.32
N ASP E 77 -42.68 24.99 6.22
CA ASP E 77 -41.79 25.21 5.11
C ASP E 77 -42.14 26.48 4.31
N MET E 78 -43.38 26.59 3.80
CA MET E 78 -43.96 27.79 3.40
C MET E 78 -43.59 29.00 4.23
N GLU E 79 -43.85 28.95 5.51
CA GLU E 79 -43.54 30.02 6.46
C GLU E 79 -42.08 30.40 6.37
N LYS E 80 -41.15 29.44 6.29
CA LYS E 80 -39.76 29.68 6.08
C LYS E 80 -39.43 30.48 4.81
N ILE E 81 -39.97 30.04 3.68
CA ILE E 81 -39.85 30.79 2.45
C ILE E 81 -40.40 32.20 2.55
N TRP E 82 -41.54 32.42 3.22
CA TRP E 82 -42.04 33.77 3.34
C TRP E 82 -41.07 34.62 4.20
N HIS E 83 -40.70 34.08 5.35
CA HIS E 83 -39.80 34.78 6.27
C HIS E 83 -38.47 35.10 5.58
N HIS E 84 -37.97 34.20 4.80
CA HIS E 84 -36.75 34.48 4.03
C HIS E 84 -37.03 35.52 2.95
N THR E 85 -38.17 35.48 2.33
CA THR E 85 -38.55 36.39 1.27
C THR E 85 -38.63 37.86 1.76
N PHE E 86 -39.19 38.08 2.89
CA PHE E 86 -39.37 39.34 3.50
C PHE E 86 -38.10 39.99 4.06
N TYR E 87 -37.36 39.29 4.89
CA TYR E 87 -36.23 39.87 5.58
C TYR E 87 -34.88 39.77 4.84
N ASN E 88 -34.65 38.74 4.04
CA ASN E 88 -33.47 38.50 3.31
C ASN E 88 -33.43 38.91 1.85
N GLU E 89 -34.56 39.35 1.24
CA GLU E 89 -34.61 39.79 -0.12
C GLU E 89 -35.25 41.19 -0.34
N LEU E 90 -36.44 41.34 0.24
CA LEU E 90 -37.16 42.60 0.15
C LEU E 90 -36.82 43.58 1.29
N ARG E 91 -36.27 43.07 2.36
CA ARG E 91 -35.69 43.80 3.45
C ARG E 91 -36.65 44.66 4.25
N VAL E 92 -37.78 44.07 4.57
CA VAL E 92 -38.96 44.86 4.93
C VAL E 92 -39.76 44.25 6.10
N ALA E 93 -40.19 45.09 7.04
CA ALA E 93 -41.07 44.68 8.09
C ALA E 93 -42.46 44.68 7.46
N PRO E 94 -43.16 43.55 7.47
CA PRO E 94 -44.51 43.45 6.95
C PRO E 94 -45.57 44.31 7.61
N GLU E 95 -45.34 44.83 8.78
CA GLU E 95 -46.16 45.75 9.51
C GLU E 95 -46.23 47.17 8.96
N GLU E 96 -45.38 47.48 7.97
CA GLU E 96 -45.35 48.72 7.25
C GLU E 96 -46.13 48.70 5.94
N HIS E 97 -46.63 47.55 5.50
CA HIS E 97 -47.19 47.41 4.15
C HIS E 97 -48.39 46.44 4.06
N PRO E 98 -49.49 46.82 3.41
CA PRO E 98 -50.50 45.84 3.05
C PRO E 98 -49.89 44.89 2.02
N THR E 99 -50.34 43.65 2.01
CA THR E 99 -49.70 42.61 1.19
C THR E 99 -50.76 41.86 0.41
N LEU E 100 -50.63 41.83 -0.90
CA LEU E 100 -51.51 41.15 -1.84
C LEU E 100 -50.89 39.79 -2.16
N LEU E 101 -51.61 38.69 -1.86
CA LEU E 101 -51.17 37.36 -2.14
C LEU E 101 -52.00 36.75 -3.22
N THR E 102 -51.47 35.66 -3.76
CA THR E 102 -52.04 35.02 -4.97
C THR E 102 -52.41 33.57 -4.66
N GLU E 103 -53.28 33.01 -5.48
CA GLU E 103 -53.64 31.57 -5.36
C GLU E 103 -54.39 31.17 -6.57
N ALA E 104 -54.32 29.88 -6.85
CA ALA E 104 -55.08 29.29 -7.98
C ALA E 104 -56.56 29.26 -7.74
N PRO E 105 -57.42 29.34 -8.79
CA PRO E 105 -58.85 29.15 -8.58
C PRO E 105 -59.24 27.73 -8.19
N LEU E 106 -60.43 27.53 -7.63
CA LEU E 106 -60.99 26.20 -7.34
C LEU E 106 -60.21 25.39 -6.30
N ASN E 107 -59.57 26.08 -5.37
CA ASN E 107 -58.43 25.59 -4.55
C ASN E 107 -59.03 25.43 -3.17
N PRO E 108 -58.66 24.37 -2.39
CA PRO E 108 -59.26 24.13 -1.10
C PRO E 108 -59.25 25.29 -0.10
N LYS E 109 -60.30 25.43 0.71
CA LYS E 109 -60.57 26.62 1.54
C LYS E 109 -59.42 26.70 2.56
N ALA E 110 -58.85 25.57 2.95
CA ALA E 110 -57.70 25.60 3.84
C ALA E 110 -56.57 26.50 3.44
N ASN E 111 -56.32 26.77 2.17
CA ASN E 111 -55.21 27.56 1.73
C ASN E 111 -55.46 29.05 2.00
N ARG E 112 -56.66 29.55 1.73
CA ARG E 112 -56.99 30.95 2.01
C ARG E 112 -56.92 31.21 3.55
N GLU E 113 -57.59 30.36 4.29
CA GLU E 113 -57.88 30.58 5.70
C GLU E 113 -56.60 30.44 6.55
N LYS E 114 -55.77 29.48 6.24
CA LYS E 114 -54.46 29.28 6.93
C LYS E 114 -53.47 30.34 6.48
N MET E 115 -53.42 30.64 5.18
CA MET E 115 -52.56 31.67 4.63
C MET E 115 -52.74 33.03 5.38
N THR E 116 -54.03 33.43 5.40
CA THR E 116 -54.43 34.68 6.03
C THR E 116 -54.09 34.71 7.51
N GLN E 117 -54.21 33.55 8.16
CA GLN E 117 -53.91 33.39 9.56
C GLN E 117 -52.42 33.54 9.88
N ILE E 118 -51.61 32.99 9.02
CA ILE E 118 -50.18 33.17 9.02
C ILE E 118 -49.73 34.62 8.82
N MET E 119 -50.30 35.32 7.84
CA MET E 119 -49.94 36.64 7.55
C MET E 119 -50.32 37.64 8.63
N PHE E 120 -51.46 37.47 9.27
CA PHE E 120 -51.87 38.35 10.34
C PHE E 120 -51.15 38.02 11.68
N GLU E 121 -51.17 36.75 12.08
CA GLU E 121 -50.63 36.32 13.37
C GLU E 121 -49.09 36.23 13.40
N THR E 122 -48.47 35.64 12.42
CA THR E 122 -47.05 35.29 12.51
C THR E 122 -46.14 36.47 12.01
N PHE E 123 -46.37 36.92 10.81
CA PHE E 123 -45.90 38.23 10.32
C PHE E 123 -47.11 39.01 10.85
N ASN E 124 -46.99 40.31 11.04
CA ASN E 124 -48.15 41.15 11.37
C ASN E 124 -48.34 42.11 10.21
N VAL E 125 -49.56 42.10 9.63
CA VAL E 125 -49.77 42.83 8.34
C VAL E 125 -50.96 43.76 8.56
N PRO E 126 -50.91 45.05 8.14
CA PRO E 126 -51.98 45.95 8.46
C PRO E 126 -53.22 45.58 7.68
N ALA E 127 -53.02 45.02 6.51
CA ALA E 127 -54.13 44.50 5.70
C ALA E 127 -53.56 43.64 4.55
N MET E 128 -54.39 42.74 4.04
CA MET E 128 -53.99 41.88 2.94
C MET E 128 -55.19 41.46 2.11
N TYR E 129 -54.92 40.76 1.01
CA TYR E 129 -55.91 40.34 0.04
C TYR E 129 -55.38 39.09 -0.66
N VAL E 130 -56.23 38.11 -1.02
CA VAL E 130 -55.80 36.98 -1.79
C VAL E 130 -56.66 36.92 -3.04
N ALA E 131 -55.97 36.89 -4.21
CA ALA E 131 -56.68 37.13 -5.49
C ALA E 131 -56.56 35.84 -6.33
N ILE E 132 -57.43 35.67 -7.28
CA ILE E 132 -57.36 34.63 -8.33
C ILE E 132 -56.33 34.99 -9.40
N GLN E 133 -55.39 34.09 -9.70
CA GLN E 133 -54.32 34.33 -10.61
C GLN E 133 -54.71 34.88 -11.98
N ALA E 134 -55.72 34.29 -12.60
CA ALA E 134 -56.04 34.57 -14.00
C ALA E 134 -56.52 36.02 -14.18
N VAL E 135 -57.26 36.53 -13.24
CA VAL E 135 -57.72 37.93 -13.21
C VAL E 135 -56.54 38.89 -13.16
N LEU E 136 -55.49 38.60 -12.39
CA LEU E 136 -54.29 39.35 -12.33
C LEU E 136 -53.55 39.35 -13.69
N SER E 137 -53.39 38.22 -14.32
CA SER E 137 -52.90 38.11 -15.67
C SER E 137 -53.69 38.93 -16.67
N LEU E 138 -55.00 38.89 -16.60
CA LEU E 138 -55.86 39.70 -17.43
C LEU E 138 -55.71 41.20 -17.24
N TYR E 139 -55.48 41.73 -16.04
CA TYR E 139 -55.09 43.09 -15.83
C TYR E 139 -53.73 43.49 -16.44
N ALA E 140 -52.78 42.59 -16.32
CA ALA E 140 -51.48 42.70 -16.94
C ALA E 140 -51.59 42.82 -18.48
N SER E 141 -52.55 42.21 -19.07
CA SER E 141 -52.70 42.27 -20.55
C SER E 141 -53.15 43.66 -20.99
N GLY E 142 -53.85 44.35 -20.06
CA GLY E 142 -54.45 45.65 -20.31
C GLY E 142 -55.87 45.56 -20.89
N ARG E 143 -56.59 44.53 -20.53
CA ARG E 143 -57.83 44.13 -21.19
C ARG E 143 -58.86 43.65 -20.16
N THR E 144 -60.13 43.76 -20.53
CA THR E 144 -61.23 43.45 -19.62
C THR E 144 -61.96 42.16 -19.95
N THR E 145 -61.76 41.61 -21.13
CA THR E 145 -62.47 40.51 -21.69
C THR E 145 -61.46 39.49 -22.29
N GLY E 146 -61.68 38.20 -21.96
CA GLY E 146 -60.80 37.19 -22.48
C GLY E 146 -60.83 35.89 -21.71
N ILE E 147 -60.30 34.84 -22.24
CA ILE E 147 -60.29 33.57 -21.51
C ILE E 147 -58.82 33.30 -21.25
N VAL E 148 -58.48 33.26 -19.97
CA VAL E 148 -57.06 33.10 -19.58
C VAL E 148 -56.65 31.67 -19.43
N LEU E 149 -55.56 31.20 -20.08
CA LEU E 149 -54.97 29.91 -19.76
C LEU E 149 -53.71 30.20 -18.98
N ASP E 150 -53.69 29.85 -17.66
CA ASP E 150 -52.51 30.07 -16.82
C ASP E 150 -51.89 28.77 -16.46
N SER E 151 -50.78 28.43 -17.03
CA SER E 151 -50.04 27.17 -16.73
C SER E 151 -48.71 27.47 -15.98
N GLY E 152 -48.64 27.12 -14.71
CA GLY E 152 -47.55 27.33 -13.85
C GLY E 152 -46.90 25.97 -13.60
N ASP E 153 -46.28 25.78 -12.47
CA ASP E 153 -45.59 24.52 -12.24
C ASP E 153 -46.60 23.55 -11.64
N GLY E 154 -47.46 24.05 -10.76
CA GLY E 154 -48.39 23.10 -10.12
C GLY E 154 -49.62 22.79 -10.97
N VAL E 155 -50.16 23.78 -11.66
CA VAL E 155 -51.54 23.69 -12.11
C VAL E 155 -51.75 24.57 -13.33
N THR E 156 -52.74 24.23 -14.16
CA THR E 156 -53.14 24.91 -15.34
C THR E 156 -54.63 25.29 -15.17
N HIS E 157 -54.99 26.54 -15.49
CA HIS E 157 -56.36 27.00 -15.43
C HIS E 157 -56.89 27.51 -16.75
N ASN E 158 -58.17 27.45 -16.86
CA ASN E 158 -58.85 28.26 -17.81
C ASN E 158 -59.81 29.04 -17.01
N VAL E 159 -59.79 30.40 -17.08
CA VAL E 159 -60.81 31.27 -16.52
C VAL E 159 -61.36 32.26 -17.57
N PRO E 160 -62.57 31.99 -18.08
CA PRO E 160 -63.24 32.97 -18.96
C PRO E 160 -63.76 34.14 -18.22
N ILE E 161 -63.57 35.33 -18.77
CA ILE E 161 -63.94 36.59 -18.11
C ILE E 161 -64.63 37.47 -19.18
N TYR E 162 -65.84 37.98 -18.92
CA TYR E 162 -66.52 38.78 -19.91
C TYR E 162 -66.81 40.17 -19.41
N GLU E 163 -66.22 41.21 -20.02
CA GLU E 163 -66.51 42.62 -19.71
C GLU E 163 -66.39 42.83 -18.18
N GLY E 164 -65.20 42.55 -17.61
CA GLY E 164 -65.11 42.41 -16.14
C GLY E 164 -65.76 41.08 -15.81
N TYR E 165 -66.64 41.14 -14.78
CA TYR E 165 -67.35 39.91 -14.38
C TYR E 165 -66.48 38.67 -14.44
N ALA E 166 -67.14 37.53 -14.42
CA ALA E 166 -66.47 36.25 -14.45
C ALA E 166 -67.51 35.17 -14.75
N LEU E 167 -67.10 33.89 -14.98
CA LEU E 167 -68.09 32.82 -15.12
C LEU E 167 -67.57 31.67 -14.30
N PRO E 168 -67.89 31.58 -13.03
CA PRO E 168 -67.40 30.49 -12.20
C PRO E 168 -67.73 29.10 -12.63
N HIS E 169 -68.91 28.86 -13.23
CA HIS E 169 -69.27 27.54 -13.72
C HIS E 169 -68.52 27.05 -14.96
N ALA E 170 -67.73 27.84 -15.64
CA ALA E 170 -66.87 27.52 -16.75
C ALA E 170 -65.34 27.50 -16.41
N ILE E 171 -65.01 27.80 -15.17
CA ILE E 171 -63.64 27.75 -14.71
C ILE E 171 -63.19 26.27 -14.62
N MET E 172 -62.00 25.97 -15.16
CA MET E 172 -61.62 24.57 -15.29
C MET E 172 -60.17 24.54 -14.94
N ARG E 173 -59.84 23.73 -13.96
CA ARG E 173 -58.49 23.52 -13.53
C ARG E 173 -58.10 22.15 -13.93
N LEU E 174 -56.80 21.96 -14.06
CA LEU E 174 -56.25 20.76 -14.63
C LEU E 174 -54.86 20.60 -13.97
N ASP E 175 -54.48 19.52 -13.32
CA ASP E 175 -53.09 19.29 -12.84
C ASP E 175 -52.20 18.72 -13.94
N LEU E 176 -51.78 19.61 -14.82
CA LEU E 176 -50.64 19.39 -15.71
C LEU E 176 -49.82 20.64 -15.80
N ALA E 177 -48.52 20.58 -15.66
CA ALA E 177 -47.71 21.72 -15.39
C ALA E 177 -46.25 21.30 -15.36
N GLY E 178 -45.39 22.30 -15.25
CA GLY E 178 -43.92 22.13 -15.26
C GLY E 178 -43.41 20.98 -14.41
N ARG E 179 -44.05 20.71 -13.30
CA ARG E 179 -43.66 19.61 -12.42
C ARG E 179 -44.01 18.26 -13.02
N ASP E 180 -45.19 18.12 -13.61
CA ASP E 180 -45.57 16.87 -14.28
C ASP E 180 -44.75 16.65 -15.53
N LEU E 181 -44.46 17.71 -16.27
CA LEU E 181 -43.71 17.64 -17.51
C LEU E 181 -42.25 17.35 -17.23
N THR E 182 -41.69 17.78 -16.14
CA THR E 182 -40.36 17.46 -15.75
C THR E 182 -40.21 16.01 -15.40
N ASP E 183 -41.13 15.43 -14.63
CA ASP E 183 -41.14 14.01 -14.32
C ASP E 183 -41.38 13.19 -15.58
N TYR E 184 -42.30 13.56 -16.42
CA TYR E 184 -42.44 12.90 -17.70
C TYR E 184 -41.21 12.95 -18.56
N LEU E 185 -40.47 14.05 -18.54
CA LEU E 185 -39.19 14.15 -19.26
C LEU E 185 -38.11 13.31 -18.55
N MET E 186 -38.15 13.13 -17.24
CA MET E 186 -37.36 12.12 -16.59
C MET E 186 -37.45 10.71 -17.18
N LYS E 187 -38.62 10.10 -17.11
CA LYS E 187 -38.84 8.77 -17.55
C LYS E 187 -38.69 8.60 -19.06
N ILE E 188 -39.04 9.58 -19.86
CA ILE E 188 -38.73 9.50 -21.30
C ILE E 188 -37.23 9.66 -21.59
N LEU E 189 -36.57 10.52 -20.89
CA LEU E 189 -35.13 10.66 -20.87
C LEU E 189 -34.33 9.41 -20.54
N THR E 190 -34.80 8.60 -19.65
CA THR E 190 -34.14 7.41 -19.21
C THR E 190 -34.04 6.38 -20.33
N GLU E 191 -34.86 6.45 -21.43
CA GLU E 191 -34.74 5.57 -22.56
C GLU E 191 -33.49 5.78 -23.36
N ARG E 192 -32.79 6.91 -23.28
CA ARG E 192 -31.43 7.06 -23.88
C ARG E 192 -30.34 6.50 -22.99
N GLY E 193 -30.63 6.27 -21.71
CA GLY E 193 -29.67 5.69 -20.78
C GLY E 193 -29.28 6.66 -19.65
N TYR E 194 -29.83 7.84 -19.66
CA TYR E 194 -29.49 8.93 -18.80
C TYR E 194 -30.42 8.73 -17.59
N SER E 195 -29.87 8.43 -16.42
CA SER E 195 -30.68 8.10 -15.24
C SER E 195 -30.62 9.21 -14.21
N PHE E 196 -31.75 9.94 -14.08
CA PHE E 196 -31.89 11.02 -13.12
C PHE E 196 -32.94 10.61 -12.10
N VAL E 197 -32.47 10.16 -10.93
CA VAL E 197 -33.33 9.55 -9.91
C VAL E 197 -33.74 10.59 -8.81
N THR E 198 -32.87 11.58 -8.54
CA THR E 198 -32.88 12.36 -7.27
C THR E 198 -33.58 13.74 -7.47
N THR E 199 -33.99 14.37 -6.39
CA THR E 199 -34.62 15.64 -6.40
C THR E 199 -33.73 16.71 -7.04
N ALA E 200 -32.46 16.75 -6.66
CA ALA E 200 -31.48 17.60 -7.25
C ALA E 200 -31.33 17.51 -8.77
N GLU E 201 -31.24 16.30 -9.30
CA GLU E 201 -31.27 16.02 -10.71
C GLU E 201 -32.58 16.43 -11.37
N ARG E 202 -33.72 16.36 -10.69
CA ARG E 202 -34.98 16.85 -11.22
C ARG E 202 -34.86 18.32 -11.67
N GLU E 203 -34.22 19.12 -10.84
CA GLU E 203 -33.95 20.52 -11.16
C GLU E 203 -33.00 20.69 -12.35
N ILE E 204 -32.06 19.78 -12.56
CA ILE E 204 -31.28 19.72 -13.79
C ILE E 204 -32.23 19.46 -14.99
N VAL E 205 -33.10 18.49 -14.90
CA VAL E 205 -33.95 18.21 -16.04
C VAL E 205 -35.01 19.28 -16.27
N ARG E 206 -35.40 19.98 -15.23
CA ARG E 206 -36.16 21.25 -15.36
C ARG E 206 -35.35 22.21 -16.20
N ASP E 207 -34.04 22.38 -15.92
CA ASP E 207 -33.25 23.24 -16.75
C ASP E 207 -33.23 22.79 -18.21
N ILE E 208 -33.16 21.50 -18.46
CA ILE E 208 -33.10 21.01 -19.85
C ILE E 208 -34.38 21.38 -20.58
N LYS E 209 -35.49 21.12 -19.92
CA LYS E 209 -36.83 21.45 -20.38
C LYS E 209 -36.95 22.95 -20.76
N GLU E 210 -36.48 23.80 -19.89
CA GLU E 210 -36.61 25.24 -20.03
C GLU E 210 -35.83 25.73 -21.25
N LYS E 211 -34.60 25.25 -21.45
CA LYS E 211 -33.85 25.64 -22.62
C LYS E 211 -34.31 24.97 -23.94
N LEU E 212 -34.17 23.64 -23.96
CA LEU E 212 -34.26 22.87 -25.20
C LEU E 212 -35.65 22.54 -25.73
N CYS E 213 -36.60 22.21 -24.90
CA CYS E 213 -37.89 21.62 -25.36
C CYS E 213 -38.75 22.64 -26.06
N TYR E 214 -39.40 22.27 -27.15
CA TYR E 214 -40.30 23.14 -27.90
C TYR E 214 -41.55 22.30 -28.22
N VAL E 215 -42.64 23.02 -28.57
CA VAL E 215 -43.90 22.41 -28.94
C VAL E 215 -44.01 22.41 -30.47
N ALA E 216 -44.14 21.18 -30.94
CA ALA E 216 -44.24 20.91 -32.37
C ALA E 216 -45.56 21.42 -32.92
N LEU E 217 -45.61 21.85 -34.17
CA LEU E 217 -46.83 22.34 -34.76
C LEU E 217 -47.71 21.08 -34.99
N ASP E 218 -47.14 20.16 -35.75
CA ASP E 218 -47.70 18.85 -35.92
C ASP E 218 -46.76 17.81 -35.28
N PHE E 219 -47.28 16.92 -34.45
CA PHE E 219 -46.45 15.90 -33.81
C PHE E 219 -45.74 14.99 -34.83
N GLU E 220 -46.42 14.68 -35.92
CA GLU E 220 -45.90 13.75 -36.94
C GLU E 220 -44.59 14.23 -37.57
N ASN E 221 -44.49 15.54 -37.79
CA ASN E 221 -43.25 16.12 -38.30
C ASN E 221 -42.10 15.90 -37.32
N GLU E 222 -42.40 16.03 -36.04
CA GLU E 222 -41.42 15.77 -34.99
C GLU E 222 -40.99 14.31 -35.03
N MET E 223 -41.95 13.43 -35.26
CA MET E 223 -41.65 12.00 -35.41
C MET E 223 -40.71 11.75 -36.59
N ALA E 224 -40.95 12.45 -37.69
CA ALA E 224 -40.09 12.36 -38.87
C ALA E 224 -38.67 12.85 -38.58
N THR E 225 -38.56 13.92 -37.80
CA THR E 225 -37.27 14.42 -37.38
C THR E 225 -36.55 13.37 -36.52
N ALA E 226 -37.31 12.71 -35.65
CA ALA E 226 -36.75 11.68 -34.81
C ALA E 226 -36.22 10.56 -35.69
N ALA E 227 -36.96 10.27 -36.76
CA ALA E 227 -36.56 9.25 -37.73
C ALA E 227 -35.25 9.59 -38.47
N SER E 228 -35.06 10.84 -38.90
CA SER E 228 -33.78 11.19 -39.54
C SER E 228 -33.11 12.29 -38.73
N SER E 229 -31.90 12.06 -38.21
CA SER E 229 -31.52 12.92 -37.07
C SER E 229 -30.59 14.06 -37.50
N SER E 230 -31.14 15.28 -37.51
CA SER E 230 -30.53 16.42 -38.13
C SER E 230 -30.56 17.58 -37.19
N SER E 231 -31.56 18.49 -37.26
CA SER E 231 -31.58 19.57 -36.26
C SER E 231 -32.24 19.17 -34.94
N LEU E 232 -32.99 18.08 -34.87
CA LEU E 232 -33.78 17.76 -33.70
C LEU E 232 -32.92 17.35 -32.54
N GLU E 233 -31.88 16.56 -32.71
CA GLU E 233 -30.93 16.28 -31.64
C GLU E 233 -30.02 17.43 -31.27
N LYS E 234 -30.06 17.88 -30.00
CA LYS E 234 -29.24 19.04 -29.62
C LYS E 234 -28.37 18.56 -28.47
N SER E 235 -27.18 19.18 -28.38
CA SER E 235 -26.31 18.81 -27.23
C SER E 235 -26.60 19.69 -26.02
N TYR E 236 -26.76 19.09 -24.81
CA TYR E 236 -26.83 19.92 -23.65
C TYR E 236 -25.77 19.46 -22.69
N GLU E 237 -25.17 20.40 -21.95
CA GLU E 237 -24.13 20.09 -21.00
C GLU E 237 -24.60 20.05 -19.57
N LEU E 238 -24.42 18.99 -18.82
CA LEU E 238 -24.67 18.97 -17.38
C LEU E 238 -23.69 19.79 -16.59
N PRO E 239 -23.98 20.16 -15.34
CA PRO E 239 -23.00 20.78 -14.44
C PRO E 239 -21.75 19.95 -14.20
N ASP E 240 -21.85 18.62 -14.23
CA ASP E 240 -20.73 17.68 -14.12
C ASP E 240 -19.68 17.90 -15.25
N GLY E 241 -20.12 18.09 -16.45
CA GLY E 241 -19.28 18.05 -17.66
C GLY E 241 -19.71 17.01 -18.68
N GLN E 242 -20.68 16.15 -18.40
CA GLN E 242 -21.14 15.18 -19.34
C GLN E 242 -22.04 15.86 -20.37
N VAL E 243 -22.15 15.22 -21.55
CA VAL E 243 -22.92 15.69 -22.68
C VAL E 243 -24.14 14.77 -22.88
N ILE E 244 -25.32 15.39 -22.90
CA ILE E 244 -26.57 14.65 -23.12
C ILE E 244 -26.95 15.03 -24.54
N THR E 245 -27.41 14.13 -25.38
CA THR E 245 -27.98 14.43 -26.68
C THR E 245 -29.43 13.95 -26.67
N ILE E 246 -30.37 14.83 -26.94
CA ILE E 246 -31.80 14.59 -26.90
C ILE E 246 -32.50 14.96 -28.18
N GLY E 247 -33.18 13.97 -28.80
CA GLY E 247 -33.79 14.20 -30.11
C GLY E 247 -35.29 14.47 -30.15
N ASN E 248 -36.09 13.45 -30.24
CA ASN E 248 -37.52 13.52 -30.10
C ASN E 248 -38.00 13.86 -28.66
N GLU E 249 -37.23 13.51 -27.65
CA GLU E 249 -37.56 13.84 -26.28
C GLU E 249 -37.68 15.36 -26.04
N ARG E 250 -36.99 16.15 -26.88
CA ARG E 250 -37.09 17.60 -26.87
C ARG E 250 -38.55 18.07 -27.03
N PHE E 251 -39.25 17.49 -28.02
CA PHE E 251 -40.62 17.97 -28.33
C PHE E 251 -41.76 17.08 -27.81
N ARG E 252 -41.54 15.79 -27.60
CA ARG E 252 -42.52 14.94 -26.95
C ARG E 252 -42.63 15.14 -25.47
N CYS E 253 -41.72 15.82 -24.78
CA CYS E 253 -42.02 16.30 -23.40
C CYS E 253 -43.24 17.25 -23.34
N PRO E 254 -43.27 18.43 -23.95
CA PRO E 254 -44.40 19.31 -23.88
C PRO E 254 -45.65 18.89 -24.66
N GLU E 255 -45.50 17.91 -25.57
CA GLU E 255 -46.69 17.32 -26.23
C GLU E 255 -47.69 16.81 -25.20
N THR E 256 -47.27 16.45 -23.98
CA THR E 256 -48.11 16.04 -22.88
C THR E 256 -49.24 17.02 -22.57
N LEU E 257 -49.06 18.34 -22.72
CA LEU E 257 -50.10 19.33 -22.54
C LEU E 257 -51.26 19.12 -23.48
N PHE E 258 -50.97 18.69 -24.71
CA PHE E 258 -52.03 18.44 -25.71
C PHE E 258 -52.50 17.00 -25.59
N GLN E 259 -51.64 16.07 -25.16
CA GLN E 259 -52.02 14.66 -25.04
C GLN E 259 -51.69 14.21 -23.62
N PRO E 260 -52.54 14.48 -22.63
CA PRO E 260 -52.28 13.98 -21.27
C PRO E 260 -52.32 12.45 -21.11
N SER E 261 -52.73 11.70 -22.10
CA SER E 261 -52.63 10.26 -22.20
C SER E 261 -51.17 9.76 -22.12
N PHE E 262 -50.16 10.58 -22.32
CA PHE E 262 -48.78 10.25 -22.10
C PHE E 262 -48.41 10.02 -20.61
N ILE E 263 -49.03 10.73 -19.72
CA ILE E 263 -48.97 10.55 -18.23
C ILE E 263 -49.99 9.58 -17.72
N GLY E 264 -50.86 9.03 -18.55
CA GLY E 264 -51.97 8.22 -18.11
C GLY E 264 -53.12 8.95 -17.48
N MET E 265 -53.36 10.20 -17.88
CA MET E 265 -54.56 10.93 -17.46
C MET E 265 -55.62 10.96 -18.53
N GLU E 266 -56.91 10.88 -18.10
CA GLU E 266 -57.96 10.91 -19.11
C GLU E 266 -58.36 12.37 -19.50
N SER E 267 -57.96 13.30 -18.65
CA SER E 267 -58.21 14.71 -18.93
C SER E 267 -57.81 15.13 -20.36
N ALA E 268 -58.72 15.78 -21.02
CA ALA E 268 -58.45 16.26 -22.37
C ALA E 268 -57.35 17.35 -22.37
N GLY E 269 -56.61 17.40 -23.50
CA GLY E 269 -55.46 18.34 -23.60
C GLY E 269 -55.90 19.76 -23.34
N ILE E 270 -54.98 20.71 -23.19
CA ILE E 270 -55.22 22.10 -22.92
C ILE E 270 -56.04 22.86 -23.96
N HIS E 271 -56.07 22.38 -25.19
CA HIS E 271 -56.85 22.88 -26.26
C HIS E 271 -58.34 22.50 -26.19
N GLU E 272 -58.62 21.27 -25.79
CA GLU E 272 -59.97 20.85 -25.49
C GLU E 272 -60.51 21.34 -24.21
N THR E 273 -59.70 21.67 -23.23
CA THR E 273 -60.16 22.35 -22.02
C THR E 273 -60.49 23.82 -22.29
N THR E 274 -59.66 24.57 -22.99
CA THR E 274 -59.98 25.91 -23.41
C THR E 274 -61.22 25.97 -24.28
N TYR E 275 -61.37 25.08 -25.24
CA TYR E 275 -62.55 24.99 -26.11
C TYR E 275 -63.78 24.59 -25.25
N ASN E 276 -63.61 23.61 -24.37
CA ASN E 276 -64.67 23.19 -23.49
C ASN E 276 -65.14 24.30 -22.58
N SER E 277 -64.21 25.11 -22.08
CA SER E 277 -64.50 26.25 -21.28
C SER E 277 -65.31 27.30 -22.05
N ILE E 278 -64.95 27.59 -23.27
CA ILE E 278 -65.74 28.36 -24.20
C ILE E 278 -67.12 27.80 -24.42
N MET E 279 -67.29 26.50 -24.52
CA MET E 279 -68.60 25.90 -24.65
C MET E 279 -69.54 26.12 -23.52
N LYS E 280 -69.01 25.99 -22.30
CA LYS E 280 -69.91 26.17 -21.15
C LYS E 280 -70.35 27.63 -21.03
N CYS E 281 -69.82 28.60 -21.71
CA CYS E 281 -70.21 29.99 -21.60
C CYS E 281 -71.41 30.28 -22.54
N ASP E 282 -72.22 31.26 -22.18
CA ASP E 282 -73.36 31.72 -22.89
C ASP E 282 -73.04 31.99 -24.37
N ILE E 283 -73.96 31.61 -25.23
CA ILE E 283 -73.76 31.69 -26.67
C ILE E 283 -73.33 33.06 -27.13
N ASP E 284 -73.82 34.13 -26.53
CA ASP E 284 -73.45 35.53 -26.89
C ASP E 284 -71.93 35.84 -26.86
N ILE E 285 -71.18 35.38 -25.87
CA ILE E 285 -69.91 35.92 -25.57
C ILE E 285 -68.76 35.11 -26.18
N ARG E 286 -69.05 33.93 -26.76
CA ARG E 286 -68.01 33.02 -27.19
C ARG E 286 -67.03 33.59 -28.23
N LYS E 287 -67.59 34.41 -29.11
CA LYS E 287 -66.81 35.03 -30.14
C LYS E 287 -65.67 35.90 -29.55
N ASP E 288 -66.06 36.63 -28.44
CA ASP E 288 -65.04 37.48 -27.86
C ASP E 288 -63.93 36.60 -27.24
N LEU E 289 -64.36 35.52 -26.53
CA LEU E 289 -63.44 34.68 -25.82
C LEU E 289 -62.46 34.03 -26.78
N TYR E 290 -63.01 33.58 -27.90
CA TYR E 290 -62.19 33.00 -28.99
C TYR E 290 -61.23 34.05 -29.51
N ALA E 291 -61.60 35.29 -29.66
CA ALA E 291 -60.71 36.27 -30.19
C ALA E 291 -59.59 36.64 -29.22
N ASN E 292 -59.98 36.65 -27.95
CA ASN E 292 -59.19 37.22 -26.91
C ASN E 292 -58.49 36.30 -25.91
N ASN E 293 -58.17 35.04 -26.27
CA ASN E 293 -57.59 34.05 -25.36
C ASN E 293 -56.13 34.30 -24.91
N VAL E 294 -55.84 34.47 -23.65
CA VAL E 294 -54.63 35.07 -23.12
C VAL E 294 -53.81 33.91 -22.51
N LEU E 295 -52.51 34.01 -22.53
CA LEU E 295 -51.61 33.04 -21.94
C LEU E 295 -50.76 33.62 -20.83
N SER E 296 -50.54 32.81 -19.79
CA SER E 296 -49.70 33.28 -18.67
C SER E 296 -48.94 32.10 -18.07
N GLY E 297 -47.79 32.39 -17.46
CA GLY E 297 -47.13 31.42 -16.63
C GLY E 297 -45.91 30.82 -17.27
N GLY E 298 -45.12 30.16 -16.48
CA GLY E 298 -43.87 29.51 -16.95
C GLY E 298 -44.06 28.38 -17.96
N THR E 299 -45.10 27.58 -17.84
CA THR E 299 -45.37 26.44 -18.71
C THR E 299 -46.10 26.90 -19.98
N THR E 300 -46.29 28.20 -20.22
CA THR E 300 -46.63 28.74 -21.53
C THR E 300 -45.39 29.20 -22.35
N MET E 301 -44.20 29.15 -21.76
CA MET E 301 -42.99 29.64 -22.36
C MET E 301 -42.40 28.82 -23.47
N TYR E 302 -42.91 27.57 -23.69
CA TYR E 302 -42.25 26.72 -24.69
C TYR E 302 -42.41 27.27 -26.11
N PRO E 303 -41.30 27.50 -26.84
CA PRO E 303 -41.46 28.05 -28.19
C PRO E 303 -42.40 27.12 -28.93
N GLY E 304 -43.31 27.68 -29.68
CA GLY E 304 -44.22 26.88 -30.48
C GLY E 304 -45.55 26.55 -29.83
N ILE E 305 -45.82 27.08 -28.61
CA ILE E 305 -47.09 26.85 -27.99
C ILE E 305 -48.28 27.55 -28.65
N ALA E 306 -48.14 28.87 -28.85
CA ALA E 306 -49.17 29.67 -29.40
C ALA E 306 -49.63 29.20 -30.81
N ASP E 307 -48.73 28.74 -31.63
CA ASP E 307 -49.04 28.33 -32.97
C ASP E 307 -49.81 26.99 -32.97
N ARG E 308 -49.36 26.09 -32.12
CA ARG E 308 -50.13 24.85 -32.01
C ARG E 308 -51.53 25.08 -31.44
N MET E 309 -51.64 25.98 -30.49
CA MET E 309 -52.93 26.42 -29.98
C MET E 309 -53.87 26.94 -31.15
N GLN E 310 -53.32 27.72 -32.01
CA GLN E 310 -54.03 28.41 -33.05
C GLN E 310 -54.23 27.50 -34.28
N LYS E 311 -53.58 26.35 -34.34
CA LYS E 311 -54.00 25.23 -35.06
C LYS E 311 -55.16 24.49 -34.37
N GLU E 312 -55.01 24.04 -33.14
CA GLU E 312 -55.88 23.05 -32.55
C GLU E 312 -57.26 23.60 -32.18
N ILE E 313 -57.30 24.80 -31.62
CA ILE E 313 -58.54 25.49 -31.34
C ILE E 313 -59.27 25.87 -32.65
N THR E 314 -58.52 26.20 -33.68
CA THR E 314 -59.12 26.45 -34.96
C THR E 314 -59.70 25.18 -35.62
N ALA E 315 -59.21 23.99 -35.26
CA ALA E 315 -59.79 22.78 -35.74
C ALA E 315 -61.00 22.35 -34.92
N LEU E 316 -61.05 22.54 -33.61
CA LEU E 316 -62.26 22.41 -32.85
C LEU E 316 -63.40 23.35 -33.14
N ALA E 317 -63.19 24.64 -33.08
CA ALA E 317 -64.20 25.67 -33.31
C ALA E 317 -64.70 25.85 -34.71
N PRO E 318 -65.87 26.51 -34.89
CA PRO E 318 -66.41 26.72 -36.24
C PRO E 318 -65.50 27.61 -37.01
N SER E 319 -65.15 27.24 -38.27
CA SER E 319 -64.16 27.96 -39.02
C SER E 319 -64.46 29.45 -39.30
N THR E 320 -65.71 29.82 -39.29
CA THR E 320 -66.19 31.13 -39.72
C THR E 320 -65.65 32.29 -38.90
N MET E 321 -65.01 32.02 -37.77
CA MET E 321 -64.68 33.07 -36.80
C MET E 321 -63.20 33.10 -36.30
N LYS E 322 -62.72 34.35 -36.06
CA LYS E 322 -61.27 34.60 -35.93
C LYS E 322 -60.92 34.16 -34.50
N ILE E 323 -59.94 33.26 -34.40
CA ILE E 323 -59.31 32.92 -33.10
C ILE E 323 -57.91 33.53 -32.96
N LYS E 324 -57.81 34.76 -32.49
CA LYS E 324 -56.49 35.36 -32.17
C LYS E 324 -56.09 34.88 -30.79
N ILE E 325 -54.89 34.43 -30.65
CA ILE E 325 -54.32 34.06 -29.33
C ILE E 325 -53.34 35.17 -29.00
N ILE E 326 -53.46 35.74 -27.82
CA ILE E 326 -52.53 36.78 -27.33
C ILE E 326 -51.58 36.15 -26.25
N ALA E 327 -50.33 35.92 -26.66
CA ALA E 327 -49.30 35.49 -25.70
C ALA E 327 -48.17 36.52 -25.75
N PRO E 328 -48.21 37.53 -24.89
CA PRO E 328 -47.21 38.57 -24.82
C PRO E 328 -45.90 38.04 -24.24
N PRO E 329 -44.73 38.50 -24.75
CA PRO E 329 -43.47 38.23 -24.00
C PRO E 329 -43.46 38.83 -22.61
N GLU E 330 -42.67 38.27 -21.69
CA GLU E 330 -42.80 38.67 -20.26
C GLU E 330 -44.15 38.18 -19.71
N ARG E 331 -44.65 37.07 -20.25
CA ARG E 331 -45.89 36.45 -19.74
C ARG E 331 -45.70 35.61 -18.43
N LYS E 332 -44.46 35.12 -18.19
CA LYS E 332 -44.18 34.44 -16.95
C LYS E 332 -44.46 35.33 -15.73
N TYR E 333 -44.29 36.63 -15.86
CA TYR E 333 -44.49 37.57 -14.78
C TYR E 333 -45.82 38.33 -14.90
N SER E 334 -46.74 37.85 -15.76
CA SER E 334 -48.07 38.40 -15.94
C SER E 334 -48.89 38.49 -14.65
N VAL E 335 -48.79 37.45 -13.83
CA VAL E 335 -49.61 37.43 -12.61
C VAL E 335 -49.05 38.49 -11.64
N TRP E 336 -47.75 38.66 -11.60
CA TRP E 336 -47.15 39.56 -10.66
C TRP E 336 -47.35 41.04 -11.07
N ILE E 337 -47.24 41.33 -12.37
CA ILE E 337 -47.56 42.59 -12.97
C ILE E 337 -49.00 43.03 -12.69
N GLY E 338 -49.89 42.06 -12.76
CA GLY E 338 -51.32 42.26 -12.52
C GLY E 338 -51.59 42.52 -11.06
N GLY E 339 -50.80 41.89 -10.18
CA GLY E 339 -50.90 42.14 -8.75
C GLY E 339 -50.36 43.58 -8.50
N SER E 340 -49.31 43.97 -9.15
CA SER E 340 -48.78 45.30 -9.02
C SER E 340 -49.82 46.39 -9.43
N ILE E 341 -50.21 46.35 -10.69
CA ILE E 341 -51.21 47.23 -11.22
C ILE E 341 -52.48 47.26 -10.38
N LEU E 342 -52.96 46.15 -9.86
CA LEU E 342 -54.12 46.13 -9.00
C LEU E 342 -53.88 46.84 -7.68
N ALA E 343 -52.69 46.66 -7.08
CA ALA E 343 -52.37 47.37 -5.87
C ALA E 343 -52.21 48.85 -6.01
N SER E 344 -51.93 49.36 -7.25
CA SER E 344 -51.76 50.75 -7.51
C SER E 344 -53.12 51.49 -7.80
N LEU E 345 -54.17 50.71 -8.18
CA LEU E 345 -55.52 51.21 -8.32
C LEU E 345 -56.12 51.60 -6.95
N SER E 346 -56.61 52.85 -6.95
CA SER E 346 -57.24 53.44 -5.82
C SER E 346 -58.64 52.89 -5.49
N THR E 347 -59.25 52.25 -6.52
CA THR E 347 -60.64 51.84 -6.31
C THR E 347 -60.67 50.46 -5.61
N PHE E 348 -59.53 49.78 -5.65
CA PHE E 348 -59.21 48.59 -4.94
C PHE E 348 -58.86 48.77 -3.48
N GLN E 349 -58.41 49.93 -3.04
CA GLN E 349 -57.97 50.11 -1.67
C GLN E 349 -59.08 49.83 -0.62
N GLN E 350 -60.34 50.15 -0.90
CA GLN E 350 -61.44 49.71 -0.04
C GLN E 350 -61.45 48.16 0.17
N MET E 351 -60.97 47.32 -0.77
CA MET E 351 -61.13 45.88 -0.72
C MET E 351 -60.06 45.15 0.11
N TRP E 352 -59.08 45.86 0.67
CA TRP E 352 -58.07 45.18 1.51
C TRP E 352 -58.80 44.66 2.74
N ILE E 353 -58.45 43.46 3.28
CA ILE E 353 -59.08 42.93 4.50
C ILE E 353 -58.17 43.47 5.65
N SER E 354 -58.72 44.22 6.57
CA SER E 354 -57.91 44.90 7.61
C SER E 354 -57.64 43.97 8.77
N LYS E 355 -56.53 44.18 9.44
CA LYS E 355 -56.02 43.33 10.53
C LYS E 355 -57.18 43.26 11.62
N GLN E 356 -57.66 44.44 11.90
CA GLN E 356 -58.83 44.66 12.69
C GLN E 356 -60.07 43.96 12.19
N GLU E 357 -60.45 44.05 10.94
CA GLU E 357 -61.66 43.43 10.44
C GLU E 357 -61.58 41.89 10.42
N TYR E 358 -60.39 41.41 10.33
CA TYR E 358 -60.07 40.03 10.51
C TYR E 358 -60.24 39.55 11.95
N ASP E 359 -59.62 40.22 12.94
CA ASP E 359 -59.78 39.75 14.28
C ASP E 359 -61.22 39.72 14.73
N GLU E 360 -62.03 40.73 14.44
CA GLU E 360 -63.42 40.77 14.79
C GLU E 360 -64.36 39.89 13.98
N ALA E 361 -64.18 39.81 12.65
CA ALA E 361 -65.10 39.11 11.79
C ALA E 361 -64.77 37.60 11.53
N GLY E 362 -63.53 37.19 11.63
CA GLY E 362 -63.21 35.80 11.70
C GLY E 362 -62.25 35.39 10.61
N PRO E 363 -62.11 34.05 10.44
CA PRO E 363 -61.50 33.55 9.19
C PRO E 363 -62.46 33.43 8.04
N SER E 364 -63.77 33.38 8.27
CA SER E 364 -64.78 33.22 7.27
C SER E 364 -64.94 34.41 6.31
N ILE E 365 -64.34 35.59 6.61
CA ILE E 365 -64.47 36.74 5.79
C ILE E 365 -63.38 36.98 4.71
N VAL E 366 -62.53 36.03 4.42
CA VAL E 366 -61.61 36.06 3.31
C VAL E 366 -62.31 35.87 1.94
N HIS E 367 -63.42 35.14 1.97
CA HIS E 367 -64.21 34.79 0.79
C HIS E 367 -65.33 35.84 0.48
N UNK F 1 98.43 -10.45 42.55
CA UNK F 1 98.38 -9.53 41.43
C UNK F 1 97.00 -9.54 40.76
N UNK F 2 96.38 -10.72 40.71
CA UNK F 2 95.09 -10.90 40.04
C UNK F 2 93.97 -10.23 40.83
N UNK F 3 94.13 -10.19 42.15
CA UNK F 3 93.20 -9.47 43.01
C UNK F 3 93.19 -7.99 42.67
N UNK F 4 94.38 -7.42 42.52
CA UNK F 4 94.51 -6.01 42.15
C UNK F 4 93.94 -5.76 40.76
N UNK F 5 94.03 -6.77 39.91
CA UNK F 5 93.51 -6.69 38.55
C UNK F 5 91.98 -6.77 38.57
N UNK F 6 91.46 -7.63 39.44
CA UNK F 6 90.02 -7.79 39.58
C UNK F 6 89.39 -6.57 40.23
N UNK F 7 90.12 -5.96 41.16
CA UNK F 7 89.66 -4.76 41.83
C UNK F 7 89.60 -3.58 40.87
N UNK F 8 90.60 -3.49 39.99
CA UNK F 8 90.67 -2.42 39.00
C UNK F 8 89.56 -2.55 37.97
N UNK F 9 89.27 -3.79 37.57
CA UNK F 9 88.20 -4.05 36.61
C UNK F 9 86.83 -3.81 37.23
N UNK F 10 86.75 -3.93 38.55
CA UNK F 10 85.50 -3.67 39.26
C UNK F 10 85.21 -2.17 39.27
N UNK F 11 86.26 -1.38 39.47
CA UNK F 11 86.13 0.07 39.56
C UNK F 11 85.62 0.66 38.25
N UNK F 12 86.07 0.10 37.13
CA UNK F 12 85.66 0.61 35.83
C UNK F 12 84.32 0.01 35.39
N UNK F 13 83.96 -1.13 35.97
CA UNK F 13 82.68 -1.76 35.67
C UNK F 13 81.54 -1.02 36.34
N UNK F 14 81.82 -0.45 37.52
CA UNK F 14 80.85 0.36 38.23
C UNK F 14 80.76 1.74 37.61
N UNK F 15 81.84 2.15 36.94
CA UNK F 15 81.86 3.43 36.24
C UNK F 15 81.04 3.35 34.96
N UNK F 16 81.14 2.20 34.28
CA UNK F 16 80.35 1.96 33.08
C UNK F 16 78.88 1.78 33.47
N UNK F 17 78.65 1.24 34.67
CA UNK F 17 77.31 1.06 35.20
C UNK F 17 76.61 2.40 35.34
N UNK F 18 77.34 3.38 35.89
CA UNK F 18 76.79 4.72 36.08
C UNK F 18 76.48 5.37 34.74
N UNK F 19 77.31 5.09 33.74
CA UNK F 19 77.12 5.64 32.40
C UNK F 19 75.92 4.99 31.71
N UNK F 20 75.72 3.70 31.96
CA UNK F 20 74.65 2.95 31.31
C UNK F 20 73.28 3.28 31.90
N UNK F 21 73.25 3.64 33.18
CA UNK F 21 71.99 4.04 33.82
C UNK F 21 71.62 5.45 33.39
N UNK F 22 72.64 6.27 33.14
CA UNK F 22 72.43 7.62 32.66
C UNK F 22 71.91 7.59 31.22
N UNK F 23 72.44 6.66 30.43
CA UNK F 23 72.00 6.49 29.05
C UNK F 23 70.57 5.98 29.02
N UNK F 24 70.21 5.17 30.01
CA UNK F 24 68.84 4.67 30.13
C UNK F 24 67.91 5.79 30.57
N UNK F 25 68.42 6.70 31.38
CA UNK F 25 67.64 7.82 31.87
C UNK F 25 67.34 8.78 30.72
N UNK F 26 68.36 9.05 29.89
CA UNK F 26 68.20 9.97 28.77
C UNK F 26 67.19 9.46 27.75
N UNK F 27 67.18 8.15 27.53
CA UNK F 27 66.34 7.57 26.49
C UNK F 27 64.86 7.58 26.90
N UNK F 28 64.58 7.31 28.17
CA UNK F 28 63.20 7.30 28.66
C UNK F 28 62.71 8.72 28.92
N UNK F 29 63.67 9.62 29.11
CA UNK F 29 63.40 11.04 29.32
C UNK F 29 62.95 11.67 28.02
N UNK F 30 63.57 11.26 26.92
CA UNK F 30 63.20 11.74 25.60
C UNK F 30 61.99 11.02 25.06
N UNK F 31 61.84 9.75 25.43
CA UNK F 31 60.71 8.94 24.97
C UNK F 31 59.40 9.50 25.51
N UNK F 32 59.45 10.02 26.74
CA UNK F 32 58.27 10.58 27.38
C UNK F 32 57.72 11.80 26.63
N UNK F 33 58.56 12.80 26.45
CA UNK F 33 58.13 14.06 25.84
C UNK F 33 57.64 13.86 24.42
N UNK F 34 58.20 12.88 23.71
CA UNK F 34 57.80 12.62 22.34
C UNK F 34 56.48 11.85 22.29
N UNK F 35 56.25 11.01 23.30
CA UNK F 35 55.01 10.25 23.38
C UNK F 35 53.88 11.16 23.85
N UNK F 36 54.19 12.06 24.78
CA UNK F 36 53.23 13.03 25.27
C UNK F 36 52.74 13.94 24.13
N UNK F 37 53.65 14.22 23.20
CA UNK F 37 53.32 15.01 22.01
C UNK F 37 52.50 14.18 21.03
N UNK F 38 52.87 12.92 20.87
CA UNK F 38 52.16 12.00 19.98
C UNK F 38 50.75 11.74 20.49
N UNK F 39 50.64 11.56 21.80
CA UNK F 39 49.34 11.35 22.43
C UNK F 39 48.47 12.60 22.30
N UNK F 40 49.09 13.76 22.54
CA UNK F 40 48.37 15.03 22.41
C UNK F 40 47.91 15.24 20.98
N UNK F 41 48.72 14.84 20.02
CA UNK F 41 48.37 14.94 18.61
C UNK F 41 47.19 14.04 18.29
N UNK F 42 47.17 12.85 18.88
CA UNK F 42 46.09 11.88 18.64
C UNK F 42 44.76 12.37 19.18
N UNK F 43 44.80 13.00 20.36
CA UNK F 43 43.60 13.54 20.98
C UNK F 43 43.01 14.66 20.14
N UNK F 44 43.88 15.53 19.64
CA UNK F 44 43.47 16.66 18.83
C UNK F 44 43.09 16.23 17.41
N UNK F 45 43.69 15.13 16.95
CA UNK F 45 43.39 14.58 15.63
C UNK F 45 41.98 14.02 15.56
N UNK F 46 41.55 13.36 16.62
CA UNK F 46 40.25 12.71 16.66
C UNK F 46 39.10 13.70 16.61
N UNK F 47 39.22 14.79 17.36
CA UNK F 47 38.14 15.76 17.44
C UNK F 47 38.10 16.62 16.17
N UNK F 48 39.25 16.81 15.53
CA UNK F 48 39.32 17.57 14.29
C UNK F 48 38.76 16.75 13.12
N UNK F 49 38.81 15.43 13.28
CA UNK F 49 38.23 14.51 12.30
C UNK F 49 36.71 14.57 12.39
N UNK F 50 36.21 14.60 13.62
CA UNK F 50 34.77 14.70 13.86
C UNK F 50 34.21 16.00 13.29
N UNK F 51 34.92 17.10 13.55
CA UNK F 51 34.52 18.41 13.03
C UNK F 51 34.55 18.44 11.50
N UNK F 52 35.51 17.72 10.92
CA UNK F 52 35.64 17.64 9.47
C UNK F 52 34.43 16.96 8.86
N UNK F 53 34.06 15.81 9.43
CA UNK F 53 32.88 15.08 9.03
C UNK F 53 31.64 15.95 9.13
N UNK F 54 31.50 16.63 10.27
CA UNK F 54 30.37 17.53 10.51
C UNK F 54 30.30 18.62 9.46
N UNK F 55 31.47 19.07 9.01
CA UNK F 55 31.55 20.12 8.00
C UNK F 55 31.11 19.61 6.63
N UNK F 56 31.68 18.48 6.21
CA UNK F 56 31.36 17.88 4.92
C UNK F 56 29.89 17.48 4.82
N UNK F 57 29.32 17.05 5.93
CA UNK F 57 27.94 16.57 5.94
C UNK F 57 26.96 17.72 5.76
N UNK F 58 27.12 18.77 6.56
CA UNK F 58 26.25 19.95 6.46
C UNK F 58 26.48 20.66 5.14
N UNK F 59 27.59 20.34 4.47
CA UNK F 59 27.89 20.88 3.15
C UNK F 59 27.05 20.22 2.08
N UNK F 60 27.11 18.89 2.03
CA UNK F 60 26.36 18.11 1.04
C UNK F 60 24.86 18.15 1.34
N UNK F 61 24.51 18.37 2.60
CA UNK F 61 23.10 18.53 2.98
C UNK F 61 22.54 19.81 2.41
N UNK F 62 23.33 20.88 2.52
CA UNK F 62 22.91 22.19 2.05
C UNK F 62 22.91 22.29 0.54
N UNK F 63 23.89 21.66 -0.10
CA UNK F 63 23.97 21.63 -1.55
C UNK F 63 22.83 20.81 -2.13
N UNK F 64 22.55 19.67 -1.52
CA UNK F 64 21.46 18.79 -1.95
C UNK F 64 20.13 19.53 -1.88
N UNK F 65 19.97 20.29 -0.81
CA UNK F 65 18.75 21.06 -0.60
C UNK F 65 18.66 22.19 -1.62
N UNK F 66 19.81 22.81 -1.92
CA UNK F 66 19.86 23.94 -2.83
C UNK F 66 19.45 23.55 -4.24
N UNK F 67 19.93 22.40 -4.71
CA UNK F 67 19.67 21.94 -6.07
C UNK F 67 18.18 21.67 -6.28
N UNK F 68 17.51 21.20 -5.24
CA UNK F 68 16.09 20.86 -5.32
C UNK F 68 15.21 22.10 -5.47
N UNK F 69 15.56 23.13 -4.72
CA UNK F 69 14.79 24.38 -4.73
C UNK F 69 15.18 25.24 -5.94
N UNK F 70 16.45 25.14 -6.34
CA UNK F 70 16.93 25.85 -7.53
C UNK F 70 16.17 25.37 -8.76
N UNK F 71 15.88 24.08 -8.80
CA UNK F 71 15.15 23.48 -9.92
C UNK F 71 13.67 23.81 -9.84
N UNK F 72 13.14 23.90 -8.62
CA UNK F 72 11.73 24.16 -8.44
C UNK F 72 11.37 25.59 -8.87
N UNK F 73 12.35 26.49 -8.82
CA UNK F 73 12.11 27.89 -9.19
C UNK F 73 11.86 28.03 -10.68
N UNK F 74 12.71 27.42 -11.49
CA UNK F 74 12.60 27.51 -12.94
C UNK F 74 11.28 26.90 -13.40
N UNK F 75 10.85 25.85 -12.72
CA UNK F 75 9.59 25.18 -13.03
C UNK F 75 8.39 26.09 -12.76
N UNK F 76 8.41 26.76 -11.62
CA UNK F 76 7.28 27.60 -11.22
C UNK F 76 7.30 28.95 -11.95
N UNK F 77 8.46 29.32 -12.47
CA UNK F 77 8.57 30.51 -13.30
C UNK F 77 8.01 30.22 -14.68
N UNK F 78 8.27 29.01 -15.16
CA UNK F 78 7.80 28.58 -16.47
C UNK F 78 6.28 28.43 -16.47
N UNK F 79 5.72 28.04 -15.34
CA UNK F 79 4.27 27.89 -15.20
C UNK F 79 3.59 29.26 -15.22
N UNK F 80 4.26 30.25 -14.65
CA UNK F 80 3.72 31.60 -14.51
C UNK F 80 3.37 32.24 -15.86
N UNK F 81 4.33 32.22 -16.78
CA UNK F 81 4.15 32.86 -18.08
C UNK F 81 3.10 32.14 -18.93
N UNK F 82 2.99 30.83 -18.76
CA UNK F 82 2.00 30.04 -19.49
C UNK F 82 0.59 30.47 -19.12
N UNK F 83 0.39 30.77 -17.84
CA UNK F 83 -0.92 31.13 -17.32
C UNK F 83 -1.27 32.58 -17.65
N UNK F 84 -0.25 33.42 -17.76
CA UNK F 84 -0.45 34.82 -18.12
C UNK F 84 -0.80 34.95 -19.59
N UNK F 85 -0.22 34.08 -20.40
CA UNK F 85 -0.47 34.08 -21.84
C UNK F 85 -1.86 33.55 -22.14
N UNK F 86 -2.26 32.49 -21.43
CA UNK F 86 -3.59 31.92 -21.60
C UNK F 86 -4.65 32.91 -21.15
N UNK F 87 -4.31 33.69 -20.13
CA UNK F 87 -5.21 34.72 -19.62
C UNK F 87 -5.47 35.77 -20.69
N UNK F 88 -4.39 36.34 -21.22
CA UNK F 88 -4.45 37.40 -22.21
C UNK F 88 -5.13 36.95 -23.50
N UNK F 89 -4.82 35.74 -23.94
CA UNK F 89 -5.35 35.23 -25.20
C UNK F 89 -6.85 35.01 -25.11
N UNK F 90 -7.31 34.57 -23.95
CA UNK F 90 -8.73 34.30 -23.74
C UNK F 90 -9.51 35.61 -23.54
N UNK F 91 -8.81 36.62 -23.04
CA UNK F 91 -9.42 37.93 -22.80
C UNK F 91 -9.55 38.67 -24.13
N UNK F 92 -8.61 38.42 -25.03
CA UNK F 92 -8.66 39.00 -26.37
C UNK F 92 -9.82 38.44 -27.15
N UNK F 93 -10.06 37.13 -27.00
CA UNK F 93 -11.19 36.49 -27.65
C UNK F 93 -12.48 36.87 -26.92
N UNK F 94 -12.36 37.10 -25.61
CA UNK F 94 -13.50 37.55 -24.81
C UNK F 94 -13.98 38.90 -25.30
N UNK F 95 -13.05 39.85 -25.42
CA UNK F 95 -13.37 41.21 -25.83
C UNK F 95 -13.94 41.27 -27.25
N UNK F 96 -13.53 40.32 -28.09
CA UNK F 96 -14.00 40.27 -29.46
C UNK F 96 -15.45 39.80 -29.50
N UNK F 97 -15.77 38.82 -28.67
CA UNK F 97 -17.12 38.28 -28.57
C UNK F 97 -18.06 39.31 -27.94
N UNK F 98 -17.55 40.08 -26.99
CA UNK F 98 -18.32 41.15 -26.37
C UNK F 98 -18.76 42.14 -27.42
N UNK F 99 -17.83 42.47 -28.32
CA UNK F 99 -18.13 43.38 -29.42
C UNK F 99 -19.07 42.72 -30.43
N UNK F 100 -18.84 41.45 -30.70
CA UNK F 100 -19.68 40.69 -31.63
C UNK F 100 -21.09 40.55 -31.07
N UNK F 101 -21.18 40.39 -29.75
CA UNK F 101 -22.47 40.29 -29.08
C UNK F 101 -23.25 41.59 -29.17
N UNK F 102 -22.55 42.70 -28.99
CA UNK F 102 -23.17 44.02 -28.98
C UNK F 102 -23.80 44.34 -30.34
N UNK F 103 -23.21 43.77 -31.39
CA UNK F 103 -23.72 43.92 -32.75
C UNK F 103 -25.01 43.14 -32.95
N UNK F 104 -25.03 41.91 -32.45
CA UNK F 104 -26.18 41.04 -32.62
C UNK F 104 -27.34 41.48 -31.72
N UNK F 105 -27.00 41.98 -30.54
CA UNK F 105 -28.03 42.46 -29.61
C UNK F 105 -28.56 43.82 -30.06
N UNK F 106 -27.81 44.48 -30.94
CA UNK F 106 -28.27 45.74 -31.54
C UNK F 106 -29.28 45.43 -32.63
N UNK F 107 -29.01 44.39 -33.42
CA UNK F 107 -29.93 43.92 -34.45
C UNK F 107 -31.17 43.31 -33.80
N UNK F 108 -31.00 42.81 -32.57
CA UNK F 108 -32.09 42.20 -31.81
C UNK F 108 -33.23 43.18 -31.57
N UNK F 109 -32.96 44.19 -30.74
CA UNK F 109 -33.99 45.15 -30.35
C UNK F 109 -34.39 46.04 -31.52
N UNK F 110 -33.59 46.03 -32.57
CA UNK F 110 -33.91 46.76 -33.79
C UNK F 110 -34.99 46.05 -34.59
N UNK F 111 -34.87 44.72 -34.67
CA UNK F 111 -35.81 43.91 -35.44
C UNK F 111 -37.13 43.75 -34.71
N UNK F 112 -37.10 43.93 -33.38
CA UNK F 112 -38.32 43.83 -32.58
C UNK F 112 -39.21 45.04 -32.84
N UNK F 113 -38.57 46.17 -33.11
CA UNK F 113 -39.29 47.38 -33.50
C UNK F 113 -39.93 47.20 -34.87
N UNK F 114 -39.25 46.43 -35.72
CA UNK F 114 -39.76 46.10 -37.04
C UNK F 114 -40.93 45.13 -36.95
N UNK F 115 -40.81 44.18 -36.02
CA UNK F 115 -41.88 43.21 -35.79
C UNK F 115 -43.12 43.94 -35.30
N UNK F 116 -42.92 44.87 -34.35
CA UNK F 116 -44.00 45.71 -33.86
C UNK F 116 -44.61 46.51 -34.99
N UNK F 117 -43.75 46.96 -35.91
CA UNK F 117 -44.19 47.81 -37.02
C UNK F 117 -45.14 47.09 -37.96
N UNK F 118 -44.77 45.87 -38.38
CA UNK F 118 -45.62 45.11 -39.28
C UNK F 118 -46.89 44.65 -38.55
N UNK F 119 -46.72 44.25 -37.29
CA UNK F 119 -47.83 43.74 -36.49
C UNK F 119 -48.91 44.78 -36.30
N UNK F 120 -48.51 46.05 -36.25
CA UNK F 120 -49.46 47.15 -36.13
C UNK F 120 -50.23 47.31 -37.44
N UNK F 121 -49.56 47.03 -38.55
CA UNK F 121 -50.16 47.14 -39.88
C UNK F 121 -51.32 46.15 -40.06
N UNK F 122 -51.08 44.90 -39.73
CA UNK F 122 -52.05 43.84 -39.97
C UNK F 122 -53.27 43.98 -39.05
N UNK F 123 -53.10 44.66 -37.91
CA UNK F 123 -54.18 44.86 -36.96
C UNK F 123 -55.33 45.65 -37.59
N UNK F 124 -54.99 46.75 -38.27
CA UNK F 124 -55.98 47.53 -39.00
C UNK F 124 -56.52 46.72 -40.16
N UNK F 125 -55.65 45.92 -40.75
CA UNK F 125 -55.96 45.18 -41.97
C UNK F 125 -57.00 44.09 -41.76
N UNK F 126 -56.91 43.38 -40.63
CA UNK F 126 -57.92 42.38 -40.29
C UNK F 126 -59.28 43.04 -40.16
N UNK F 127 -59.31 44.14 -39.41
CA UNK F 127 -60.55 44.87 -39.14
C UNK F 127 -61.22 45.34 -40.42
N UNK F 128 -60.43 45.92 -41.33
CA UNK F 128 -60.97 46.43 -42.59
C UNK F 128 -61.58 45.30 -43.43
N UNK F 129 -60.97 44.11 -43.36
CA UNK F 129 -61.54 42.94 -44.03
C UNK F 129 -62.92 42.62 -43.48
N UNK F 130 -62.97 42.41 -42.17
CA UNK F 130 -64.20 42.04 -41.48
C UNK F 130 -65.30 43.06 -41.72
N UNK F 131 -64.94 44.32 -41.69
CA UNK F 131 -65.88 45.41 -41.93
C UNK F 131 -66.49 45.31 -43.33
N UNK F 132 -65.63 45.14 -44.33
CA UNK F 132 -66.07 45.12 -45.71
C UNK F 132 -66.59 43.75 -46.13
N UNK F 133 -66.44 42.76 -45.26
CA UNK F 133 -67.11 41.47 -45.45
C UNK F 133 -68.55 41.62 -45.02
N UNK F 134 -68.74 42.20 -43.84
CA UNK F 134 -70.07 42.44 -43.30
C UNK F 134 -70.89 43.32 -44.22
N UNK F 135 -70.30 44.43 -44.64
CA UNK F 135 -70.96 45.40 -45.50
C UNK F 135 -71.33 44.83 -46.87
N UNK G 1 91.51 -15.78 48.65
CA UNK G 1 90.17 -15.58 49.21
C UNK G 1 89.61 -14.22 48.78
N UNK G 2 90.45 -13.20 48.84
CA UNK G 2 90.06 -11.84 48.51
C UNK G 2 89.86 -11.66 47.00
N UNK G 3 90.65 -12.38 46.21
CA UNK G 3 90.50 -12.37 44.77
C UNK G 3 89.17 -12.99 44.36
N UNK G 4 88.83 -14.10 45.01
CA UNK G 4 87.57 -14.78 44.77
C UNK G 4 86.40 -13.86 45.06
N UNK G 5 86.58 -12.99 46.06
CA UNK G 5 85.59 -12.01 46.43
C UNK G 5 85.50 -10.89 45.39
N UNK G 6 86.65 -10.42 44.93
CA UNK G 6 86.70 -9.35 43.93
C UNK G 6 86.19 -9.83 42.58
N UNK G 7 86.36 -11.12 42.32
CA UNK G 7 85.84 -11.73 41.10
C UNK G 7 84.31 -11.78 41.15
N UNK G 8 83.78 -11.98 42.34
CA UNK G 8 82.34 -12.03 42.54
C UNK G 8 81.74 -10.63 42.40
N UNK G 9 82.47 -9.64 42.91
CA UNK G 9 82.09 -8.24 42.73
C UNK G 9 82.10 -7.88 41.26
N UNK G 10 83.01 -8.50 40.52
CA UNK G 10 83.11 -8.25 39.09
C UNK G 10 81.88 -8.79 38.36
N UNK G 11 81.37 -9.93 38.82
CA UNK G 11 80.24 -10.58 38.18
C UNK G 11 78.95 -9.77 38.32
N UNK G 12 78.78 -9.13 39.48
CA UNK G 12 77.56 -8.39 39.75
C UNK G 12 77.61 -6.97 39.20
N UNK G 13 78.81 -6.46 38.97
CA UNK G 13 78.99 -5.12 38.40
C UNK G 13 78.80 -5.17 36.89
N UNK G 14 79.23 -6.27 36.28
CA UNK G 14 79.07 -6.47 34.84
C UNK G 14 77.62 -6.78 34.51
N UNK G 15 76.95 -7.47 35.43
CA UNK G 15 75.55 -7.82 35.26
C UNK G 15 74.67 -6.58 35.39
N UNK G 16 74.99 -5.74 36.36
CA UNK G 16 74.27 -4.50 36.60
C UNK G 16 74.50 -3.53 35.44
N UNK G 17 75.68 -3.60 34.84
CA UNK G 17 76.01 -2.78 33.68
C UNK G 17 75.21 -3.22 32.46
N UNK G 18 75.02 -4.53 32.31
CA UNK G 18 74.28 -5.09 31.18
C UNK G 18 72.80 -4.73 31.26
N UNK G 19 72.24 -4.81 32.47
CA UNK G 19 70.83 -4.52 32.69
C UNK G 19 70.52 -3.04 32.43
N UNK G 20 71.42 -2.17 32.84
CA UNK G 20 71.27 -0.74 32.63
C UNK G 20 71.39 -0.40 31.14
N UNK G 21 72.31 -1.07 30.47
CA UNK G 21 72.50 -0.89 29.04
C UNK G 21 71.29 -1.42 28.29
N UNK G 22 70.68 -2.48 28.82
CA UNK G 22 69.50 -3.08 28.22
C UNK G 22 68.29 -2.17 28.34
N UNK G 23 68.14 -1.53 29.50
CA UNK G 23 67.03 -0.62 29.74
C UNK G 23 67.14 0.61 28.85
N UNK G 24 68.37 0.94 28.45
CA UNK G 24 68.62 2.07 27.56
C UNK G 24 68.08 1.80 26.17
N UNK G 25 68.32 0.59 25.67
CA UNK G 25 67.90 0.23 24.31
C UNK G 25 66.39 0.19 24.14
N UNK G 26 65.68 -0.28 25.17
CA UNK G 26 64.23 -0.41 25.11
C UNK G 26 63.53 0.94 24.97
N UNK G 27 63.96 1.90 25.76
CA UNK G 27 63.36 3.24 25.72
C UNK G 27 63.80 4.00 24.47
N UNK G 28 65.02 3.73 24.02
CA UNK G 28 65.56 4.34 22.81
C UNK G 28 64.82 3.83 21.59
N UNK G 29 64.53 2.54 21.59
CA UNK G 29 63.79 1.90 20.49
C UNK G 29 62.35 2.41 20.44
N UNK G 30 61.71 2.50 21.59
CA UNK G 30 60.35 2.99 21.68
C UNK G 30 60.26 4.45 21.28
N UNK G 31 61.21 5.25 21.74
CA UNK G 31 61.24 6.68 21.45
C UNK G 31 61.22 6.97 19.95
N UNK G 32 61.91 6.13 19.19
CA UNK G 32 62.06 6.34 17.75
C UNK G 32 60.77 6.13 16.97
N UNK G 33 60.06 5.05 17.28
CA UNK G 33 58.84 4.73 16.55
C UNK G 33 57.70 5.68 16.91
N UNK G 34 57.66 6.12 18.18
CA UNK G 34 56.65 7.09 18.60
C UNK G 34 56.93 8.46 17.96
N UNK G 35 58.20 8.73 17.67
CA UNK G 35 58.57 9.96 16.98
C UNK G 35 57.99 9.95 15.57
N UNK G 36 58.03 8.79 14.93
CA UNK G 36 57.48 8.65 13.60
C UNK G 36 55.96 8.82 13.64
N UNK G 37 55.34 8.36 14.73
CA UNK G 37 53.88 8.43 14.87
C UNK G 37 53.40 9.85 15.13
N UNK G 38 54.18 10.61 15.90
CA UNK G 38 53.82 11.98 16.26
C UNK G 38 53.79 12.87 15.02
N UNK G 39 54.76 12.64 14.13
CA UNK G 39 54.88 13.41 12.89
C UNK G 39 53.76 13.07 11.92
N UNK G 40 53.38 11.79 11.88
CA UNK G 40 52.29 11.34 11.00
C UNK G 40 50.96 11.93 11.43
N UNK G 41 50.74 11.99 12.75
CA UNK G 41 49.51 12.56 13.28
C UNK G 41 49.44 14.05 13.01
N UNK G 42 50.51 14.77 13.34
CA UNK G 42 50.61 16.21 13.11
C UNK G 42 50.33 16.57 11.65
N UNK G 43 50.88 15.79 10.74
CA UNK G 43 50.71 16.02 9.30
C UNK G 43 49.27 15.79 8.88
N UNK G 44 48.66 14.74 9.41
CA UNK G 44 47.29 14.37 9.07
C UNK G 44 46.29 15.40 9.57
N UNK G 45 46.54 15.95 10.75
CA UNK G 45 45.65 16.94 11.36
C UNK G 45 45.52 18.20 10.52
N UNK G 46 46.66 18.72 10.04
CA UNK G 46 46.68 19.94 9.25
C UNK G 46 45.87 19.79 7.97
N UNK G 47 46.00 18.62 7.33
CA UNK G 47 45.25 18.34 6.11
C UNK G 47 43.76 18.27 6.41
N UNK G 48 43.41 17.68 7.55
CA UNK G 48 42.01 17.56 7.95
C UNK G 48 41.40 18.93 8.25
N UNK G 49 42.18 19.81 8.88
CA UNK G 49 41.72 21.17 9.16
C UNK G 49 41.48 21.96 7.89
N UNK G 50 42.32 21.76 6.88
CA UNK G 50 42.18 22.47 5.62
C UNK G 50 40.91 22.02 4.90
N UNK G 51 40.65 20.72 4.91
CA UNK G 51 39.41 20.18 4.38
C UNK G 51 38.23 20.70 5.20
N UNK G 52 38.45 20.85 6.50
CA UNK G 52 37.43 21.27 7.45
C UNK G 52 36.87 22.66 7.14
N UNK G 53 37.77 23.63 6.96
CA UNK G 53 37.36 24.99 6.66
C UNK G 53 36.63 25.09 5.32
N UNK G 54 37.15 24.41 4.31
CA UNK G 54 36.54 24.41 2.98
C UNK G 54 35.14 23.81 3.02
N UNK G 55 35.01 22.67 3.67
CA UNK G 55 33.73 21.99 3.79
C UNK G 55 32.70 22.84 4.54
N UNK G 56 33.16 23.50 5.61
CA UNK G 56 32.29 24.34 6.43
C UNK G 56 31.78 25.56 5.65
N UNK G 57 32.62 26.09 4.76
CA UNK G 57 32.27 27.30 4.03
C UNK G 57 31.39 26.99 2.81
N UNK G 58 31.60 25.83 2.19
CA UNK G 58 30.76 25.38 1.10
C UNK G 58 29.36 25.08 1.66
N UNK G 59 29.32 24.69 2.93
CA UNK G 59 28.07 24.45 3.63
C UNK G 59 27.24 25.73 3.73
N UNK G 60 27.77 26.70 4.44
CA UNK G 60 27.11 27.97 4.69
C UNK G 60 26.76 28.70 3.39
N UNK G 61 27.60 28.56 2.38
CA UNK G 61 27.38 29.23 1.10
C UNK G 61 26.15 28.64 0.39
N UNK G 62 26.00 27.33 0.50
CA UNK G 62 24.90 26.62 -0.16
C UNK G 62 23.57 26.90 0.55
N UNK G 63 23.62 27.07 1.87
CA UNK G 63 22.43 27.40 2.65
C UNK G 63 22.00 28.84 2.38
N UNK G 64 22.97 29.75 2.29
CA UNK G 64 22.69 31.15 1.99
C UNK G 64 22.09 31.28 0.61
N UNK G 65 22.68 30.58 -0.36
CA UNK G 65 22.20 30.60 -1.73
C UNK G 65 20.82 29.96 -1.82
N UNK G 66 20.56 29.02 -0.91
CA UNK G 66 19.28 28.32 -0.87
C UNK G 66 18.11 29.26 -0.59
N UNK G 67 18.28 30.10 0.43
CA UNK G 67 17.20 30.98 0.86
C UNK G 67 16.86 32.04 -0.20
N UNK G 68 17.81 32.36 -1.05
CA UNK G 68 17.56 33.26 -2.17
C UNK G 68 16.52 32.66 -3.09
N UNK G 69 16.78 31.45 -3.55
CA UNK G 69 15.93 30.79 -4.52
C UNK G 69 14.61 30.34 -3.89
N UNK G 70 14.67 29.98 -2.61
CA UNK G 70 13.47 29.57 -1.87
C UNK G 70 12.54 30.77 -1.67
N UNK G 71 13.13 31.95 -1.57
CA UNK G 71 12.37 33.18 -1.41
C UNK G 71 11.71 33.54 -2.73
N UNK G 72 12.46 33.38 -3.82
CA UNK G 72 11.94 33.63 -5.16
C UNK G 72 10.80 32.66 -5.47
N UNK G 73 10.90 31.46 -4.92
CA UNK G 73 9.87 30.43 -5.09
C UNK G 73 8.53 30.92 -4.53
N UNK G 74 8.57 31.57 -3.38
CA UNK G 74 7.34 32.04 -2.73
C UNK G 74 6.61 33.08 -3.57
N UNK G 75 7.35 34.09 -4.03
CA UNK G 75 6.76 35.20 -4.75
C UNK G 75 6.25 34.79 -6.14
N UNK G 76 7.02 33.94 -6.82
CA UNK G 76 6.70 33.54 -8.18
C UNK G 76 5.57 32.49 -8.20
N UNK G 77 5.46 31.70 -7.14
CA UNK G 77 4.31 30.79 -6.97
C UNK G 77 3.05 31.61 -6.81
N UNK G 78 3.12 32.68 -6.03
CA UNK G 78 1.99 33.58 -5.85
C UNK G 78 1.67 34.29 -7.14
N UNK G 79 2.72 34.61 -7.91
CA UNK G 79 2.56 35.19 -9.23
C UNK G 79 1.83 34.23 -10.15
N UNK G 80 2.25 32.97 -10.12
CA UNK G 80 1.61 31.91 -10.89
C UNK G 80 0.14 31.77 -10.55
N UNK G 81 -0.15 31.77 -9.25
CA UNK G 81 -1.52 31.61 -8.75
C UNK G 81 -2.45 32.68 -9.31
N UNK G 82 -2.02 33.94 -9.26
CA UNK G 82 -2.79 35.04 -9.81
C UNK G 82 -2.82 34.97 -11.34
N UNK G 83 -1.73 34.50 -11.91
CA UNK G 83 -1.65 34.29 -13.36
C UNK G 83 -2.69 33.27 -13.80
N UNK G 84 -2.72 32.15 -13.08
CA UNK G 84 -3.64 31.06 -13.35
C UNK G 84 -5.08 31.45 -13.01
N UNK G 85 -5.23 32.29 -11.99
CA UNK G 85 -6.54 32.73 -11.54
C UNK G 85 -7.18 33.69 -12.54
N UNK G 86 -6.41 34.64 -13.03
CA UNK G 86 -6.92 35.60 -14.01
C UNK G 86 -7.04 34.96 -15.38
N UNK G 87 -6.54 33.72 -15.49
CA UNK G 87 -6.63 32.96 -16.72
C UNK G 87 -7.99 32.28 -16.85
N UNK G 88 -8.38 31.58 -15.79
CA UNK G 88 -9.67 30.90 -15.75
C UNK G 88 -10.82 31.90 -15.59
N UNK G 89 -10.55 33.00 -14.89
CA UNK G 89 -11.56 34.04 -14.71
C UNK G 89 -11.89 34.67 -16.06
N UNK G 90 -10.85 34.98 -16.83
CA UNK G 90 -11.03 35.54 -18.16
C UNK G 90 -11.62 34.51 -19.12
N UNK G 91 -11.29 33.24 -18.91
CA UNK G 91 -11.79 32.17 -19.77
C UNK G 91 -13.25 31.87 -19.45
N UNK G 92 -13.59 31.92 -18.16
CA UNK G 92 -14.96 31.70 -17.72
C UNK G 92 -15.86 32.79 -18.26
N UNK G 93 -15.35 34.01 -18.27
CA UNK G 93 -16.07 35.14 -18.82
C UNK G 93 -16.17 35.03 -20.34
N UNK G 94 -15.13 34.49 -20.96
CA UNK G 94 -15.09 34.34 -22.41
C UNK G 94 -16.10 33.30 -22.89
N UNK G 95 -16.22 32.21 -22.16
CA UNK G 95 -17.15 31.14 -22.50
C UNK G 95 -18.59 31.56 -22.25
N UNK G 96 -18.82 32.24 -21.14
CA UNK G 96 -20.15 32.75 -20.80
C UNK G 96 -20.58 33.80 -21.83
N UNK G 97 -19.62 34.59 -22.28
CA UNK G 97 -19.88 35.65 -23.26
C UNK G 97 -20.17 35.04 -24.63
N UNK G 98 -19.41 34.00 -24.98
CA UNK G 98 -19.61 33.28 -26.23
C UNK G 98 -20.97 32.60 -26.23
N UNK G 99 -21.42 32.23 -25.03
CA UNK G 99 -22.73 31.60 -24.89
C UNK G 99 -23.84 32.63 -25.10
N UNK G 100 -23.54 33.87 -24.73
CA UNK G 100 -24.52 34.95 -24.86
C UNK G 100 -24.68 35.33 -26.33
N UNK G 101 -23.62 35.11 -27.12
CA UNK G 101 -23.68 35.30 -28.56
C UNK G 101 -24.81 34.49 -29.17
N UNK G 102 -24.84 33.21 -28.81
CA UNK G 102 -25.78 32.26 -29.38
C UNK G 102 -27.21 32.52 -28.94
N UNK G 103 -27.38 32.88 -27.67
CA UNK G 103 -28.70 33.20 -27.12
C UNK G 103 -29.36 34.36 -27.86
N UNK G 104 -28.54 35.38 -28.13
CA UNK G 104 -29.03 36.61 -28.77
C UNK G 104 -29.26 36.41 -30.26
N UNK G 105 -28.32 35.72 -30.91
CA UNK G 105 -28.48 35.38 -32.31
C UNK G 105 -29.74 34.55 -32.52
N UNK G 106 -30.03 33.69 -31.56
CA UNK G 106 -31.23 32.86 -31.60
C UNK G 106 -32.49 33.68 -31.41
N UNK G 107 -32.43 34.67 -30.52
CA UNK G 107 -33.56 35.57 -30.31
C UNK G 107 -33.71 36.50 -31.51
N UNK G 108 -32.59 36.82 -32.14
CA UNK G 108 -32.59 37.63 -33.36
C UNK G 108 -33.22 36.85 -34.51
N UNK G 109 -32.95 35.55 -34.56
CA UNK G 109 -33.44 34.69 -35.62
C UNK G 109 -34.94 34.49 -35.50
N UNK G 110 -35.40 34.25 -34.27
CA UNK G 110 -36.82 34.13 -34.01
C UNK G 110 -37.55 35.42 -34.34
N UNK G 111 -36.85 36.54 -34.16
CA UNK G 111 -37.42 37.86 -34.42
C UNK G 111 -37.66 38.06 -35.91
N UNK G 112 -36.68 37.67 -36.72
CA UNK G 112 -36.78 37.80 -38.17
C UNK G 112 -37.93 36.95 -38.70
N UNK G 113 -38.23 35.86 -38.01
CA UNK G 113 -39.33 34.99 -38.38
C UNK G 113 -40.66 35.65 -38.08
N UNK G 114 -40.78 36.18 -36.87
CA UNK G 114 -41.98 36.92 -36.45
C UNK G 114 -42.24 38.05 -37.44
N UNK G 115 -41.17 38.78 -37.76
CA UNK G 115 -41.22 39.87 -38.72
C UNK G 115 -41.76 39.41 -40.07
N UNK G 116 -41.20 38.31 -40.58
CA UNK G 116 -41.59 37.77 -41.87
C UNK G 116 -43.06 37.35 -41.87
N UNK G 117 -43.49 36.70 -40.80
CA UNK G 117 -44.87 36.24 -40.67
C UNK G 117 -45.83 37.42 -40.67
N UNK G 118 -45.46 38.46 -39.95
CA UNK G 118 -46.25 39.69 -39.90
C UNK G 118 -46.42 40.32 -41.28
N UNK G 119 -45.33 40.35 -42.04
CA UNK G 119 -45.30 41.03 -43.33
C UNK G 119 -46.10 40.31 -44.42
N UNK G 120 -46.14 38.99 -44.35
CA UNK G 120 -46.90 38.20 -45.32
C UNK G 120 -48.37 38.15 -44.92
N UNK G 121 -48.64 38.32 -43.63
CA UNK G 121 -50.00 38.27 -43.12
C UNK G 121 -50.77 39.51 -43.54
N UNK G 122 -50.09 40.66 -43.51
CA UNK G 122 -50.69 41.93 -43.90
C UNK G 122 -50.96 42.00 -45.41
N UNK G 123 -50.26 41.17 -46.17
CA UNK G 123 -50.47 41.14 -47.62
C UNK G 123 -51.71 40.34 -47.96
N UNK G 124 -51.89 39.19 -47.32
CA UNK G 124 -53.11 38.41 -47.45
C UNK G 124 -54.31 39.27 -47.10
N UNK G 125 -54.11 40.18 -46.15
CA UNK G 125 -55.16 41.10 -45.75
C UNK G 125 -55.42 42.18 -46.78
N UNK G 126 -54.38 42.55 -47.53
CA UNK G 126 -54.46 43.65 -48.49
C UNK G 126 -55.28 43.27 -49.72
N UNK G 127 -55.24 41.99 -50.07
CA UNK G 127 -55.97 41.50 -51.23
C UNK G 127 -57.42 41.19 -50.86
N UNK G 128 -57.63 40.85 -49.59
CA UNK G 128 -58.97 40.51 -49.13
C UNK G 128 -59.78 41.77 -48.87
N UNK G 129 -59.13 42.83 -48.40
CA UNK G 129 -59.80 44.09 -48.11
C UNK G 129 -60.27 44.79 -49.39
N UNK G 130 -59.57 44.54 -50.49
CA UNK G 130 -59.84 45.23 -51.74
C UNK G 130 -61.05 44.66 -52.47
N UNK G 131 -61.12 43.33 -52.54
CA UNK G 131 -62.21 42.67 -53.25
C UNK G 131 -63.53 42.89 -52.52
N UNK G 132 -63.46 43.03 -51.21
CA UNK G 132 -64.64 43.27 -50.39
C UNK G 132 -65.05 44.74 -50.45
N UNK G 133 -64.10 45.61 -50.79
CA UNK G 133 -64.40 47.01 -51.02
C UNK G 133 -65.21 47.16 -52.30
N UNK G 134 -64.67 46.61 -53.39
CA UNK G 134 -65.32 46.71 -54.69
C UNK G 134 -66.68 46.02 -54.68
N UNK G 135 -66.75 44.84 -54.08
CA UNK G 135 -67.99 44.08 -54.00
C UNK G 135 -69.07 44.84 -53.24
PB ADP H . 48.25 -16.12 25.55
O1B ADP H . 49.22 -16.77 26.53
O2B ADP H . 47.49 -14.98 26.23
O3B ADP H . 47.39 -17.01 24.71
PA ADP H . 49.97 -14.04 24.89
O1A ADP H . 50.63 -13.97 26.22
O2A ADP H . 48.94 -13.00 24.54
O3A ADP H . 49.32 -15.45 24.56
O5' ADP H . 51.09 -14.00 23.74
C5' ADP H . 52.37 -14.65 23.94
C4' ADP H . 52.94 -15.11 22.62
O4' ADP H . 53.10 -14.07 21.67
C3' ADP H . 54.28 -15.81 22.75
O3' ADP H . 54.15 -17.22 22.69
C2' ADP H . 55.17 -15.25 21.66
O2' ADP H . 55.42 -16.20 20.63
C1' ADP H . 54.42 -14.03 21.14
N9 ADP H . 55.10 -12.80 21.63
C8 ADP H . 55.42 -12.47 22.90
N7 ADP H . 55.89 -11.22 22.96
C5 ADP H . 56.19 -10.85 21.69
C6 ADP H . 56.80 -9.67 21.06
N6 ADP H . 57.34 -8.69 21.86
N1 ADP H . 56.94 -9.64 19.72
C2 ADP H . 56.33 -10.62 18.96
N3 ADP H . 55.82 -11.77 19.47
C4 ADP H . 55.63 -11.91 20.79
MG MG I . 45.42 -14.50 24.99
PB ADP J . 20.89 -28.21 -6.34
O1B ADP J . 22.28 -28.67 -6.78
O2B ADP J . 19.82 -28.83 -7.25
O3B ADP J . 20.69 -26.77 -6.05
PA ADP J . 20.38 -30.50 -4.84
O1A ADP J . 21.18 -31.41 -5.70
O2A ADP J . 18.89 -30.50 -4.96
O3A ADP J . 20.83 -28.97 -4.94
O5' ADP J . 20.74 -30.76 -3.30
C5' ADP J . 22.09 -31.14 -2.92
C4' ADP J . 22.37 -30.67 -1.50
O4' ADP J . 21.47 -31.17 -0.54
C3' ADP J . 23.77 -31.00 -1.03
O3' ADP J . 24.65 -29.89 -1.12
C2' ADP J . 23.64 -31.54 0.36
O2' ADP J . 24.14 -30.64 1.34
C1' ADP J . 22.15 -31.79 0.55
N9 ADP J . 21.89 -33.25 0.51
C8 ADP J . 22.26 -34.14 -0.45
N7 ADP J . 21.72 -35.34 -0.21
C5 ADP J . 21.27 -35.33 1.07
C6 ADP J . 20.66 -36.32 1.98
N6 ADP J . 20.58 -37.63 1.58
N1 ADP J . 20.33 -35.94 3.22
C2 ADP J . 20.37 -34.60 3.56
N3 ADP J . 20.99 -33.65 2.81
C4 ADP J . 21.36 -33.91 1.54
MG MG K . 17.75 -27.51 -7.08
PB ADP L . 1.61 8.20 8.28
O1B ADP L . 2.70 7.86 9.30
O2B ADP L . 1.06 9.61 8.55
O3B ADP L . 0.56 7.17 8.01
PA ADP L . 3.32 9.60 6.59
O1A ADP L . 4.20 10.11 7.68
O2A ADP L . 2.31 10.54 6.00
O3A ADP L . 2.52 8.28 6.98
O5' ADP L . 4.20 9.03 5.39
C5' ADP L . 5.46 8.36 5.66
C4' ADP L . 5.76 7.35 4.58
O4' ADP L . 5.80 7.89 3.28
C3' ADP L . 7.04 6.59 4.80
O3' ADP L . 6.82 5.30 5.35
C2' ADP L . 7.76 6.54 3.47
O2' ADP L . 7.76 5.25 2.90
C1' ADP L . 7.01 7.55 2.59
N9 ADP L . 7.84 8.78 2.43
C8 ADP L . 8.40 9.53 3.41
N7 ADP L . 8.95 10.63 2.87
C5 ADP L . 9.03 10.42 1.54
C6 ADP L . 9.60 11.18 0.40
N6 ADP L . 10.33 12.32 0.65
N1 ADP L . 9.50 10.65 -0.83
C2 ADP L . 8.71 9.55 -1.04
N3 ADP L . 8.22 8.77 -0.04
C4 ADP L . 8.26 9.18 1.24
MG MG M . -1.16 9.82 7.50
PB ADP N . -31.73 -11.87 -11.65
O1B ADP N . -30.46 -12.64 -12.05
O2B ADP N . -32.99 -12.65 -12.06
O3B ADP N . -31.78 -10.41 -11.96
PA ADP N . -32.10 -13.28 -9.28
O1A ADP N . -31.54 -14.56 -9.80
O2A ADP N . -33.60 -13.14 -9.19
O3A ADP N . -31.58 -12.00 -10.07
O5' ADP N . -31.49 -12.96 -7.84
C5' ADP N . -30.12 -13.32 -7.53
C4' ADP N . -29.56 -12.38 -6.49
O4' ADP N . -30.30 -12.33 -5.29
C3' ADP N . -28.12 -12.67 -6.12
O3' ADP N . -27.21 -11.81 -6.78
C2' ADP N . -28.03 -12.60 -4.62
O2' ADP N . -27.31 -11.45 -4.19
C1' ADP N . -29.48 -12.56 -4.15
N9 ADP N . -29.83 -13.87 -3.55
C8 ADP N . -29.69 -15.10 -4.10
N7 ADP N . -30.26 -16.03 -3.31
C5 ADP N . -30.47 -15.45 -2.10
C6 ADP N . -30.96 -15.91 -0.79
N6 ADP N . -31.19 -17.25 -0.60
N1 ADP N . -31.04 -15.03 0.22
C2 ADP N . -30.86 -13.69 -0.04
N3 ADP N . -30.34 -13.20 -1.18
C4 ADP N . -30.20 -13.99 -2.27
MG MG O . -34.90 -11.11 -12.17
PB ADP P . -45.77 29.53 -10.80
O1B ADP P . -44.54 29.48 -9.90
O2B ADP P . -46.18 30.98 -11.07
O3B ADP P . -46.91 28.62 -10.48
PA ADP P . -44.31 29.91 -13.15
O1A ADP P . -43.22 30.69 -12.50
O2A ADP P . -45.35 30.66 -13.92
O3A ADP P . -45.11 28.96 -12.13
O5' ADP P . -43.70 28.81 -14.11
C5' ADP P . -42.46 28.14 -13.76
C4' ADP P . -42.42 26.74 -14.36
O4' ADP P . -42.57 26.73 -15.77
C3' ADP P . -41.16 25.98 -14.03
O3' ADP P . -41.36 25.05 -12.98
C2' ADP P . -40.70 25.32 -15.32
O2' ADP P . -40.88 23.92 -15.29
C1' ADP P . -41.53 25.99 -16.41
N9 ADP P . -40.67 26.93 -17.18
C8 ADP P . -39.89 27.93 -16.69
N7 ADP P . -39.38 28.65 -17.70
C5 ADP P . -39.55 27.92 -18.83
C6 ADP P . -39.16 28.07 -20.24
N6 ADP P . -38.32 29.11 -20.60
N1 ADP P . -39.51 27.13 -21.12
C2 ADP P . -40.40 26.14 -20.74
N3 ADP P . -40.75 25.89 -19.46
C4 ADP P . -40.45 26.77 -18.47
MG MG Q . -48.54 31.05 -11.79
#